data_5O36
# 
_entry.id   5O36 
# 
_audit_conform.dict_name       mmcif_pdbx.dic 
_audit_conform.dict_version    5.397 
_audit_conform.dict_location   http://mmcif.pdb.org/dictionaries/ascii/mmcif_pdbx.dic 
# 
loop_
_database_2.database_id 
_database_2.database_code 
_database_2.pdbx_database_accession 
_database_2.pdbx_DOI 
PDB   5O36         pdb_00005o36 10.2210/pdb5o36/pdb 
WWPDB D_1200004962 ?            ?                   
# 
loop_
_pdbx_audit_revision_history.ordinal 
_pdbx_audit_revision_history.data_content_type 
_pdbx_audit_revision_history.major_revision 
_pdbx_audit_revision_history.minor_revision 
_pdbx_audit_revision_history.revision_date 
1 'Structure model' 1 0 2018-01-24 
2 'Structure model' 1 1 2018-01-31 
3 'Structure model' 1 2 2018-03-28 
4 'Structure model' 1 3 2024-01-17 
5 'Structure model' 1 4 2024-10-23 
# 
_pdbx_audit_revision_details.ordinal             1 
_pdbx_audit_revision_details.revision_ordinal    1 
_pdbx_audit_revision_details.data_content_type   'Structure model' 
_pdbx_audit_revision_details.provider            repository 
_pdbx_audit_revision_details.type                'Initial release' 
_pdbx_audit_revision_details.description         ? 
_pdbx_audit_revision_details.details             ? 
# 
loop_
_pdbx_audit_revision_group.ordinal 
_pdbx_audit_revision_group.revision_ordinal 
_pdbx_audit_revision_group.data_content_type 
_pdbx_audit_revision_group.group 
1 2 'Structure model' 'Database references'    
2 3 'Structure model' 'Database references'    
3 4 'Structure model' 'Data collection'        
4 4 'Structure model' 'Database references'    
5 4 'Structure model' 'Refinement description' 
6 5 'Structure model' 'Structure summary'      
# 
loop_
_pdbx_audit_revision_category.ordinal 
_pdbx_audit_revision_category.revision_ordinal 
_pdbx_audit_revision_category.data_content_type 
_pdbx_audit_revision_category.category 
1  2 'Structure model' citation                      
2  2 'Structure model' citation_author               
3  3 'Structure model' citation                      
4  4 'Structure model' chem_comp_atom                
5  4 'Structure model' chem_comp_bond                
6  4 'Structure model' database_2                    
7  4 'Structure model' diffrn_radiation_wavelength   
8  4 'Structure model' pdbx_initial_refinement_model 
9  5 'Structure model' pdbx_entry_details            
10 5 'Structure model' pdbx_modification_feature     
# 
loop_
_pdbx_audit_revision_item.ordinal 
_pdbx_audit_revision_item.revision_ordinal 
_pdbx_audit_revision_item.data_content_type 
_pdbx_audit_revision_item.item 
1  2 'Structure model' '_citation.country'                   
2  2 'Structure model' '_citation.journal_abbrev'            
3  2 'Structure model' '_citation.journal_id_ASTM'           
4  2 'Structure model' '_citation.journal_id_CSD'            
5  2 'Structure model' '_citation.journal_id_ISSN'           
6  2 'Structure model' '_citation.pdbx_database_id_DOI'      
7  2 'Structure model' '_citation.pdbx_database_id_PubMed'   
8  2 'Structure model' '_citation.title'                     
9  2 'Structure model' '_citation.year'                      
10 3 'Structure model' '_citation.journal_volume'            
11 3 'Structure model' '_citation.title'                     
12 4 'Structure model' '_database_2.pdbx_DOI'                
13 4 'Structure model' '_database_2.pdbx_database_accession' 
# 
_pdbx_database_status.status_code                     REL 
_pdbx_database_status.status_code_sf                  REL 
_pdbx_database_status.status_code_mr                  ? 
_pdbx_database_status.entry_id                        5O36 
_pdbx_database_status.recvd_initial_deposition_date   2017-05-23 
_pdbx_database_status.SG_entry                        N 
_pdbx_database_status.deposit_site                    PDBE 
_pdbx_database_status.process_site                    PDBE 
_pdbx_database_status.status_code_cs                  ? 
_pdbx_database_status.methods_development_category    ? 
_pdbx_database_status.pdb_format_compatible           Y 
_pdbx_database_status.status_code_nmr_data            ? 
# 
loop_
_audit_author.name 
_audit_author.pdbx_ordinal 
_audit_author.identifier_ORCID 
'Thanalai, P.'   1 ? 
'Wright, G.S.A.' 2 ? 
'Antonyuk, S.V.' 3 ? 
# 
_citation.abstract                  ? 
_citation.abstract_id_CAS           ? 
_citation.book_id_ISBN              ? 
_citation.book_publisher            ? 
_citation.book_publisher_city       ? 
_citation.book_title                ? 
_citation.coordinate_linkage        ? 
_citation.country                   US 
_citation.database_id_Medline       ? 
_citation.details                   ? 
_citation.id                        primary 
_citation.journal_abbrev            'J. Virol.' 
_citation.journal_id_ASTM           JOVIAM 
_citation.journal_id_CSD            0825 
_citation.journal_id_ISSN           1098-5514 
_citation.journal_full              ? 
_citation.journal_issue             ? 
_citation.journal_volume            92 
_citation.language                  ? 
_citation.page_first                ? 
_citation.page_last                 ? 
_citation.title                     
'Structural Study of the C-Terminal Domain of Nonstructural Protein 1 from Japanese Encephalitis Virus.' 
_citation.year                      2018 
_citation.database_id_CSD           ? 
_citation.pdbx_database_id_DOI      10.1128/JVI.01868-17 
_citation.pdbx_database_id_PubMed   29343583 
_citation.unpublished_flag          ? 
# 
loop_
_citation_author.citation_id 
_citation_author.name 
_citation_author.ordinal 
_citation_author.identifier_ORCID 
primary 'Poonsiri, T.'   1 ? 
primary 'Wright, G.S.A.' 2 ? 
primary 'Diamond, M.S.'  3 ? 
primary 'Turtle, L.'     4 ? 
primary 'Solomon, T.'    5 ? 
primary 'Antonyuk, S.V.' 6 ? 
# 
loop_
_entity.id 
_entity.type 
_entity.src_method 
_entity.pdbx_description 
_entity.formula_weight 
_entity.pdbx_number_of_molecules 
_entity.pdbx_ec 
_entity.pdbx_mutation 
_entity.pdbx_fragment 
_entity.details 
1 polymer     man 
;Japanese encephalitis virus non-structural protein 1' (NS1'),Japanese encephalitis virus non-structural protein 1' (NS1')
;
26014.766 1  ? ? ? ? 
2 non-polymer syn 'SULFATE ION' 96.063    12 ? ? ? ? 
3 non-polymer syn N-PROPANOL 60.095    1  ? ? ? ? 
4 water       nat water 18.015    91 ? ? ? ? 
# 
_entity_poly.entity_id                      1 
_entity_poly.type                           'polypeptide(L)' 
_entity_poly.nstd_linkage                   no 
_entity_poly.nstd_monomer                   no 
_entity_poly.pdbx_seq_one_letter_code       
;MREESTDECDGAIIGTAVKGHVAVHSDLSYWIESRYNDTWKLERAVFGEVKSCTWPETHTLWGDDVEESELIIPHTIAGP
KSKHNRREGYKTQNQGPWDENGIVLDFDYCPGTKVTITEDCSKRGPSVRTTTDSGKLITDWCCRSCSLPPLRFRTENGCW
YGMEIRPVMHDETTLVRSQVDAFKGEMVDPFSAGPSGDVSGHPGSPSQEVDGQIDHSCGFGGPTCADAWGYHLH
;
_entity_poly.pdbx_seq_one_letter_code_can   
;MREESTDECDGAIIGTAVKGHVAVHSDLSYWIESRYNDTWKLERAVFGEVKSCTWPETHTLWGDDVEESELIIPHTIAGP
KSKHNRREGYKTQNQGPWDENGIVLDFDYCPGTKVTITEDCSKRGPSVRTTTDSGKLITDWCCRSCSLPPLRFRTENGCW
YGMEIRPVMHDETTLVRSQVDAFKGEMVDPFSAGPSGDVSGHPGSPSQEVDGQIDHSCGFGGPTCADAWGYHLH
;
_entity_poly.pdbx_strand_id                 A 
_entity_poly.pdbx_target_identifier         ? 
# 
loop_
_pdbx_entity_nonpoly.entity_id 
_pdbx_entity_nonpoly.name 
_pdbx_entity_nonpoly.comp_id 
2 'SULFATE ION' SO4 
3 N-PROPANOL    POL 
4 water         HOH 
# 
loop_
_entity_poly_seq.entity_id 
_entity_poly_seq.num 
_entity_poly_seq.mon_id 
_entity_poly_seq.hetero 
1 1   MET n 
1 2   ARG n 
1 3   GLU n 
1 4   GLU n 
1 5   SER n 
1 6   THR n 
1 7   ASP n 
1 8   GLU n 
1 9   CYS n 
1 10  ASP n 
1 11  GLY n 
1 12  ALA n 
1 13  ILE n 
1 14  ILE n 
1 15  GLY n 
1 16  THR n 
1 17  ALA n 
1 18  VAL n 
1 19  LYS n 
1 20  GLY n 
1 21  HIS n 
1 22  VAL n 
1 23  ALA n 
1 24  VAL n 
1 25  HIS n 
1 26  SER n 
1 27  ASP n 
1 28  LEU n 
1 29  SER n 
1 30  TYR n 
1 31  TRP n 
1 32  ILE n 
1 33  GLU n 
1 34  SER n 
1 35  ARG n 
1 36  TYR n 
1 37  ASN n 
1 38  ASP n 
1 39  THR n 
1 40  TRP n 
1 41  LYS n 
1 42  LEU n 
1 43  GLU n 
1 44  ARG n 
1 45  ALA n 
1 46  VAL n 
1 47  PHE n 
1 48  GLY n 
1 49  GLU n 
1 50  VAL n 
1 51  LYS n 
1 52  SER n 
1 53  CYS n 
1 54  THR n 
1 55  TRP n 
1 56  PRO n 
1 57  GLU n 
1 58  THR n 
1 59  HIS n 
1 60  THR n 
1 61  LEU n 
1 62  TRP n 
1 63  GLY n 
1 64  ASP n 
1 65  ASP n 
1 66  VAL n 
1 67  GLU n 
1 68  GLU n 
1 69  SER n 
1 70  GLU n 
1 71  LEU n 
1 72  ILE n 
1 73  ILE n 
1 74  PRO n 
1 75  HIS n 
1 76  THR n 
1 77  ILE n 
1 78  ALA n 
1 79  GLY n 
1 80  PRO n 
1 81  LYS n 
1 82  SER n 
1 83  LYS n 
1 84  HIS n 
1 85  ASN n 
1 86  ARG n 
1 87  ARG n 
1 88  GLU n 
1 89  GLY n 
1 90  TYR n 
1 91  LYS n 
1 92  THR n 
1 93  GLN n 
1 94  ASN n 
1 95  GLN n 
1 96  GLY n 
1 97  PRO n 
1 98  TRP n 
1 99  ASP n 
1 100 GLU n 
1 101 ASN n 
1 102 GLY n 
1 103 ILE n 
1 104 VAL n 
1 105 LEU n 
1 106 ASP n 
1 107 PHE n 
1 108 ASP n 
1 109 TYR n 
1 110 CYS n 
1 111 PRO n 
1 112 GLY n 
1 113 THR n 
1 114 LYS n 
1 115 VAL n 
1 116 THR n 
1 117 ILE n 
1 118 THR n 
1 119 GLU n 
1 120 ASP n 
1 121 CYS n 
1 122 SER n 
1 123 LYS n 
1 124 ARG n 
1 125 GLY n 
1 126 PRO n 
1 127 SER n 
1 128 VAL n 
1 129 ARG n 
1 130 THR n 
1 131 THR n 
1 132 THR n 
1 133 ASP n 
1 134 SER n 
1 135 GLY n 
1 136 LYS n 
1 137 LEU n 
1 138 ILE n 
1 139 THR n 
1 140 ASP n 
1 141 TRP n 
1 142 CYS n 
1 143 CYS n 
1 144 ARG n 
1 145 SER n 
1 146 CYS n 
1 147 SER n 
1 148 LEU n 
1 149 PRO n 
1 150 PRO n 
1 151 LEU n 
1 152 ARG n 
1 153 PHE n 
1 154 ARG n 
1 155 THR n 
1 156 GLU n 
1 157 ASN n 
1 158 GLY n 
1 159 CYS n 
1 160 TRP n 
1 161 TYR n 
1 162 GLY n 
1 163 MET n 
1 164 GLU n 
1 165 ILE n 
1 166 ARG n 
1 167 PRO n 
1 168 VAL n 
1 169 MET n 
1 170 HIS n 
1 171 ASP n 
1 172 GLU n 
1 173 THR n 
1 174 THR n 
1 175 LEU n 
1 176 VAL n 
1 177 ARG n 
1 178 SER n 
1 179 GLN n 
1 180 VAL n 
1 181 ASP n 
1 182 ALA n 
1 183 PHE n 
1 184 LYS n 
1 185 GLY n 
1 186 GLU n 
1 187 MET n 
1 188 VAL n 
1 189 ASP n 
1 190 PRO n 
1 191 PHE n 
1 192 SER n 
1 193 ALA n 
1 194 GLY n 
1 195 PRO n 
1 196 SER n 
1 197 GLY n 
1 198 ASP n 
1 199 VAL n 
1 200 SER n 
1 201 GLY n 
1 202 HIS n 
1 203 PRO n 
1 204 GLY n 
1 205 SER n 
1 206 PRO n 
1 207 SER n 
1 208 GLN n 
1 209 GLU n 
1 210 VAL n 
1 211 ASP n 
1 212 GLY n 
1 213 GLN n 
1 214 ILE n 
1 215 ASP n 
1 216 HIS n 
1 217 SER n 
1 218 CYS n 
1 219 GLY n 
1 220 PHE n 
1 221 GLY n 
1 222 GLY n 
1 223 PRO n 
1 224 THR n 
1 225 CYS n 
1 226 ALA n 
1 227 ASP n 
1 228 ALA n 
1 229 TRP n 
1 230 GLY n 
1 231 TYR n 
1 232 HIS n 
1 233 LEU n 
1 234 HIS n 
# 
loop_
_entity_src_gen.entity_id 
_entity_src_gen.pdbx_src_id 
_entity_src_gen.pdbx_alt_source_flag 
_entity_src_gen.pdbx_seq_type 
_entity_src_gen.pdbx_beg_seq_num 
_entity_src_gen.pdbx_end_seq_num 
_entity_src_gen.gene_src_common_name 
_entity_src_gen.gene_src_genus 
_entity_src_gen.pdbx_gene_src_gene 
_entity_src_gen.gene_src_species 
_entity_src_gen.gene_src_strain 
_entity_src_gen.gene_src_tissue 
_entity_src_gen.gene_src_tissue_fraction 
_entity_src_gen.gene_src_details 
_entity_src_gen.pdbx_gene_src_fragment 
_entity_src_gen.pdbx_gene_src_scientific_name 
_entity_src_gen.pdbx_gene_src_ncbi_taxonomy_id 
_entity_src_gen.pdbx_gene_src_variant 
_entity_src_gen.pdbx_gene_src_cell_line 
_entity_src_gen.pdbx_gene_src_atcc 
_entity_src_gen.pdbx_gene_src_organ 
_entity_src_gen.pdbx_gene_src_organelle 
_entity_src_gen.pdbx_gene_src_cell 
_entity_src_gen.pdbx_gene_src_cellular_location 
_entity_src_gen.host_org_common_name 
_entity_src_gen.pdbx_host_org_scientific_name 
_entity_src_gen.pdbx_host_org_ncbi_taxonomy_id 
_entity_src_gen.host_org_genus 
_entity_src_gen.pdbx_host_org_gene 
_entity_src_gen.pdbx_host_org_organ 
_entity_src_gen.host_org_species 
_entity_src_gen.pdbx_host_org_tissue 
_entity_src_gen.pdbx_host_org_tissue_fraction 
_entity_src_gen.pdbx_host_org_strain 
_entity_src_gen.pdbx_host_org_variant 
_entity_src_gen.pdbx_host_org_cell_line 
_entity_src_gen.pdbx_host_org_atcc 
_entity_src_gen.pdbx_host_org_culture_collection 
_entity_src_gen.pdbx_host_org_cell 
_entity_src_gen.pdbx_host_org_organelle 
_entity_src_gen.pdbx_host_org_cellular_location 
_entity_src_gen.pdbx_host_org_vector_type 
_entity_src_gen.pdbx_host_org_vector 
_entity_src_gen.host_org_details 
_entity_src_gen.expression_system_id 
_entity_src_gen.plasmid_name 
_entity_src_gen.plasmid_details 
_entity_src_gen.pdbx_description 
1 1 sample 'Biological sequence' 1   191 ? ? ? ? ? ? ? ? ? 'Japanese encephalitis virus strain SA-14' 11073 ? ? ? ? ? ? ? ? 
'Escherichia coli BL21(DE3)' 469008 ? ? ? ? ? ? ? ? ? ? ? ? ? ? Plasmid pET303 ? ? ? ? ? 
1 2 sample 'Biological sequence' 192 234 ? ? ? ? ? ? ? ? ? 'Japanese encephalitis virus strain SA-14' 11073 ? ? ? ? ? ? ? ? 
'Escherichia coli BL21(DE3)' 469008 ? ? ? ? ? ? ? ? ? ? ? ? ? ? Plasmid pET303 ? ? ? ? ? 
# 
loop_
_chem_comp.id 
_chem_comp.type 
_chem_comp.mon_nstd_flag 
_chem_comp.name 
_chem_comp.pdbx_synonyms 
_chem_comp.formula 
_chem_comp.formula_weight 
ALA 'L-peptide linking' y ALANINE         ?          'C3 H7 N O2'     89.093  
ARG 'L-peptide linking' y ARGININE        ?          'C6 H15 N4 O2 1' 175.209 
ASN 'L-peptide linking' y ASPARAGINE      ?          'C4 H8 N2 O3'    132.118 
ASP 'L-peptide linking' y 'ASPARTIC ACID' ?          'C4 H7 N O4'     133.103 
CYS 'L-peptide linking' y CYSTEINE        ?          'C3 H7 N O2 S'   121.158 
GLN 'L-peptide linking' y GLUTAMINE       ?          'C5 H10 N2 O3'   146.144 
GLU 'L-peptide linking' y 'GLUTAMIC ACID' ?          'C5 H9 N O4'     147.129 
GLY 'peptide linking'   y GLYCINE         ?          'C2 H5 N O2'     75.067  
HIS 'L-peptide linking' y HISTIDINE       ?          'C6 H10 N3 O2 1' 156.162 
HOH non-polymer         . WATER           ?          'H2 O'           18.015  
ILE 'L-peptide linking' y ISOLEUCINE      ?          'C6 H13 N O2'    131.173 
LEU 'L-peptide linking' y LEUCINE         ?          'C6 H13 N O2'    131.173 
LYS 'L-peptide linking' y LYSINE          ?          'C6 H15 N2 O2 1' 147.195 
MET 'L-peptide linking' y METHIONINE      ?          'C5 H11 N O2 S'  149.211 
PHE 'L-peptide linking' y PHENYLALANINE   ?          'C9 H11 N O2'    165.189 
POL non-polymer         . N-PROPANOL      1-PROPONOL 'C3 H8 O'        60.095  
PRO 'L-peptide linking' y PROLINE         ?          'C5 H9 N O2'     115.130 
SER 'L-peptide linking' y SERINE          ?          'C3 H7 N O3'     105.093 
SO4 non-polymer         . 'SULFATE ION'   ?          'O4 S -2'        96.063  
THR 'L-peptide linking' y THREONINE       ?          'C4 H9 N O3'     119.119 
TRP 'L-peptide linking' y TRYPTOPHAN      ?          'C11 H12 N2 O2'  204.225 
TYR 'L-peptide linking' y TYROSINE        ?          'C9 H11 N O3'    181.189 
VAL 'L-peptide linking' y VALINE          ?          'C5 H11 N O2'    117.146 
# 
loop_
_pdbx_poly_seq_scheme.asym_id 
_pdbx_poly_seq_scheme.entity_id 
_pdbx_poly_seq_scheme.seq_id 
_pdbx_poly_seq_scheme.mon_id 
_pdbx_poly_seq_scheme.ndb_seq_num 
_pdbx_poly_seq_scheme.pdb_seq_num 
_pdbx_poly_seq_scheme.auth_seq_num 
_pdbx_poly_seq_scheme.pdb_mon_id 
_pdbx_poly_seq_scheme.auth_mon_id 
_pdbx_poly_seq_scheme.pdb_strand_id 
_pdbx_poly_seq_scheme.pdb_ins_code 
_pdbx_poly_seq_scheme.hetero 
A 1 1   MET 1   171 ?   ?   ?   A . n 
A 1 2   ARG 2   172 ?   ?   ?   A . n 
A 1 3   GLU 3   173 ?   ?   ?   A . n 
A 1 4   GLU 4   174 ?   ?   ?   A . n 
A 1 5   SER 5   175 ?   ?   ?   A . n 
A 1 6   THR 6   176 ?   ?   ?   A . n 
A 1 7   ASP 7   177 177 ASP ASP A . n 
A 1 8   GLU 8   178 178 GLU GLU A . n 
A 1 9   CYS 9   179 179 CYS CYS A . n 
A 1 10  ASP 10  180 180 ASP ASP A . n 
A 1 11  GLY 11  181 181 GLY GLY A . n 
A 1 12  ALA 12  182 182 ALA ALA A . n 
A 1 13  ILE 13  183 183 ILE ILE A . n 
A 1 14  ILE 14  184 184 ILE ILE A . n 
A 1 15  GLY 15  185 185 GLY GLY A . n 
A 1 16  THR 16  186 186 THR THR A . n 
A 1 17  ALA 17  187 187 ALA ALA A . n 
A 1 18  VAL 18  188 188 VAL VAL A . n 
A 1 19  LYS 19  189 189 LYS LYS A . n 
A 1 20  GLY 20  190 190 GLY GLY A . n 
A 1 21  HIS 21  191 191 HIS HIS A . n 
A 1 22  VAL 22  192 192 VAL VAL A . n 
A 1 23  ALA 23  193 193 ALA ALA A . n 
A 1 24  VAL 24  194 194 VAL VAL A . n 
A 1 25  HIS 25  195 195 HIS HIS A . n 
A 1 26  SER 26  196 196 SER SER A . n 
A 1 27  ASP 27  197 197 ASP ASP A . n 
A 1 28  LEU 28  198 198 LEU LEU A . n 
A 1 29  SER 29  199 199 SER SER A . n 
A 1 30  TYR 30  200 200 TYR TYR A . n 
A 1 31  TRP 31  201 201 TRP TRP A . n 
A 1 32  ILE 32  202 202 ILE ILE A . n 
A 1 33  GLU 33  203 203 GLU GLU A . n 
A 1 34  SER 34  204 204 SER SER A . n 
A 1 35  ARG 35  205 205 ARG ARG A . n 
A 1 36  TYR 36  206 206 TYR TYR A . n 
A 1 37  ASN 37  207 207 ASN ASN A . n 
A 1 38  ASP 38  208 208 ASP ASP A . n 
A 1 39  THR 39  209 209 THR THR A . n 
A 1 40  TRP 40  210 210 TRP TRP A . n 
A 1 41  LYS 41  211 211 LYS LYS A . n 
A 1 42  LEU 42  212 212 LEU LEU A . n 
A 1 43  GLU 43  213 213 GLU GLU A . n 
A 1 44  ARG 44  214 214 ARG ARG A . n 
A 1 45  ALA 45  215 215 ALA ALA A . n 
A 1 46  VAL 46  216 216 VAL VAL A . n 
A 1 47  PHE 47  217 217 PHE PHE A . n 
A 1 48  GLY 48  218 218 GLY GLY A . n 
A 1 49  GLU 49  219 219 GLU GLU A . n 
A 1 50  VAL 50  220 220 VAL VAL A . n 
A 1 51  LYS 51  221 221 LYS LYS A . n 
A 1 52  SER 52  222 222 SER SER A . n 
A 1 53  CYS 53  223 223 CYS CYS A . n 
A 1 54  THR 54  224 224 THR THR A . n 
A 1 55  TRP 55  225 225 TRP TRP A . n 
A 1 56  PRO 56  226 226 PRO PRO A . n 
A 1 57  GLU 57  227 227 GLU GLU A . n 
A 1 58  THR 58  228 228 THR THR A . n 
A 1 59  HIS 59  229 229 HIS HIS A . n 
A 1 60  THR 60  230 230 THR THR A . n 
A 1 61  LEU 61  231 231 LEU LEU A . n 
A 1 62  TRP 62  232 232 TRP TRP A . n 
A 1 63  GLY 63  233 233 GLY GLY A . n 
A 1 64  ASP 64  234 234 ASP ASP A . n 
A 1 65  ASP 65  235 235 ASP ASP A . n 
A 1 66  VAL 66  236 236 VAL VAL A . n 
A 1 67  GLU 67  237 237 GLU GLU A . n 
A 1 68  GLU 68  238 238 GLU GLU A . n 
A 1 69  SER 69  239 239 SER SER A . n 
A 1 70  GLU 70  240 240 GLU GLU A . n 
A 1 71  LEU 71  241 241 LEU LEU A . n 
A 1 72  ILE 72  242 242 ILE ILE A . n 
A 1 73  ILE 73  243 243 ILE ILE A . n 
A 1 74  PRO 74  244 244 PRO PRO A . n 
A 1 75  HIS 75  245 245 HIS HIS A . n 
A 1 76  THR 76  246 246 THR THR A . n 
A 1 77  ILE 77  247 247 ILE ILE A . n 
A 1 78  ALA 78  248 248 ALA ALA A . n 
A 1 79  GLY 79  249 249 GLY GLY A . n 
A 1 80  PRO 80  250 250 PRO PRO A . n 
A 1 81  LYS 81  251 251 LYS LYS A . n 
A 1 82  SER 82  252 252 SER SER A . n 
A 1 83  LYS 83  253 253 LYS LYS A . n 
A 1 84  HIS 84  254 254 HIS HIS A . n 
A 1 85  ASN 85  255 255 ASN ASN A . n 
A 1 86  ARG 86  256 256 ARG ARG A . n 
A 1 87  ARG 87  257 257 ARG ARG A . n 
A 1 88  GLU 88  258 258 GLU GLU A . n 
A 1 89  GLY 89  259 259 GLY GLY A . n 
A 1 90  TYR 90  260 260 TYR TYR A . n 
A 1 91  LYS 91  261 261 LYS LYS A . n 
A 1 92  THR 92  262 262 THR THR A . n 
A 1 93  GLN 93  263 263 GLN GLN A . n 
A 1 94  ASN 94  264 264 ASN ASN A . n 
A 1 95  GLN 95  265 265 GLN GLN A . n 
A 1 96  GLY 96  266 266 GLY GLY A . n 
A 1 97  PRO 97  267 267 PRO PRO A . n 
A 1 98  TRP 98  268 268 TRP TRP A . n 
A 1 99  ASP 99  269 269 ASP ASP A . n 
A 1 100 GLU 100 270 270 GLU GLU A . n 
A 1 101 ASN 101 271 271 ASN ASN A . n 
A 1 102 GLY 102 272 272 GLY GLY A . n 
A 1 103 ILE 103 273 273 ILE ILE A . n 
A 1 104 VAL 104 274 274 VAL VAL A . n 
A 1 105 LEU 105 275 275 LEU LEU A . n 
A 1 106 ASP 106 276 276 ASP ASP A . n 
A 1 107 PHE 107 277 277 PHE PHE A . n 
A 1 108 ASP 108 278 278 ASP ASP A . n 
A 1 109 TYR 109 279 279 TYR TYR A . n 
A 1 110 CYS 110 280 280 CYS CYS A . n 
A 1 111 PRO 111 281 281 PRO PRO A . n 
A 1 112 GLY 112 282 282 GLY GLY A . n 
A 1 113 THR 113 283 283 THR THR A . n 
A 1 114 LYS 114 284 284 LYS LYS A . n 
A 1 115 VAL 115 285 285 VAL VAL A . n 
A 1 116 THR 116 286 286 THR THR A . n 
A 1 117 ILE 117 287 287 ILE ILE A . n 
A 1 118 THR 118 288 288 THR THR A . n 
A 1 119 GLU 119 289 289 GLU GLU A . n 
A 1 120 ASP 120 290 290 ASP ASP A . n 
A 1 121 CYS 121 291 291 CYS CYS A . n 
A 1 122 SER 122 292 292 SER SER A . n 
A 1 123 LYS 123 293 293 LYS LYS A . n 
A 1 124 ARG 124 294 294 ARG ARG A . n 
A 1 125 GLY 125 295 295 GLY GLY A . n 
A 1 126 PRO 126 296 296 PRO PRO A . n 
A 1 127 SER 127 297 297 SER SER A . n 
A 1 128 VAL 128 298 298 VAL VAL A . n 
A 1 129 ARG 129 299 299 ARG ARG A . n 
A 1 130 THR 130 300 300 THR THR A . n 
A 1 131 THR 131 301 301 THR THR A . n 
A 1 132 THR 132 302 302 THR THR A . n 
A 1 133 ASP 133 303 303 ASP ASP A . n 
A 1 134 SER 134 304 304 SER SER A . n 
A 1 135 GLY 135 305 305 GLY GLY A . n 
A 1 136 LYS 136 306 306 LYS LYS A . n 
A 1 137 LEU 137 307 307 LEU LEU A . n 
A 1 138 ILE 138 308 308 ILE ILE A . n 
A 1 139 THR 139 309 309 THR THR A . n 
A 1 140 ASP 140 310 310 ASP ASP A . n 
A 1 141 TRP 141 311 311 TRP TRP A . n 
A 1 142 CYS 142 312 312 CYS CYS A . n 
A 1 143 CYS 143 313 313 CYS CYS A . n 
A 1 144 ARG 144 314 314 ARG ARG A . n 
A 1 145 SER 145 315 315 SER SER A . n 
A 1 146 CYS 146 316 316 CYS CYS A . n 
A 1 147 SER 147 317 317 SER SER A . n 
A 1 148 LEU 148 318 318 LEU LEU A . n 
A 1 149 PRO 149 319 319 PRO PRO A . n 
A 1 150 PRO 150 320 320 PRO PRO A . n 
A 1 151 LEU 151 321 321 LEU LEU A . n 
A 1 152 ARG 152 322 322 ARG ARG A . n 
A 1 153 PHE 153 323 323 PHE PHE A . n 
A 1 154 ARG 154 324 324 ARG ARG A . n 
A 1 155 THR 155 325 325 THR THR A . n 
A 1 156 GLU 156 326 326 GLU GLU A . n 
A 1 157 ASN 157 327 327 ASN ASN A . n 
A 1 158 GLY 158 328 328 GLY GLY A . n 
A 1 159 CYS 159 329 329 CYS CYS A . n 
A 1 160 TRP 160 330 330 TRP TRP A . n 
A 1 161 TYR 161 331 331 TYR TYR A . n 
A 1 162 GLY 162 332 332 GLY GLY A . n 
A 1 163 MET 163 333 333 MET MET A . n 
A 1 164 GLU 164 334 334 GLU GLU A . n 
A 1 165 ILE 165 335 335 ILE ILE A . n 
A 1 166 ARG 166 336 336 ARG ARG A . n 
A 1 167 PRO 167 337 337 PRO PRO A . n 
A 1 168 VAL 168 338 338 VAL VAL A . n 
A 1 169 MET 169 339 339 MET MET A . n 
A 1 170 HIS 170 340 340 HIS HIS A . n 
A 1 171 ASP 171 341 341 ASP ASP A . n 
A 1 172 GLU 172 342 342 GLU GLU A . n 
A 1 173 THR 173 343 343 THR THR A . n 
A 1 174 THR 174 344 344 THR THR A . n 
A 1 175 LEU 175 345 345 LEU LEU A . n 
A 1 176 VAL 176 346 346 VAL VAL A . n 
A 1 177 ARG 177 347 347 ARG ARG A . n 
A 1 178 SER 178 348 348 SER SER A . n 
A 1 179 GLN 179 349 349 GLN GLN A . n 
A 1 180 VAL 180 350 350 VAL VAL A . n 
A 1 181 ASP 181 351 351 ASP ASP A . n 
A 1 182 ALA 182 352 352 ALA ALA A . n 
A 1 183 PHE 183 353 353 PHE PHE A . n 
A 1 184 LYS 184 354 354 LYS LYS A . n 
A 1 185 GLY 185 355 ?   ?   ?   A . n 
A 1 186 GLU 186 356 ?   ?   ?   A . n 
A 1 187 MET 187 357 ?   ?   ?   A . n 
A 1 188 VAL 188 358 ?   ?   ?   A . n 
A 1 189 ASP 189 359 ?   ?   ?   A . n 
A 1 190 PRO 190 360 ?   ?   ?   A . n 
A 1 191 PHE 191 361 ?   ?   ?   A . n 
A 1 192 SER 192 362 ?   ?   ?   A . n 
A 1 193 ALA 193 363 ?   ?   ?   A . n 
A 1 194 GLY 194 364 ?   ?   ?   A . n 
A 1 195 PRO 195 365 ?   ?   ?   A . n 
A 1 196 SER 196 366 ?   ?   ?   A . n 
A 1 197 GLY 197 367 ?   ?   ?   A . n 
A 1 198 ASP 198 368 ?   ?   ?   A . n 
A 1 199 VAL 199 369 ?   ?   ?   A . n 
A 1 200 SER 200 370 ?   ?   ?   A . n 
A 1 201 GLY 201 371 ?   ?   ?   A . n 
A 1 202 HIS 202 372 ?   ?   ?   A . n 
A 1 203 PRO 203 373 ?   ?   ?   A . n 
A 1 204 GLY 204 374 ?   ?   ?   A . n 
A 1 205 SER 205 375 ?   ?   ?   A . n 
A 1 206 PRO 206 376 ?   ?   ?   A . n 
A 1 207 SER 207 377 ?   ?   ?   A . n 
A 1 208 GLN 208 378 ?   ?   ?   A . n 
A 1 209 GLU 209 379 ?   ?   ?   A . n 
A 1 210 VAL 210 380 ?   ?   ?   A . n 
A 1 211 ASP 211 381 ?   ?   ?   A . n 
A 1 212 GLY 212 382 ?   ?   ?   A . n 
A 1 213 GLN 213 383 ?   ?   ?   A . n 
A 1 214 ILE 214 384 ?   ?   ?   A . n 
A 1 215 ASP 215 385 ?   ?   ?   A . n 
A 1 216 HIS 216 386 ?   ?   ?   A . n 
A 1 217 SER 217 387 ?   ?   ?   A . n 
A 1 218 CYS 218 388 ?   ?   ?   A . n 
A 1 219 GLY 219 389 ?   ?   ?   A . n 
A 1 220 PHE 220 390 ?   ?   ?   A . n 
A 1 221 GLY 221 391 ?   ?   ?   A . n 
A 1 222 GLY 222 392 ?   ?   ?   A . n 
A 1 223 PRO 223 393 ?   ?   ?   A . n 
A 1 224 THR 224 394 ?   ?   ?   A . n 
A 1 225 CYS 225 395 ?   ?   ?   A . n 
A 1 226 ALA 226 396 ?   ?   ?   A . n 
A 1 227 ASP 227 397 ?   ?   ?   A . n 
A 1 228 ALA 228 398 ?   ?   ?   A . n 
A 1 229 TRP 229 399 ?   ?   ?   A . n 
A 1 230 GLY 230 400 ?   ?   ?   A . n 
A 1 231 TYR 231 401 ?   ?   ?   A . n 
A 1 232 HIS 232 402 ?   ?   ?   A . n 
A 1 233 LEU 233 403 ?   ?   ?   A . n 
A 1 234 HIS 234 404 ?   ?   ?   A . n 
# 
loop_
_pdbx_nonpoly_scheme.asym_id 
_pdbx_nonpoly_scheme.entity_id 
_pdbx_nonpoly_scheme.mon_id 
_pdbx_nonpoly_scheme.ndb_seq_num 
_pdbx_nonpoly_scheme.pdb_seq_num 
_pdbx_nonpoly_scheme.auth_seq_num 
_pdbx_nonpoly_scheme.pdb_mon_id 
_pdbx_nonpoly_scheme.auth_mon_id 
_pdbx_nonpoly_scheme.pdb_strand_id 
_pdbx_nonpoly_scheme.pdb_ins_code 
B 2 SO4 1  501 1  SO4 SO4 A . 
C 2 SO4 1  502 2  SO4 SO4 A . 
D 2 SO4 1  503 3  SO4 SO4 A . 
E 2 SO4 1  504 4  SO4 SO4 A . 
F 2 SO4 1  505 5  SO4 SO4 A . 
G 2 SO4 1  506 6  SO4 SO4 A . 
H 2 SO4 1  507 7  SO4 SO4 A . 
I 2 SO4 1  508 9  SO4 SO4 A . 
J 2 SO4 1  509 12 SO4 SO4 A . 
K 2 SO4 1  510 13 SO4 SO4 A . 
L 2 SO4 1  511 14 SO4 SO4 A . 
M 2 SO4 1  512 15 SO4 SO4 A . 
N 3 POL 1  513 1  POL POL A . 
O 4 HOH 1  601 73 HOH HOH A . 
O 4 HOH 2  602 2  HOH HOH A . 
O 4 HOH 3  603 14 HOH HOH A . 
O 4 HOH 4  604 15 HOH HOH A . 
O 4 HOH 5  605 22 HOH HOH A . 
O 4 HOH 6  606 32 HOH HOH A . 
O 4 HOH 7  607 39 HOH HOH A . 
O 4 HOH 8  608 84 HOH HOH A . 
O 4 HOH 9  609 57 HOH HOH A . 
O 4 HOH 10 610 46 HOH HOH A . 
O 4 HOH 11 611 26 HOH HOH A . 
O 4 HOH 12 612 24 HOH HOH A . 
O 4 HOH 13 613 49 HOH HOH A . 
O 4 HOH 14 614 4  HOH HOH A . 
O 4 HOH 15 615 56 HOH HOH A . 
O 4 HOH 16 616 21 HOH HOH A . 
O 4 HOH 17 617 36 HOH HOH A . 
O 4 HOH 18 618 53 HOH HOH A . 
O 4 HOH 19 619 27 HOH HOH A . 
O 4 HOH 20 620 10 HOH HOH A . 
O 4 HOH 21 621 76 HOH HOH A . 
O 4 HOH 22 622 81 HOH HOH A . 
O 4 HOH 23 623 58 HOH HOH A . 
O 4 HOH 24 624 12 HOH HOH A . 
O 4 HOH 25 625 86 HOH HOH A . 
O 4 HOH 26 626 37 HOH HOH A . 
O 4 HOH 27 627 13 HOH HOH A . 
O 4 HOH 28 628 62 HOH HOH A . 
O 4 HOH 29 629 1  HOH HOH A . 
O 4 HOH 30 630 35 HOH HOH A . 
O 4 HOH 31 631 3  HOH HOH A . 
O 4 HOH 32 632 28 HOH HOH A . 
O 4 HOH 33 633 17 HOH HOH A . 
O 4 HOH 34 634 23 HOH HOH A . 
O 4 HOH 35 635 88 HOH HOH A . 
O 4 HOH 36 636 54 HOH HOH A . 
O 4 HOH 37 637 75 HOH HOH A . 
O 4 HOH 38 638 63 HOH HOH A . 
O 4 HOH 39 639 16 HOH HOH A . 
O 4 HOH 40 640 51 HOH HOH A . 
O 4 HOH 41 641 9  HOH HOH A . 
O 4 HOH 42 642 8  HOH HOH A . 
O 4 HOH 43 643 77 HOH HOH A . 
O 4 HOH 44 644 89 HOH HOH A . 
O 4 HOH 45 645 90 HOH HOH A . 
O 4 HOH 46 646 64 HOH HOH A . 
O 4 HOH 47 647 19 HOH HOH A . 
O 4 HOH 48 648 42 HOH HOH A . 
O 4 HOH 49 649 55 HOH HOH A . 
O 4 HOH 50 650 70 HOH HOH A . 
O 4 HOH 51 651 79 HOH HOH A . 
O 4 HOH 52 652 47 HOH HOH A . 
O 4 HOH 53 653 87 HOH HOH A . 
O 4 HOH 54 654 44 HOH HOH A . 
O 4 HOH 55 655 72 HOH HOH A . 
O 4 HOH 56 656 20 HOH HOH A . 
O 4 HOH 57 657 25 HOH HOH A . 
O 4 HOH 58 658 5  HOH HOH A . 
O 4 HOH 59 659 11 HOH HOH A . 
O 4 HOH 60 660 7  HOH HOH A . 
O 4 HOH 61 661 80 HOH HOH A . 
O 4 HOH 62 662 41 HOH HOH A . 
O 4 HOH 63 663 34 HOH HOH A . 
O 4 HOH 64 664 43 HOH HOH A . 
O 4 HOH 65 665 33 HOH HOH A . 
O 4 HOH 66 666 66 HOH HOH A . 
O 4 HOH 67 667 85 HOH HOH A . 
O 4 HOH 68 668 6  HOH HOH A . 
O 4 HOH 69 669 29 HOH HOH A . 
O 4 HOH 70 670 82 HOH HOH A . 
O 4 HOH 71 671 71 HOH HOH A . 
O 4 HOH 72 672 60 HOH HOH A . 
O 4 HOH 73 673 69 HOH HOH A . 
O 4 HOH 74 674 65 HOH HOH A . 
O 4 HOH 75 675 59 HOH HOH A . 
O 4 HOH 76 676 83 HOH HOH A . 
O 4 HOH 77 677 67 HOH HOH A . 
O 4 HOH 78 678 68 HOH HOH A . 
O 4 HOH 79 679 52 HOH HOH A . 
O 4 HOH 80 680 45 HOH HOH A . 
O 4 HOH 81 681 40 HOH HOH A . 
O 4 HOH 82 682 61 HOH HOH A . 
O 4 HOH 83 683 38 HOH HOH A . 
O 4 HOH 84 684 91 HOH HOH A . 
O 4 HOH 85 685 78 HOH HOH A . 
O 4 HOH 86 686 18 HOH HOH A . 
O 4 HOH 87 687 48 HOH HOH A . 
O 4 HOH 88 688 74 HOH HOH A . 
O 4 HOH 89 689 30 HOH HOH A . 
O 4 HOH 90 690 31 HOH HOH A . 
O 4 HOH 91 691 50 HOH HOH A . 
# 
loop_
_software.citation_id 
_software.classification 
_software.compiler_name 
_software.compiler_version 
_software.contact_author 
_software.contact_author_email 
_software.date 
_software.description 
_software.dependencies 
_software.hardware 
_software.language 
_software.location 
_software.mods 
_software.name 
_software.os 
_software.os_version 
_software.type 
_software.version 
_software.pdbx_ordinal 
? refinement       ? ? ? ? ? ? ? ? ? ? ? REFMAC  ? ? ? 5.8.0135 1 
? 'data reduction' ? ? ? ? ? ? ? ? ? ? ? iMOSFLM ? ? ? .        2 
? 'data scaling'   ? ? ? ? ? ? ? ? ? ? ? Aimless ? ? ? .        3 
? phasing          ? ? ? ? ? ? ? ? ? ? ? MOLREP  ? ? ? .        4 
# 
_cell.angle_alpha                  90.00 
_cell.angle_alpha_esd              ? 
_cell.angle_beta                   90.00 
_cell.angle_beta_esd               ? 
_cell.angle_gamma                  90.00 
_cell.angle_gamma_esd              ? 
_cell.entry_id                     5O36 
_cell.details                      ? 
_cell.formula_units_Z              ? 
_cell.length_a                     50.320 
_cell.length_a_esd                 ? 
_cell.length_b                     77.940 
_cell.length_b_esd                 ? 
_cell.length_c                     163.490 
_cell.length_c_esd                 ? 
_cell.volume                       ? 
_cell.volume_esd                   ? 
_cell.Z_PDB                        8 
_cell.reciprocal_angle_alpha       ? 
_cell.reciprocal_angle_beta        ? 
_cell.reciprocal_angle_gamma       ? 
_cell.reciprocal_angle_alpha_esd   ? 
_cell.reciprocal_angle_beta_esd    ? 
_cell.reciprocal_angle_gamma_esd   ? 
_cell.reciprocal_length_a          ? 
_cell.reciprocal_length_b          ? 
_cell.reciprocal_length_c          ? 
_cell.reciprocal_length_a_esd      ? 
_cell.reciprocal_length_b_esd      ? 
_cell.reciprocal_length_c_esd      ? 
_cell.pdbx_unique_axis             ? 
# 
_symmetry.entry_id                         5O36 
_symmetry.cell_setting                     ? 
_symmetry.Int_Tables_number                24 
_symmetry.space_group_name_Hall            ? 
_symmetry.space_group_name_H-M             'I 21 21 21' 
_symmetry.pdbx_full_space_group_name_H-M   ? 
# 
_exptl.absorpt_coefficient_mu     ? 
_exptl.absorpt_correction_T_max   ? 
_exptl.absorpt_correction_T_min   ? 
_exptl.absorpt_correction_type    ? 
_exptl.absorpt_process_details    ? 
_exptl.entry_id                   5O36 
_exptl.crystals_number            1 
_exptl.details                    ? 
_exptl.method                     'X-RAY DIFFRACTION' 
_exptl.method_details             ? 
# 
_exptl_crystal.colour                      ? 
_exptl_crystal.density_diffrn              ? 
_exptl_crystal.density_Matthews            3.38 
_exptl_crystal.density_method              ? 
_exptl_crystal.density_percent_sol         63.65 
_exptl_crystal.description                 needle 
_exptl_crystal.F_000                       ? 
_exptl_crystal.id                          1 
_exptl_crystal.preparation                 ? 
_exptl_crystal.size_max                    ? 
_exptl_crystal.size_mid                    ? 
_exptl_crystal.size_min                    ? 
_exptl_crystal.size_rad                    ? 
_exptl_crystal.colour_lustre               ? 
_exptl_crystal.colour_modifier             ? 
_exptl_crystal.colour_primary              ? 
_exptl_crystal.density_meas                ? 
_exptl_crystal.density_meas_esd            ? 
_exptl_crystal.density_meas_gt             ? 
_exptl_crystal.density_meas_lt             ? 
_exptl_crystal.density_meas_temp           ? 
_exptl_crystal.density_meas_temp_esd       ? 
_exptl_crystal.density_meas_temp_gt        ? 
_exptl_crystal.density_meas_temp_lt        ? 
_exptl_crystal.pdbx_crystal_image_url      ? 
_exptl_crystal.pdbx_crystal_image_format   ? 
_exptl_crystal.pdbx_mosaicity              ? 
_exptl_crystal.pdbx_mosaicity_esd          ? 
# 
_exptl_crystal_grow.apparatus       ? 
_exptl_crystal_grow.atmosphere      ? 
_exptl_crystal_grow.crystal_id      1 
_exptl_crystal_grow.details         ? 
_exptl_crystal_grow.method          'VAPOR DIFFUSION, HANGING DROP' 
_exptl_crystal_grow.method_ref      ? 
_exptl_crystal_grow.pH              ? 
_exptl_crystal_grow.pressure        ? 
_exptl_crystal_grow.pressure_esd    ? 
_exptl_crystal_grow.seeding         ? 
_exptl_crystal_grow.seeding_ref     ? 
_exptl_crystal_grow.temp            298 
_exptl_crystal_grow.temp_details    ? 
_exptl_crystal_grow.temp_esd        ? 
_exptl_crystal_grow.time            ? 
_exptl_crystal_grow.pdbx_details    '1.0 M Ammonium sulfate, 5% (v/v) propanol' 
_exptl_crystal_grow.pdbx_pH_range   ? 
# 
_diffrn.ambient_environment    ? 
_diffrn.ambient_temp           100 
_diffrn.ambient_temp_details   ? 
_diffrn.ambient_temp_esd       ? 
_diffrn.crystal_id             1 
_diffrn.crystal_support        ? 
_diffrn.crystal_treatment      ? 
_diffrn.details                ? 
_diffrn.id                     1 
_diffrn.ambient_pressure       ? 
_diffrn.ambient_pressure_esd   ? 
_diffrn.ambient_pressure_gt    ? 
_diffrn.ambient_pressure_lt    ? 
_diffrn.ambient_temp_gt        ? 
_diffrn.ambient_temp_lt        ? 
# 
_diffrn_detector.details                      ? 
_diffrn_detector.detector                     PIXEL 
_diffrn_detector.diffrn_id                    1 
_diffrn_detector.type                         'DECTRIS PILATUS3 S 6M' 
_diffrn_detector.area_resol_mean              ? 
_diffrn_detector.dtime                        ? 
_diffrn_detector.pdbx_frames_total            ? 
_diffrn_detector.pdbx_collection_time_total   ? 
_diffrn_detector.pdbx_collection_date         2016-05-05 
# 
_diffrn_radiation.collimation                      ? 
_diffrn_radiation.diffrn_id                        1 
_diffrn_radiation.filter_edge                      ? 
_diffrn_radiation.inhomogeneity                    ? 
_diffrn_radiation.monochromator                    ? 
_diffrn_radiation.polarisn_norm                    ? 
_diffrn_radiation.polarisn_ratio                   ? 
_diffrn_radiation.probe                            ? 
_diffrn_radiation.type                             ? 
_diffrn_radiation.xray_symbol                      ? 
_diffrn_radiation.wavelength_id                    1 
_diffrn_radiation.pdbx_monochromatic_or_laue_m_l   M 
_diffrn_radiation.pdbx_wavelength_list             ? 
_diffrn_radiation.pdbx_wavelength                  ? 
_diffrn_radiation.pdbx_diffrn_protocol             'SINGLE WAVELENGTH' 
_diffrn_radiation.pdbx_analyzer                    ? 
_diffrn_radiation.pdbx_scattering_type             x-ray 
# 
_diffrn_radiation_wavelength.id           1 
_diffrn_radiation_wavelength.wavelength   0.9795 
_diffrn_radiation_wavelength.wt           1.0 
# 
_diffrn_source.current                     ? 
_diffrn_source.details                     ? 
_diffrn_source.diffrn_id                   1 
_diffrn_source.power                       ? 
_diffrn_source.size                        ? 
_diffrn_source.source                      SYNCHROTRON 
_diffrn_source.target                      ? 
_diffrn_source.type                        'DIAMOND BEAMLINE I02' 
_diffrn_source.voltage                     ? 
_diffrn_source.take-off_angle              ? 
_diffrn_source.pdbx_wavelength_list        0.9795 
_diffrn_source.pdbx_wavelength             ? 
_diffrn_source.pdbx_synchrotron_beamline   I02 
_diffrn_source.pdbx_synchrotron_site       Diamond 
# 
_reflns.B_iso_Wilson_estimate            38.6 
_reflns.entry_id                         5O36 
_reflns.data_reduction_details           ? 
_reflns.data_reduction_method            ? 
_reflns.d_resolution_high                2.6 
_reflns.d_resolution_low                 81.75 
_reflns.details                          ? 
_reflns.limit_h_max                      ? 
_reflns.limit_h_min                      ? 
_reflns.limit_k_max                      ? 
_reflns.limit_k_min                      ? 
_reflns.limit_l_max                      ? 
_reflns.limit_l_min                      ? 
_reflns.number_all                       ? 
_reflns.number_obs                       10247 
_reflns.observed_criterion               ? 
_reflns.observed_criterion_F_max         ? 
_reflns.observed_criterion_F_min         ? 
_reflns.observed_criterion_I_max         ? 
_reflns.observed_criterion_I_min         ? 
_reflns.observed_criterion_sigma_F       ? 
_reflns.observed_criterion_sigma_I       ? 
_reflns.percent_possible_obs             99.9 
_reflns.R_free_details                   ? 
_reflns.Rmerge_F_all                     ? 
_reflns.Rmerge_F_obs                     ? 
_reflns.Friedel_coverage                 ? 
_reflns.number_gt                        ? 
_reflns.threshold_expression             ? 
_reflns.pdbx_redundancy                  5.3 
_reflns.pdbx_Rmerge_I_obs                0.2 
_reflns.pdbx_Rmerge_I_all                ? 
_reflns.pdbx_Rsym_value                  ? 
_reflns.pdbx_netI_over_av_sigmaI         ? 
_reflns.pdbx_netI_over_sigmaI            7.1 
_reflns.pdbx_res_netI_over_av_sigmaI_2   ? 
_reflns.pdbx_res_netI_over_sigmaI_2      ? 
_reflns.pdbx_chi_squared                 ? 
_reflns.pdbx_scaling_rejects             ? 
_reflns.pdbx_d_res_high_opt              ? 
_reflns.pdbx_d_res_low_opt               ? 
_reflns.pdbx_d_res_opt_method            ? 
_reflns.phase_calculation_details        ? 
_reflns.pdbx_Rrim_I_all                  ? 
_reflns.pdbx_Rpim_I_all                  0.141 
_reflns.pdbx_d_opt                       ? 
_reflns.pdbx_number_measured_all         ? 
_reflns.pdbx_diffrn_id                   1 
_reflns.pdbx_ordinal                     1 
_reflns.pdbx_CC_half                     0.983 
_reflns.pdbx_R_split                     ? 
# 
_reflns_shell.d_res_high                  2.6 
_reflns_shell.d_res_low                   2.72 
_reflns_shell.meanI_over_sigI_all         ? 
_reflns_shell.meanI_over_sigI_obs         2.1 
_reflns_shell.number_measured_all         ? 
_reflns_shell.number_measured_obs         ? 
_reflns_shell.number_possible             ? 
_reflns_shell.number_unique_all           ? 
_reflns_shell.number_unique_obs           1203 
_reflns_shell.percent_possible_all        99.9 
_reflns_shell.percent_possible_obs        ? 
_reflns_shell.Rmerge_F_all                ? 
_reflns_shell.Rmerge_F_obs                ? 
_reflns_shell.Rmerge_I_all                ? 
_reflns_shell.Rmerge_I_obs                1.413 
_reflns_shell.meanI_over_sigI_gt          ? 
_reflns_shell.meanI_over_uI_all           ? 
_reflns_shell.meanI_over_uI_gt            ? 
_reflns_shell.number_measured_gt          ? 
_reflns_shell.number_unique_gt            ? 
_reflns_shell.percent_possible_gt         ? 
_reflns_shell.Rmerge_F_gt                 ? 
_reflns_shell.Rmerge_I_gt                 ? 
_reflns_shell.pdbx_redundancy             5.2 
_reflns_shell.pdbx_Rsym_value             ? 
_reflns_shell.pdbx_chi_squared            ? 
_reflns_shell.pdbx_netI_over_sigmaI_all   ? 
_reflns_shell.pdbx_netI_over_sigmaI_obs   ? 
_reflns_shell.pdbx_Rrim_I_all             ? 
_reflns_shell.pdbx_Rpim_I_all             1.03 
_reflns_shell.pdbx_rejects                ? 
_reflns_shell.pdbx_ordinal                1 
_reflns_shell.pdbx_diffrn_id              1 
_reflns_shell.pdbx_CC_half                0.462 
_reflns_shell.pdbx_R_split                ? 
# 
_refine.aniso_B[1][1]                            -0.21 
_refine.aniso_B[1][2]                            -0.00 
_refine.aniso_B[1][3]                            -0.00 
_refine.aniso_B[2][2]                            2.61 
_refine.aniso_B[2][3]                            0.00 
_refine.aniso_B[3][3]                            -2.40 
_refine.B_iso_max                                ? 
_refine.B_iso_mean                               39.397 
_refine.B_iso_min                                ? 
_refine.correlation_coeff_Fo_to_Fc               0.954 
_refine.correlation_coeff_Fo_to_Fc_free          0.921 
_refine.details                                  'HYDROGENS HAVE BEEN ADDED IN THE RIDING POSITIONS' 
_refine.diff_density_max                         ? 
_refine.diff_density_max_esd                     ? 
_refine.diff_density_min                         ? 
_refine.diff_density_min_esd                     ? 
_refine.diff_density_rms                         ? 
_refine.diff_density_rms_esd                     ? 
_refine.entry_id                                 5O36 
_refine.pdbx_refine_id                           'X-RAY DIFFRACTION' 
_refine.ls_abs_structure_details                 ? 
_refine.ls_abs_structure_Flack                   ? 
_refine.ls_abs_structure_Flack_esd               ? 
_refine.ls_abs_structure_Rogers                  ? 
_refine.ls_abs_structure_Rogers_esd              ? 
_refine.ls_d_res_high                            2.60 
_refine.ls_d_res_low                             81.75 
_refine.ls_extinction_coef                       ? 
_refine.ls_extinction_coef_esd                   ? 
_refine.ls_extinction_expression                 ? 
_refine.ls_extinction_method                     ? 
_refine.ls_goodness_of_fit_all                   ? 
_refine.ls_goodness_of_fit_all_esd               ? 
_refine.ls_goodness_of_fit_obs                   ? 
_refine.ls_goodness_of_fit_obs_esd               ? 
_refine.ls_hydrogen_treatment                    ? 
_refine.ls_matrix_type                           ? 
_refine.ls_number_constraints                    ? 
_refine.ls_number_parameters                     ? 
_refine.ls_number_reflns_all                     ? 
_refine.ls_number_reflns_obs                     9719 
_refine.ls_number_reflns_R_free                  527 
_refine.ls_number_reflns_R_work                  ? 
_refine.ls_number_restraints                     ? 
_refine.ls_percent_reflns_obs                    99.74 
_refine.ls_percent_reflns_R_free                 5.1 
_refine.ls_R_factor_all                          ? 
_refine.ls_R_factor_obs                          0.16994 
_refine.ls_R_factor_R_free                       0.22431 
_refine.ls_R_factor_R_free_error                 ? 
_refine.ls_R_factor_R_free_error_details         ? 
_refine.ls_R_factor_R_work                       0.16707 
_refine.ls_R_Fsqd_factor_obs                     ? 
_refine.ls_R_I_factor_obs                        ? 
_refine.ls_redundancy_reflns_all                 ? 
_refine.ls_redundancy_reflns_obs                 ? 
_refine.ls_restrained_S_all                      ? 
_refine.ls_restrained_S_obs                      ? 
_refine.ls_shift_over_esd_max                    ? 
_refine.ls_shift_over_esd_mean                   ? 
_refine.ls_structure_factor_coef                 ? 
_refine.ls_weighting_details                     ? 
_refine.ls_weighting_scheme                      ? 
_refine.ls_wR_factor_all                         ? 
_refine.ls_wR_factor_obs                         ? 
_refine.ls_wR_factor_R_free                      ? 
_refine.ls_wR_factor_R_work                      ? 
_refine.occupancy_max                            ? 
_refine.occupancy_min                            ? 
_refine.solvent_model_details                    MASK 
_refine.solvent_model_param_bsol                 ? 
_refine.solvent_model_param_ksol                 ? 
_refine.ls_R_factor_gt                           ? 
_refine.ls_goodness_of_fit_gt                    ? 
_refine.ls_goodness_of_fit_ref                   ? 
_refine.ls_shift_over_su_max                     ? 
_refine.ls_shift_over_su_max_lt                  ? 
_refine.ls_shift_over_su_mean                    ? 
_refine.ls_shift_over_su_mean_lt                 ? 
_refine.pdbx_ls_sigma_I                          ? 
_refine.pdbx_ls_sigma_F                          ? 
_refine.pdbx_ls_sigma_Fsqd                       ? 
_refine.pdbx_data_cutoff_high_absF               ? 
_refine.pdbx_data_cutoff_high_rms_absF           ? 
_refine.pdbx_data_cutoff_low_absF                ? 
_refine.pdbx_isotropic_thermal_model             ? 
_refine.pdbx_ls_cross_valid_method               THROUGHOUT 
_refine.pdbx_method_to_determine_struct          'MOLECULAR REPLACEMENT' 
_refine.pdbx_starting_model                      4oie 
_refine.pdbx_stereochemistry_target_values       'MAXIMUM LIKELIHOOD' 
_refine.pdbx_R_Free_selection_details            RANDOM 
_refine.pdbx_stereochem_target_val_spec_case     ? 
_refine.pdbx_overall_ESU_R                       0.300 
_refine.pdbx_overall_ESU_R_Free                  0.239 
_refine.pdbx_solvent_vdw_probe_radii             1.20 
_refine.pdbx_solvent_ion_probe_radii             0.80 
_refine.pdbx_solvent_shrinkage_radii             0.80 
_refine.pdbx_real_space_R                        ? 
_refine.pdbx_density_correlation                 ? 
_refine.pdbx_pd_number_of_powder_patterns        ? 
_refine.pdbx_pd_number_of_points                 ? 
_refine.pdbx_pd_meas_number_of_points            ? 
_refine.pdbx_pd_proc_ls_prof_R_factor            ? 
_refine.pdbx_pd_proc_ls_prof_wR_factor           ? 
_refine.pdbx_pd_Marquardt_correlation_coeff      ? 
_refine.pdbx_pd_Fsqrd_R_factor                   ? 
_refine.pdbx_pd_ls_matrix_band_width             ? 
_refine.pdbx_overall_phase_error                 ? 
_refine.pdbx_overall_SU_R_free_Cruickshank_DPI   ? 
_refine.pdbx_overall_SU_R_free_Blow_DPI          ? 
_refine.pdbx_overall_SU_R_Blow_DPI               ? 
_refine.pdbx_TLS_residual_ADP_flag               ? 
_refine.pdbx_diffrn_id                           1 
_refine.overall_SU_B                             7.101 
_refine.overall_SU_ML                            0.152 
_refine.overall_SU_R_Cruickshank_DPI             ? 
_refine.overall_SU_R_free                        ? 
_refine.overall_FOM_free_R_set                   ? 
_refine.overall_FOM_work_R_set                   ? 
_refine.pdbx_average_fsc_overall                 ? 
_refine.pdbx_average_fsc_work                    ? 
_refine.pdbx_average_fsc_free                    ? 
# 
_refine_hist.pdbx_refine_id                   'X-RAY DIFFRACTION' 
_refine_hist.cycle_id                         1 
_refine_hist.pdbx_number_atoms_protein        1418 
_refine_hist.pdbx_number_atoms_nucleic_acid   0 
_refine_hist.pdbx_number_atoms_ligand         64 
_refine_hist.number_atoms_solvent             91 
_refine_hist.number_atoms_total               1573 
_refine_hist.d_res_high                       2.60 
_refine_hist.d_res_low                        81.75 
# 
loop_
_refine_ls_restr.pdbx_refine_id 
_refine_ls_restr.criterion 
_refine_ls_restr.dev_ideal 
_refine_ls_restr.dev_ideal_target 
_refine_ls_restr.number 
_refine_ls_restr.rejects 
_refine_ls_restr.type 
_refine_ls_restr.weight 
_refine_ls_restr.pdbx_restraint_function 
'X-RAY DIFFRACTION' ? 0.016  0.019  1510 ? r_bond_refined_d             ? ? 
'X-RAY DIFFRACTION' ? 0.002  0.020  1322 ? r_bond_other_d               ? ? 
'X-RAY DIFFRACTION' ? 1.741  1.966  2059 ? r_angle_refined_deg          ? ? 
'X-RAY DIFFRACTION' ? 1.022  3.000  3060 ? r_angle_other_deg            ? ? 
'X-RAY DIFFRACTION' ? 7.465  5.000  177  ? r_dihedral_angle_1_deg       ? ? 
'X-RAY DIFFRACTION' ? 34.198 23.623 69   ? r_dihedral_angle_2_deg       ? ? 
'X-RAY DIFFRACTION' ? 15.841 15.000 241  ? r_dihedral_angle_3_deg       ? ? 
'X-RAY DIFFRACTION' ? 13.384 15.000 11   ? r_dihedral_angle_4_deg       ? ? 
'X-RAY DIFFRACTION' ? 0.103  0.200  224  ? r_chiral_restr               ? ? 
'X-RAY DIFFRACTION' ? 0.007  0.021  1633 ? r_gen_planes_refined         ? ? 
'X-RAY DIFFRACTION' ? 0.002  0.020  334  ? r_gen_planes_other           ? ? 
'X-RAY DIFFRACTION' ? ?      ?      ?    ? r_nbd_refined                ? ? 
'X-RAY DIFFRACTION' ? ?      ?      ?    ? r_nbd_other                  ? ? 
'X-RAY DIFFRACTION' ? ?      ?      ?    ? r_nbtor_refined              ? ? 
'X-RAY DIFFRACTION' ? ?      ?      ?    ? r_nbtor_other                ? ? 
'X-RAY DIFFRACTION' ? ?      ?      ?    ? r_xyhbond_nbd_refined        ? ? 
'X-RAY DIFFRACTION' ? ?      ?      ?    ? r_xyhbond_nbd_other          ? ? 
'X-RAY DIFFRACTION' ? ?      ?      ?    ? r_metal_ion_refined          ? ? 
'X-RAY DIFFRACTION' ? ?      ?      ?    ? r_metal_ion_other            ? ? 
'X-RAY DIFFRACTION' ? ?      ?      ?    ? r_symmetry_vdw_refined       ? ? 
'X-RAY DIFFRACTION' ? ?      ?      ?    ? r_symmetry_vdw_other         ? ? 
'X-RAY DIFFRACTION' ? ?      ?      ?    ? r_symmetry_hbond_refined     ? ? 
'X-RAY DIFFRACTION' ? ?      ?      ?    ? r_symmetry_hbond_other       ? ? 
'X-RAY DIFFRACTION' ? ?      ?      ?    ? r_symmetry_metal_ion_refined ? ? 
'X-RAY DIFFRACTION' ? ?      ?      ?    ? r_symmetry_metal_ion_other   ? ? 
'X-RAY DIFFRACTION' ? 3.104  3.579  711  ? r_mcbond_it                  ? ? 
'X-RAY DIFFRACTION' ? 3.081  3.575  710  ? r_mcbond_other               ? ? 
'X-RAY DIFFRACTION' ? 4.849  5.354  887  ? r_mcangle_it                 ? ? 
'X-RAY DIFFRACTION' ? 4.846  5.359  888  ? r_mcangle_other              ? ? 
'X-RAY DIFFRACTION' ? 4.753  4.290  797  ? r_scbond_it                  ? ? 
'X-RAY DIFFRACTION' ? 4.753  4.290  797  ? r_scbond_other               ? ? 
'X-RAY DIFFRACTION' ? ?      ?      ?    ? r_scangle_it                 ? ? 
'X-RAY DIFFRACTION' ? 7.164  6.245  1173 ? r_scangle_other              ? ? 
'X-RAY DIFFRACTION' ? 9.300  28.910 1641 ? r_long_range_B_refined       ? ? 
'X-RAY DIFFRACTION' ? 9.297  28.930 1642 ? r_long_range_B_other         ? ? 
'X-RAY DIFFRACTION' ? ?      ?      ?    ? r_rigid_bond_restr           ? ? 
'X-RAY DIFFRACTION' ? ?      ?      ?    ? r_sphericity_free            ? ? 
'X-RAY DIFFRACTION' ? ?      ?      ?    ? r_sphericity_bonded          ? ? 
# 
_refine_ls_shell.pdbx_refine_id                   'X-RAY DIFFRACTION' 
_refine_ls_shell.d_res_high                       2.600 
_refine_ls_shell.d_res_low                        2.668 
_refine_ls_shell.number_reflns_all                ? 
_refine_ls_shell.number_reflns_obs                ? 
_refine_ls_shell.number_reflns_R_free             45 
_refine_ls_shell.number_reflns_R_work             684 
_refine_ls_shell.percent_reflns_obs               99.73 
_refine_ls_shell.percent_reflns_R_free            ? 
_refine_ls_shell.R_factor_all                     ? 
_refine_ls_shell.R_factor_obs                     ? 
_refine_ls_shell.R_factor_R_free                  0.293 
_refine_ls_shell.R_factor_R_free_error            ? 
_refine_ls_shell.R_factor_R_work                  0.247 
_refine_ls_shell.redundancy_reflns_all            ? 
_refine_ls_shell.redundancy_reflns_obs            ? 
_refine_ls_shell.wR_factor_all                    ? 
_refine_ls_shell.wR_factor_obs                    ? 
_refine_ls_shell.wR_factor_R_free                 ? 
_refine_ls_shell.wR_factor_R_work                 ? 
_refine_ls_shell.pdbx_total_number_of_bins_used   20 
_refine_ls_shell.pdbx_phase_error                 ? 
_refine_ls_shell.pdbx_fsc_work                    ? 
_refine_ls_shell.pdbx_fsc_free                    ? 
# 
_struct.entry_id                     5O36 
_struct.title                        
;Japanese encephalitis virus non-structural protein 1' C-terminal domain
;
_struct.pdbx_model_details           ? 
_struct.pdbx_formula_weight          ? 
_struct.pdbx_formula_weight_method   ? 
_struct.pdbx_model_type_details      ? 
_struct.pdbx_CASP_flag               N 
# 
_struct_keywords.entry_id        5O36 
_struct_keywords.text            
;Flavivirus protein, NS1', Japanese encephalitis, viral protein
;
_struct_keywords.pdbx_keywords   'VIRAL PROTEIN' 
# 
loop_
_struct_asym.id 
_struct_asym.pdbx_blank_PDB_chainid_flag 
_struct_asym.pdbx_modified 
_struct_asym.entity_id 
_struct_asym.details 
A N N 1 ? 
B N N 2 ? 
C N N 2 ? 
D N N 2 ? 
E N N 2 ? 
F N N 2 ? 
G N N 2 ? 
H N N 2 ? 
I N N 2 ? 
J N N 2 ? 
K N N 2 ? 
L N N 2 ? 
M N N 2 ? 
N N N 3 ? 
O N N 4 ? 
# 
loop_
_struct_ref.id 
_struct_ref.db_name 
_struct_ref.db_code 
_struct_ref.pdbx_db_accession 
_struct_ref.pdbx_db_isoform 
_struct_ref.entity_id 
_struct_ref.pdbx_seq_one_letter_code 
_struct_ref.pdbx_align_begin 
1 UNP POLG_JAEV1 P27395 ? 1 
;REESTDECDGAIIGTAVKGHVAVHSDLSYWIESRYNDTWKLERAVFGEVKSCTWPETHTLWGDDVEESELIIPHTIAGPK
SKHNRREGYKTQNQGPWDENGIVLDFDYCPGTKVTITEDCSKRGPSVRTTTDSGKLITDWCCRSCSLPPLRFRTENGCWY
GMEIRPVMHDETTLVRSQVDAFKGEMVDPF
;
966 
2 PDB 5O36       5O36   ? 1 ? 192 
# 
loop_
_struct_ref_seq.align_id 
_struct_ref_seq.ref_id 
_struct_ref_seq.pdbx_PDB_id_code 
_struct_ref_seq.pdbx_strand_id 
_struct_ref_seq.seq_align_beg 
_struct_ref_seq.pdbx_seq_align_beg_ins_code 
_struct_ref_seq.seq_align_end 
_struct_ref_seq.pdbx_seq_align_end_ins_code 
_struct_ref_seq.pdbx_db_accession 
_struct_ref_seq.db_align_beg 
_struct_ref_seq.pdbx_db_align_beg_ins_code 
_struct_ref_seq.db_align_end 
_struct_ref_seq.pdbx_db_align_end_ins_code 
_struct_ref_seq.pdbx_auth_seq_align_beg 
_struct_ref_seq.pdbx_auth_seq_align_end 
1 1 5O36 A 2   ? 191 ? P27395 966 ? 1155 ? 172 361 
2 2 5O36 A 192 ? 234 ? 5O36   362 ? 404  ? 362 404 
# 
_struct_ref_seq_dif.align_id                     1 
_struct_ref_seq_dif.pdbx_pdb_id_code             5O36 
_struct_ref_seq_dif.mon_id                       MET 
_struct_ref_seq_dif.pdbx_pdb_strand_id           A 
_struct_ref_seq_dif.seq_num                      1 
_struct_ref_seq_dif.pdbx_pdb_ins_code            ? 
_struct_ref_seq_dif.pdbx_seq_db_name             UNP 
_struct_ref_seq_dif.pdbx_seq_db_accession_code   P27395 
_struct_ref_seq_dif.db_mon_id                    ? 
_struct_ref_seq_dif.pdbx_seq_db_seq_num          ? 
_struct_ref_seq_dif.details                      'initiating methionine' 
_struct_ref_seq_dif.pdbx_auth_seq_num            171 
_struct_ref_seq_dif.pdbx_ordinal                 1 
# 
_pdbx_struct_assembly.id                   1 
_pdbx_struct_assembly.details              author_and_software_defined_assembly 
_pdbx_struct_assembly.method_details       PISA 
_pdbx_struct_assembly.oligomeric_details   dimeric 
_pdbx_struct_assembly.oligomeric_count     2 
# 
loop_
_pdbx_struct_assembly_prop.biol_id 
_pdbx_struct_assembly_prop.type 
_pdbx_struct_assembly_prop.value 
_pdbx_struct_assembly_prop.details 
1 'ABSA (A^2)' 6240  ? 
1 MORE         -298  ? 
1 'SSA (A^2)'  16410 ? 
# 
_pdbx_struct_assembly_gen.assembly_id       1 
_pdbx_struct_assembly_gen.oper_expression   1,2 
_pdbx_struct_assembly_gen.asym_id_list      A,B,C,D,E,F,G,H,I,J,K,L,M,N,O 
# 
_pdbx_struct_assembly_auth_evidence.id                     1 
_pdbx_struct_assembly_auth_evidence.assembly_id            1 
_pdbx_struct_assembly_auth_evidence.experimental_support   'gel filtration' 
_pdbx_struct_assembly_auth_evidence.details                ? 
# 
loop_
_pdbx_struct_oper_list.id 
_pdbx_struct_oper_list.type 
_pdbx_struct_oper_list.name 
_pdbx_struct_oper_list.symmetry_operation 
_pdbx_struct_oper_list.matrix[1][1] 
_pdbx_struct_oper_list.matrix[1][2] 
_pdbx_struct_oper_list.matrix[1][3] 
_pdbx_struct_oper_list.vector[1] 
_pdbx_struct_oper_list.matrix[2][1] 
_pdbx_struct_oper_list.matrix[2][2] 
_pdbx_struct_oper_list.matrix[2][3] 
_pdbx_struct_oper_list.vector[2] 
_pdbx_struct_oper_list.matrix[3][1] 
_pdbx_struct_oper_list.matrix[3][2] 
_pdbx_struct_oper_list.matrix[3][3] 
_pdbx_struct_oper_list.vector[3] 
1 'identity operation'         1_555 x,y,z         1.0000000000  0.0000000000  0.0000000000  0.0000000000   0.0000000000  1.0000000000  0.0000000000 0.0000000000   0.0000000000  0.0000000000 1.0000000000  0.0000000000  
2 'crystal symmetry operation' 6_655 -x+1,-y+1/2,z -0.3195441248 -0.5687057539 -0.7579349034 -18.9477120486 -0.5687057539 -0.5246918334 0.6334605319 -16.0908334504 -0.7579349034 0.6334605319 -0.1557640418 -4.9372741648 
# 
loop_
_struct_conf.conf_type_id 
_struct_conf.id 
_struct_conf.pdbx_PDB_helix_id 
_struct_conf.beg_label_comp_id 
_struct_conf.beg_label_asym_id 
_struct_conf.beg_label_seq_id 
_struct_conf.pdbx_beg_PDB_ins_code 
_struct_conf.end_label_comp_id 
_struct_conf.end_label_asym_id 
_struct_conf.end_label_seq_id 
_struct_conf.pdbx_end_PDB_ins_code 
_struct_conf.beg_auth_comp_id 
_struct_conf.beg_auth_asym_id 
_struct_conf.beg_auth_seq_id 
_struct_conf.end_auth_comp_id 
_struct_conf.end_auth_asym_id 
_struct_conf.end_auth_seq_id 
_struct_conf.pdbx_PDB_helix_class 
_struct_conf.details 
_struct_conf.pdbx_PDB_helix_length 
HELX_P HELX_P1 AA1 PRO A 56 ? THR A 60 ? PRO A 226 THR A 230 5 ? 5 
HELX_P HELX_P2 AA2 GLU A 67 ? LEU A 71 ? GLU A 237 LEU A 241 5 ? 5 
HELX_P HELX_P3 AA3 PRO A 74 ? ALA A 78 ? PRO A 244 ALA A 248 5 ? 5 
# 
_struct_conf_type.id          HELX_P 
_struct_conf_type.criteria    ? 
_struct_conf_type.reference   ? 
# 
loop_
_struct_conn.id 
_struct_conn.conn_type_id 
_struct_conn.pdbx_leaving_atom_flag 
_struct_conn.pdbx_PDB_id 
_struct_conn.ptnr1_label_asym_id 
_struct_conn.ptnr1_label_comp_id 
_struct_conn.ptnr1_label_seq_id 
_struct_conn.ptnr1_label_atom_id 
_struct_conn.pdbx_ptnr1_label_alt_id 
_struct_conn.pdbx_ptnr1_PDB_ins_code 
_struct_conn.pdbx_ptnr1_standard_comp_id 
_struct_conn.ptnr1_symmetry 
_struct_conn.ptnr2_label_asym_id 
_struct_conn.ptnr2_label_comp_id 
_struct_conn.ptnr2_label_seq_id 
_struct_conn.ptnr2_label_atom_id 
_struct_conn.pdbx_ptnr2_label_alt_id 
_struct_conn.pdbx_ptnr2_PDB_ins_code 
_struct_conn.ptnr1_auth_asym_id 
_struct_conn.ptnr1_auth_comp_id 
_struct_conn.ptnr1_auth_seq_id 
_struct_conn.ptnr2_auth_asym_id 
_struct_conn.ptnr2_auth_comp_id 
_struct_conn.ptnr2_auth_seq_id 
_struct_conn.ptnr2_symmetry 
_struct_conn.pdbx_ptnr3_label_atom_id 
_struct_conn.pdbx_ptnr3_label_seq_id 
_struct_conn.pdbx_ptnr3_label_comp_id 
_struct_conn.pdbx_ptnr3_label_asym_id 
_struct_conn.pdbx_ptnr3_label_alt_id 
_struct_conn.pdbx_ptnr3_PDB_ins_code 
_struct_conn.details 
_struct_conn.pdbx_dist_value 
_struct_conn.pdbx_value_order 
_struct_conn.pdbx_role 
disulf1 disulf ? ? A CYS 9   SG ? ? ? 1_555 A CYS 53  SG ? ? A CYS 179 A CYS 223 1_555 ? ? ? ? ? ? ? 2.109 ? ? 
disulf2 disulf ? ? A CYS 110 SG ? ? ? 1_555 A CYS 159 SG ? ? A CYS 280 A CYS 329 1_555 ? ? ? ? ? ? ? 2.175 ? ? 
disulf3 disulf ? ? A CYS 121 SG ? ? ? 1_555 A CYS 142 SG ? ? A CYS 291 A CYS 312 1_555 ? ? ? ? ? ? ? 2.113 ? ? 
disulf4 disulf ? ? A CYS 143 SG ? ? ? 1_555 A CYS 146 SG ? ? A CYS 313 A CYS 316 1_555 ? ? ? ? ? ? ? 2.151 ? ? 
# 
_struct_conn_type.id          disulf 
_struct_conn_type.criteria    ? 
_struct_conn_type.reference   ? 
# 
loop_
_pdbx_modification_feature.ordinal 
_pdbx_modification_feature.label_comp_id 
_pdbx_modification_feature.label_asym_id 
_pdbx_modification_feature.label_seq_id 
_pdbx_modification_feature.label_alt_id 
_pdbx_modification_feature.modified_residue_label_comp_id 
_pdbx_modification_feature.modified_residue_label_asym_id 
_pdbx_modification_feature.modified_residue_label_seq_id 
_pdbx_modification_feature.modified_residue_label_alt_id 
_pdbx_modification_feature.auth_comp_id 
_pdbx_modification_feature.auth_asym_id 
_pdbx_modification_feature.auth_seq_id 
_pdbx_modification_feature.PDB_ins_code 
_pdbx_modification_feature.symmetry 
_pdbx_modification_feature.modified_residue_auth_comp_id 
_pdbx_modification_feature.modified_residue_auth_asym_id 
_pdbx_modification_feature.modified_residue_auth_seq_id 
_pdbx_modification_feature.modified_residue_PDB_ins_code 
_pdbx_modification_feature.modified_residue_symmetry 
_pdbx_modification_feature.comp_id_linking_atom 
_pdbx_modification_feature.modified_residue_id_linking_atom 
_pdbx_modification_feature.modified_residue_id 
_pdbx_modification_feature.ref_pcm_id 
_pdbx_modification_feature.ref_comp_id 
_pdbx_modification_feature.type 
_pdbx_modification_feature.category 
1 CYS A 9   ? CYS A 53  ? CYS A 179 ? 1_555 CYS A 223 ? 1_555 SG SG . . . None 'Disulfide bridge' 
2 CYS A 110 ? CYS A 159 ? CYS A 280 ? 1_555 CYS A 329 ? 1_555 SG SG . . . None 'Disulfide bridge' 
3 CYS A 121 ? CYS A 142 ? CYS A 291 ? 1_555 CYS A 312 ? 1_555 SG SG . . . None 'Disulfide bridge' 
4 CYS A 143 ? CYS A 146 ? CYS A 313 ? 1_555 CYS A 316 ? 1_555 SG SG . . . None 'Disulfide bridge' 
# 
_struct_mon_prot_cis.pdbx_id                1 
_struct_mon_prot_cis.label_comp_id          LEU 
_struct_mon_prot_cis.label_seq_id           148 
_struct_mon_prot_cis.label_asym_id          A 
_struct_mon_prot_cis.label_alt_id           . 
_struct_mon_prot_cis.pdbx_PDB_ins_code      ? 
_struct_mon_prot_cis.auth_comp_id           LEU 
_struct_mon_prot_cis.auth_seq_id            318 
_struct_mon_prot_cis.auth_asym_id           A 
_struct_mon_prot_cis.pdbx_label_comp_id_2   PRO 
_struct_mon_prot_cis.pdbx_label_seq_id_2    149 
_struct_mon_prot_cis.pdbx_label_asym_id_2   A 
_struct_mon_prot_cis.pdbx_PDB_ins_code_2    ? 
_struct_mon_prot_cis.pdbx_auth_comp_id_2    PRO 
_struct_mon_prot_cis.pdbx_auth_seq_id_2     319 
_struct_mon_prot_cis.pdbx_auth_asym_id_2    A 
_struct_mon_prot_cis.pdbx_PDB_model_num     1 
_struct_mon_prot_cis.pdbx_omega_angle       -6.09 
# 
loop_
_struct_sheet.id 
_struct_sheet.type 
_struct_sheet.number_strands 
_struct_sheet.details 
AA1 ? 7 ? 
AA2 ? 3 ? 
# 
loop_
_struct_sheet_order.sheet_id 
_struct_sheet_order.range_id_1 
_struct_sheet_order.range_id_2 
_struct_sheet_order.offset 
_struct_sheet_order.sense 
AA1 1 2 ? anti-parallel 
AA1 2 3 ? anti-parallel 
AA1 3 4 ? anti-parallel 
AA1 4 5 ? anti-parallel 
AA1 5 6 ? anti-parallel 
AA1 6 7 ? anti-parallel 
AA2 1 2 ? parallel      
AA2 2 3 ? anti-parallel 
# 
loop_
_struct_sheet_range.sheet_id 
_struct_sheet_range.id 
_struct_sheet_range.beg_label_comp_id 
_struct_sheet_range.beg_label_asym_id 
_struct_sheet_range.beg_label_seq_id 
_struct_sheet_range.pdbx_beg_PDB_ins_code 
_struct_sheet_range.end_label_comp_id 
_struct_sheet_range.end_label_asym_id 
_struct_sheet_range.end_label_seq_id 
_struct_sheet_range.pdbx_end_PDB_ins_code 
_struct_sheet_range.beg_auth_comp_id 
_struct_sheet_range.beg_auth_asym_id 
_struct_sheet_range.beg_auth_seq_id 
_struct_sheet_range.end_auth_comp_id 
_struct_sheet_range.end_auth_asym_id 
_struct_sheet_range.end_auth_seq_id 
AA1 1 GLY A 15  ? LYS A 19  ? GLY A 185 LYS A 189 
AA1 2 VAL A 22  ? SER A 26  ? VAL A 192 SER A 196 
AA1 3 TYR A 30  ? TYR A 36  ? TYR A 200 TYR A 206 
AA1 4 TRP A 40  ? PHE A 47  ? TRP A 210 PHE A 217 
AA1 5 VAL A 104 ? PHE A 107 ? VAL A 274 PHE A 277 
AA1 6 LEU A 151 ? ARG A 154 ? LEU A 321 ARG A 324 
AA1 7 CYS A 159 ? TYR A 161 ? CYS A 329 TYR A 331 
AA2 1 LYS A 114 ? ILE A 117 ? LYS A 284 ILE A 287 
AA2 2 ASP A 140 ? CYS A 143 ? ASP A 310 CYS A 313 
AA2 3 ARG A 166 ? VAL A 168 ? ARG A 336 VAL A 338 
# 
loop_
_pdbx_struct_sheet_hbond.sheet_id 
_pdbx_struct_sheet_hbond.range_id_1 
_pdbx_struct_sheet_hbond.range_id_2 
_pdbx_struct_sheet_hbond.range_1_label_atom_id 
_pdbx_struct_sheet_hbond.range_1_label_comp_id 
_pdbx_struct_sheet_hbond.range_1_label_asym_id 
_pdbx_struct_sheet_hbond.range_1_label_seq_id 
_pdbx_struct_sheet_hbond.range_1_PDB_ins_code 
_pdbx_struct_sheet_hbond.range_1_auth_atom_id 
_pdbx_struct_sheet_hbond.range_1_auth_comp_id 
_pdbx_struct_sheet_hbond.range_1_auth_asym_id 
_pdbx_struct_sheet_hbond.range_1_auth_seq_id 
_pdbx_struct_sheet_hbond.range_2_label_atom_id 
_pdbx_struct_sheet_hbond.range_2_label_comp_id 
_pdbx_struct_sheet_hbond.range_2_label_asym_id 
_pdbx_struct_sheet_hbond.range_2_label_seq_id 
_pdbx_struct_sheet_hbond.range_2_PDB_ins_code 
_pdbx_struct_sheet_hbond.range_2_auth_atom_id 
_pdbx_struct_sheet_hbond.range_2_auth_comp_id 
_pdbx_struct_sheet_hbond.range_2_auth_asym_id 
_pdbx_struct_sheet_hbond.range_2_auth_seq_id 
AA1 1 2 N ALA A 17  ? N ALA A 187 O VAL A 24  ? O VAL A 194 
AA1 2 3 N ALA A 23  ? N ALA A 193 O SER A 34  ? O SER A 204 
AA1 3 4 N GLU A 33  ? N GLU A 203 O ARG A 44  ? O ARG A 214 
AA1 4 5 N ALA A 45  ? N ALA A 215 O LEU A 105 ? O LEU A 275 
AA1 5 6 N ASP A 106 ? N ASP A 276 O ARG A 152 ? O ARG A 322 
AA1 6 7 N PHE A 153 ? N PHE A 323 O TRP A 160 ? O TRP A 330 
AA2 1 2 N THR A 116 ? N THR A 286 O TRP A 141 ? O TRP A 311 
AA2 2 3 N CYS A 142 ? N CYS A 312 O ARG A 166 ? O ARG A 336 
# 
loop_
_struct_site.id 
_struct_site.pdbx_evidence_code 
_struct_site.pdbx_auth_asym_id 
_struct_site.pdbx_auth_comp_id 
_struct_site.pdbx_auth_seq_id 
_struct_site.pdbx_auth_ins_code 
_struct_site.pdbx_num_residues 
_struct_site.details 
AC1 Software A SO4 501 ? 4 'binding site for residue SO4 A 501' 
AC2 Software A SO4 502 ? 6 'binding site for residue SO4 A 502' 
AC3 Software A SO4 503 ? 5 'binding site for residue SO4 A 503' 
AC4 Software A SO4 504 ? 2 'binding site for residue SO4 A 504' 
AC5 Software A SO4 505 ? 4 'binding site for residue SO4 A 505' 
AC6 Software A SO4 506 ? 2 'binding site for residue SO4 A 506' 
AC7 Software A SO4 507 ? 7 'binding site for residue SO4 A 507' 
AC8 Software A SO4 508 ? 5 'binding site for residue SO4 A 508' 
AC9 Software A SO4 509 ? 2 'binding site for residue SO4 A 509' 
AD1 Software A SO4 510 ? 3 'binding site for residue SO4 A 510' 
AD2 Software A SO4 511 ? 5 'binding site for residue SO4 A 511' 
AD3 Software A SO4 512 ? 2 'binding site for residue SO4 A 512' 
AD4 Software A POL 513 ? 2 'binding site for residue POL A 513' 
# 
loop_
_struct_site_gen.id 
_struct_site_gen.site_id 
_struct_site_gen.pdbx_num_res 
_struct_site_gen.label_comp_id 
_struct_site_gen.label_asym_id 
_struct_site_gen.label_seq_id 
_struct_site_gen.pdbx_auth_ins_code 
_struct_site_gen.auth_comp_id 
_struct_site_gen.auth_asym_id 
_struct_site_gen.auth_seq_id 
_struct_site_gen.label_atom_id 
_struct_site_gen.label_alt_id 
_struct_site_gen.symmetry 
_struct_site_gen.details 
1  AC1 4 ARG A 177 ? ARG A 347 . ? 1_555 ? 
2  AC1 4 GLN A 179 ? GLN A 349 . ? 1_555 ? 
3  AC1 4 HOH O .   ? HOH A 640 . ? 1_555 ? 
4  AC1 4 HOH O .   ? HOH A 641 . ? 1_555 ? 
5  AC2 6 LYS A 91  ? LYS A 261 . ? 1_555 ? 
6  AC2 6 LYS A 123 ? LYS A 293 . ? 1_555 ? 
7  AC2 6 ARG A 124 ? ARG A 294 . ? 1_555 ? 
8  AC2 6 SO4 E .   ? SO4 A 504 . ? 1_555 ? 
9  AC2 6 HOH O .   ? HOH A 615 . ? 1_555 ? 
10 AC2 6 HOH O .   ? HOH A 650 . ? 1_555 ? 
11 AC3 5 THR A 132 ? THR A 302 . ? 1_555 ? 
12 AC3 5 SER A 134 ? SER A 304 . ? 1_555 ? 
13 AC3 5 LYS A 136 ? LYS A 306 . ? 1_555 ? 
14 AC3 5 THR A 173 ? THR A 343 . ? 1_555 ? 
15 AC3 5 THR A 174 ? THR A 344 . ? 1_555 ? 
16 AC4 2 ARG A 124 ? ARG A 294 . ? 1_555 ? 
17 AC4 2 SO4 C .   ? SO4 A 502 . ? 1_555 ? 
18 AC5 4 THR A 54  ? THR A 224 . ? 1_555 ? 
19 AC5 4 GLU A 68  ? GLU A 238 . ? 1_555 ? 
20 AC5 4 HIS A 75  ? HIS A 245 . ? 1_555 ? 
21 AC5 4 LYS A 81  ? LYS A 251 . ? 1_555 ? 
22 AC6 2 LYS A 83  ? LYS A 253 . ? 1_555 ? 
23 AC6 2 ARG A 86  ? ARG A 256 . ? 1_555 ? 
24 AC7 7 GLU A 57  ? GLU A 227 . ? 7_555 ? 
25 AC7 7 TRP A 62  ? TRP A 232 . ? 1_555 ? 
26 AC7 7 ASP A 64  ? ASP A 234 . ? 1_555 ? 
27 AC7 7 LYS A 83  ? LYS A 253 . ? 1_555 ? 
28 AC7 7 HOH O .   ? HOH A 601 . ? 7_555 ? 
29 AC7 7 HOH O .   ? HOH A 608 . ? 1_555 ? 
30 AC7 7 HOH O .   ? HOH A 645 . ? 7_555 ? 
31 AC8 5 GLU A 33  ? GLU A 203 . ? 1_555 ? 
32 AC8 5 ARG A 35  ? ARG A 205 . ? 1_555 ? 
33 AC8 5 GLU A 43  ? GLU A 213 . ? 1_555 ? 
34 AC8 5 ARG A 44  ? ARG A 214 . ? 1_555 ? 
35 AC8 5 ASN A 101 ? ASN A 271 . ? 6_655 ? 
36 AC9 2 VAL A 22  ? VAL A 192 . ? 1_555 ? 
37 AC9 2 VAL A 24  ? VAL A 194 . ? 1_555 ? 
38 AD1 3 ASP A 64  ? ASP A 234 . ? 7_555 ? 
39 AD1 3 ASP A 65  ? ASP A 235 . ? 7_555 ? 
40 AD1 3 HOH O .   ? HOH A 609 . ? 1_555 ? 
41 AD2 5 GLY A 11  ? GLY A 181 . ? 7_555 ? 
42 AD2 5 TRP A 40  ? TRP A 210 . ? 1_555 ? 
43 AD2 5 THR A 58  ? THR A 228 . ? 7_555 ? 
44 AD2 5 HIS A 59  ? HIS A 229 . ? 7_555 ? 
45 AD2 5 HOH O .   ? HOH A 643 . ? 1_555 ? 
46 AD3 2 ARG A 154 ? ARG A 324 . ? 1_555 ? 
47 AD3 2 GLY A 158 ? GLY A 328 . ? 6_655 ? 
48 AD4 2 GLU A 68  ? GLU A 238 . ? 1_555 ? 
49 AD4 2 SER A 69  ? SER A 239 . ? 1_555 ? 
# 
_pdbx_entry_details.entry_id                   5O36 
_pdbx_entry_details.compound_details           ? 
_pdbx_entry_details.source_details             ? 
_pdbx_entry_details.nonpolymer_details         ? 
_pdbx_entry_details.sequence_details           ? 
_pdbx_entry_details.has_ligand_of_interest     ? 
_pdbx_entry_details.has_protein_modification   Y 
# 
_pdbx_validate_close_contact.id               1 
_pdbx_validate_close_contact.PDB_model_num    1 
_pdbx_validate_close_contact.auth_atom_id_1   O 
_pdbx_validate_close_contact.auth_asym_id_1   A 
_pdbx_validate_close_contact.auth_comp_id_1   HOH 
_pdbx_validate_close_contact.auth_seq_id_1    618 
_pdbx_validate_close_contact.PDB_ins_code_1   ? 
_pdbx_validate_close_contact.label_alt_id_1   ? 
_pdbx_validate_close_contact.auth_atom_id_2   O 
_pdbx_validate_close_contact.auth_asym_id_2   A 
_pdbx_validate_close_contact.auth_comp_id_2   HOH 
_pdbx_validate_close_contact.auth_seq_id_2    684 
_pdbx_validate_close_contact.PDB_ins_code_2   ? 
_pdbx_validate_close_contact.label_alt_id_2   ? 
_pdbx_validate_close_contact.dist             1.95 
# 
loop_
_pdbx_validate_symm_contact.id 
_pdbx_validate_symm_contact.PDB_model_num 
_pdbx_validate_symm_contact.auth_atom_id_1 
_pdbx_validate_symm_contact.auth_asym_id_1 
_pdbx_validate_symm_contact.auth_comp_id_1 
_pdbx_validate_symm_contact.auth_seq_id_1 
_pdbx_validate_symm_contact.PDB_ins_code_1 
_pdbx_validate_symm_contact.label_alt_id_1 
_pdbx_validate_symm_contact.site_symmetry_1 
_pdbx_validate_symm_contact.auth_atom_id_2 
_pdbx_validate_symm_contact.auth_asym_id_2 
_pdbx_validate_symm_contact.auth_comp_id_2 
_pdbx_validate_symm_contact.auth_seq_id_2 
_pdbx_validate_symm_contact.PDB_ins_code_2 
_pdbx_validate_symm_contact.label_alt_id_2 
_pdbx_validate_symm_contact.site_symmetry_2 
_pdbx_validate_symm_contact.dist 
1 1 O1 A SO4 510 ? ? 1_555 O1 A SO4 510 ? ? 7_555 1.17 
2 1 O  A HOH 608 ? ? 1_555 O  A HOH 645 ? ? 7_555 1.76 
3 1 O  A HOH 604 ? ? 1_555 O  A HOH 604 ? ? 6_655 2.01 
4 1 O  A HOH 630 ? ? 1_555 O  A HOH 644 ? ? 8_565 2.13 
# 
_pdbx_validate_rmsd_angle.id                         1 
_pdbx_validate_rmsd_angle.PDB_model_num              1 
_pdbx_validate_rmsd_angle.auth_atom_id_1             CB 
_pdbx_validate_rmsd_angle.auth_asym_id_1             A 
_pdbx_validate_rmsd_angle.auth_comp_id_1             ASP 
_pdbx_validate_rmsd_angle.auth_seq_id_1              197 
_pdbx_validate_rmsd_angle.PDB_ins_code_1             ? 
_pdbx_validate_rmsd_angle.label_alt_id_1             ? 
_pdbx_validate_rmsd_angle.auth_atom_id_2             CG 
_pdbx_validate_rmsd_angle.auth_asym_id_2             A 
_pdbx_validate_rmsd_angle.auth_comp_id_2             ASP 
_pdbx_validate_rmsd_angle.auth_seq_id_2              197 
_pdbx_validate_rmsd_angle.PDB_ins_code_2             ? 
_pdbx_validate_rmsd_angle.label_alt_id_2             ? 
_pdbx_validate_rmsd_angle.auth_atom_id_3             OD1 
_pdbx_validate_rmsd_angle.auth_asym_id_3             A 
_pdbx_validate_rmsd_angle.auth_comp_id_3             ASP 
_pdbx_validate_rmsd_angle.auth_seq_id_3              197 
_pdbx_validate_rmsd_angle.PDB_ins_code_3             ? 
_pdbx_validate_rmsd_angle.label_alt_id_3             ? 
_pdbx_validate_rmsd_angle.angle_value                123.71 
_pdbx_validate_rmsd_angle.angle_target_value         118.30 
_pdbx_validate_rmsd_angle.angle_deviation            5.41 
_pdbx_validate_rmsd_angle.angle_standard_deviation   0.90 
_pdbx_validate_rmsd_angle.linker_flag                N 
# 
loop_
_pdbx_validate_torsion.id 
_pdbx_validate_torsion.PDB_model_num 
_pdbx_validate_torsion.auth_comp_id 
_pdbx_validate_torsion.auth_asym_id 
_pdbx_validate_torsion.auth_seq_id 
_pdbx_validate_torsion.PDB_ins_code 
_pdbx_validate_torsion.label_alt_id 
_pdbx_validate_torsion.phi 
_pdbx_validate_torsion.psi 
1 1 ASN A 207 ? ? -109.17 -76.09 
2 1 GLN A 263 ? ? -91.20  58.70  
3 1 PRO A 296 ? ? -47.94  154.48 
4 1 SER A 315 ? ? -155.37 38.94  
# 
loop_
_pdbx_unobs_or_zero_occ_residues.id 
_pdbx_unobs_or_zero_occ_residues.PDB_model_num 
_pdbx_unobs_or_zero_occ_residues.polymer_flag 
_pdbx_unobs_or_zero_occ_residues.occupancy_flag 
_pdbx_unobs_or_zero_occ_residues.auth_asym_id 
_pdbx_unobs_or_zero_occ_residues.auth_comp_id 
_pdbx_unobs_or_zero_occ_residues.auth_seq_id 
_pdbx_unobs_or_zero_occ_residues.PDB_ins_code 
_pdbx_unobs_or_zero_occ_residues.label_asym_id 
_pdbx_unobs_or_zero_occ_residues.label_comp_id 
_pdbx_unobs_or_zero_occ_residues.label_seq_id 
1  1 Y 1 A MET 171 ? A MET 1   
2  1 Y 1 A ARG 172 ? A ARG 2   
3  1 Y 1 A GLU 173 ? A GLU 3   
4  1 Y 1 A GLU 174 ? A GLU 4   
5  1 Y 1 A SER 175 ? A SER 5   
6  1 Y 1 A THR 176 ? A THR 6   
7  1 Y 1 A GLY 355 ? A GLY 185 
8  1 Y 1 A GLU 356 ? A GLU 186 
9  1 Y 1 A MET 357 ? A MET 187 
10 1 Y 1 A VAL 358 ? A VAL 188 
11 1 Y 1 A ASP 359 ? A ASP 189 
12 1 Y 1 A PRO 360 ? A PRO 190 
13 1 Y 1 A PHE 361 ? A PHE 191 
14 1 Y 1 A SER 362 ? A SER 192 
15 1 Y 1 A ALA 363 ? A ALA 193 
16 1 Y 1 A GLY 364 ? A GLY 194 
17 1 Y 1 A PRO 365 ? A PRO 195 
18 1 Y 1 A SER 366 ? A SER 196 
19 1 Y 1 A GLY 367 ? A GLY 197 
20 1 Y 1 A ASP 368 ? A ASP 198 
21 1 Y 1 A VAL 369 ? A VAL 199 
22 1 Y 1 A SER 370 ? A SER 200 
23 1 Y 1 A GLY 371 ? A GLY 201 
24 1 Y 1 A HIS 372 ? A HIS 202 
25 1 Y 1 A PRO 373 ? A PRO 203 
26 1 Y 1 A GLY 374 ? A GLY 204 
27 1 Y 1 A SER 375 ? A SER 205 
28 1 Y 1 A PRO 376 ? A PRO 206 
29 1 Y 1 A SER 377 ? A SER 207 
30 1 Y 1 A GLN 378 ? A GLN 208 
31 1 Y 1 A GLU 379 ? A GLU 209 
32 1 Y 1 A VAL 380 ? A VAL 210 
33 1 Y 1 A ASP 381 ? A ASP 211 
34 1 Y 1 A GLY 382 ? A GLY 212 
35 1 Y 1 A GLN 383 ? A GLN 213 
36 1 Y 1 A ILE 384 ? A ILE 214 
37 1 Y 1 A ASP 385 ? A ASP 215 
38 1 Y 1 A HIS 386 ? A HIS 216 
39 1 Y 1 A SER 387 ? A SER 217 
40 1 Y 1 A CYS 388 ? A CYS 218 
41 1 Y 1 A GLY 389 ? A GLY 219 
42 1 Y 1 A PHE 390 ? A PHE 220 
43 1 Y 1 A GLY 391 ? A GLY 221 
44 1 Y 1 A GLY 392 ? A GLY 222 
45 1 Y 1 A PRO 393 ? A PRO 223 
46 1 Y 1 A THR 394 ? A THR 224 
47 1 Y 1 A CYS 395 ? A CYS 225 
48 1 Y 1 A ALA 396 ? A ALA 226 
49 1 Y 1 A ASP 397 ? A ASP 227 
50 1 Y 1 A ALA 398 ? A ALA 228 
51 1 Y 1 A TRP 399 ? A TRP 229 
52 1 Y 1 A GLY 400 ? A GLY 230 
53 1 Y 1 A TYR 401 ? A TYR 231 
54 1 Y 1 A HIS 402 ? A HIS 232 
55 1 Y 1 A LEU 403 ? A LEU 233 
56 1 Y 1 A HIS 404 ? A HIS 234 
# 
loop_
_chem_comp_atom.comp_id 
_chem_comp_atom.atom_id 
_chem_comp_atom.type_symbol 
_chem_comp_atom.pdbx_aromatic_flag 
_chem_comp_atom.pdbx_stereo_config 
_chem_comp_atom.pdbx_ordinal 
ALA N    N N N 1   
ALA CA   C N S 2   
ALA C    C N N 3   
ALA O    O N N 4   
ALA CB   C N N 5   
ALA OXT  O N N 6   
ALA H    H N N 7   
ALA H2   H N N 8   
ALA HA   H N N 9   
ALA HB1  H N N 10  
ALA HB2  H N N 11  
ALA HB3  H N N 12  
ALA HXT  H N N 13  
ARG N    N N N 14  
ARG CA   C N S 15  
ARG C    C N N 16  
ARG O    O N N 17  
ARG CB   C N N 18  
ARG CG   C N N 19  
ARG CD   C N N 20  
ARG NE   N N N 21  
ARG CZ   C N N 22  
ARG NH1  N N N 23  
ARG NH2  N N N 24  
ARG OXT  O N N 25  
ARG H    H N N 26  
ARG H2   H N N 27  
ARG HA   H N N 28  
ARG HB2  H N N 29  
ARG HB3  H N N 30  
ARG HG2  H N N 31  
ARG HG3  H N N 32  
ARG HD2  H N N 33  
ARG HD3  H N N 34  
ARG HE   H N N 35  
ARG HH11 H N N 36  
ARG HH12 H N N 37  
ARG HH21 H N N 38  
ARG HH22 H N N 39  
ARG HXT  H N N 40  
ASN N    N N N 41  
ASN CA   C N S 42  
ASN C    C N N 43  
ASN O    O N N 44  
ASN CB   C N N 45  
ASN CG   C N N 46  
ASN OD1  O N N 47  
ASN ND2  N N N 48  
ASN OXT  O N N 49  
ASN H    H N N 50  
ASN H2   H N N 51  
ASN HA   H N N 52  
ASN HB2  H N N 53  
ASN HB3  H N N 54  
ASN HD21 H N N 55  
ASN HD22 H N N 56  
ASN HXT  H N N 57  
ASP N    N N N 58  
ASP CA   C N S 59  
ASP C    C N N 60  
ASP O    O N N 61  
ASP CB   C N N 62  
ASP CG   C N N 63  
ASP OD1  O N N 64  
ASP OD2  O N N 65  
ASP OXT  O N N 66  
ASP H    H N N 67  
ASP H2   H N N 68  
ASP HA   H N N 69  
ASP HB2  H N N 70  
ASP HB3  H N N 71  
ASP HD2  H N N 72  
ASP HXT  H N N 73  
CYS N    N N N 74  
CYS CA   C N R 75  
CYS C    C N N 76  
CYS O    O N N 77  
CYS CB   C N N 78  
CYS SG   S N N 79  
CYS OXT  O N N 80  
CYS H    H N N 81  
CYS H2   H N N 82  
CYS HA   H N N 83  
CYS HB2  H N N 84  
CYS HB3  H N N 85  
CYS HG   H N N 86  
CYS HXT  H N N 87  
GLN N    N N N 88  
GLN CA   C N S 89  
GLN C    C N N 90  
GLN O    O N N 91  
GLN CB   C N N 92  
GLN CG   C N N 93  
GLN CD   C N N 94  
GLN OE1  O N N 95  
GLN NE2  N N N 96  
GLN OXT  O N N 97  
GLN H    H N N 98  
GLN H2   H N N 99  
GLN HA   H N N 100 
GLN HB2  H N N 101 
GLN HB3  H N N 102 
GLN HG2  H N N 103 
GLN HG3  H N N 104 
GLN HE21 H N N 105 
GLN HE22 H N N 106 
GLN HXT  H N N 107 
GLU N    N N N 108 
GLU CA   C N S 109 
GLU C    C N N 110 
GLU O    O N N 111 
GLU CB   C N N 112 
GLU CG   C N N 113 
GLU CD   C N N 114 
GLU OE1  O N N 115 
GLU OE2  O N N 116 
GLU OXT  O N N 117 
GLU H    H N N 118 
GLU H2   H N N 119 
GLU HA   H N N 120 
GLU HB2  H N N 121 
GLU HB3  H N N 122 
GLU HG2  H N N 123 
GLU HG3  H N N 124 
GLU HE2  H N N 125 
GLU HXT  H N N 126 
GLY N    N N N 127 
GLY CA   C N N 128 
GLY C    C N N 129 
GLY O    O N N 130 
GLY OXT  O N N 131 
GLY H    H N N 132 
GLY H2   H N N 133 
GLY HA2  H N N 134 
GLY HA3  H N N 135 
GLY HXT  H N N 136 
HIS N    N N N 137 
HIS CA   C N S 138 
HIS C    C N N 139 
HIS O    O N N 140 
HIS CB   C N N 141 
HIS CG   C Y N 142 
HIS ND1  N Y N 143 
HIS CD2  C Y N 144 
HIS CE1  C Y N 145 
HIS NE2  N Y N 146 
HIS OXT  O N N 147 
HIS H    H N N 148 
HIS H2   H N N 149 
HIS HA   H N N 150 
HIS HB2  H N N 151 
HIS HB3  H N N 152 
HIS HD1  H N N 153 
HIS HD2  H N N 154 
HIS HE1  H N N 155 
HIS HE2  H N N 156 
HIS HXT  H N N 157 
HOH O    O N N 158 
HOH H1   H N N 159 
HOH H2   H N N 160 
ILE N    N N N 161 
ILE CA   C N S 162 
ILE C    C N N 163 
ILE O    O N N 164 
ILE CB   C N S 165 
ILE CG1  C N N 166 
ILE CG2  C N N 167 
ILE CD1  C N N 168 
ILE OXT  O N N 169 
ILE H    H N N 170 
ILE H2   H N N 171 
ILE HA   H N N 172 
ILE HB   H N N 173 
ILE HG12 H N N 174 
ILE HG13 H N N 175 
ILE HG21 H N N 176 
ILE HG22 H N N 177 
ILE HG23 H N N 178 
ILE HD11 H N N 179 
ILE HD12 H N N 180 
ILE HD13 H N N 181 
ILE HXT  H N N 182 
LEU N    N N N 183 
LEU CA   C N S 184 
LEU C    C N N 185 
LEU O    O N N 186 
LEU CB   C N N 187 
LEU CG   C N N 188 
LEU CD1  C N N 189 
LEU CD2  C N N 190 
LEU OXT  O N N 191 
LEU H    H N N 192 
LEU H2   H N N 193 
LEU HA   H N N 194 
LEU HB2  H N N 195 
LEU HB3  H N N 196 
LEU HG   H N N 197 
LEU HD11 H N N 198 
LEU HD12 H N N 199 
LEU HD13 H N N 200 
LEU HD21 H N N 201 
LEU HD22 H N N 202 
LEU HD23 H N N 203 
LEU HXT  H N N 204 
LYS N    N N N 205 
LYS CA   C N S 206 
LYS C    C N N 207 
LYS O    O N N 208 
LYS CB   C N N 209 
LYS CG   C N N 210 
LYS CD   C N N 211 
LYS CE   C N N 212 
LYS NZ   N N N 213 
LYS OXT  O N N 214 
LYS H    H N N 215 
LYS H2   H N N 216 
LYS HA   H N N 217 
LYS HB2  H N N 218 
LYS HB3  H N N 219 
LYS HG2  H N N 220 
LYS HG3  H N N 221 
LYS HD2  H N N 222 
LYS HD3  H N N 223 
LYS HE2  H N N 224 
LYS HE3  H N N 225 
LYS HZ1  H N N 226 
LYS HZ2  H N N 227 
LYS HZ3  H N N 228 
LYS HXT  H N N 229 
MET N    N N N 230 
MET CA   C N S 231 
MET C    C N N 232 
MET O    O N N 233 
MET CB   C N N 234 
MET CG   C N N 235 
MET SD   S N N 236 
MET CE   C N N 237 
MET OXT  O N N 238 
MET H    H N N 239 
MET H2   H N N 240 
MET HA   H N N 241 
MET HB2  H N N 242 
MET HB3  H N N 243 
MET HG2  H N N 244 
MET HG3  H N N 245 
MET HE1  H N N 246 
MET HE2  H N N 247 
MET HE3  H N N 248 
MET HXT  H N N 249 
PHE N    N N N 250 
PHE CA   C N S 251 
PHE C    C N N 252 
PHE O    O N N 253 
PHE CB   C N N 254 
PHE CG   C Y N 255 
PHE CD1  C Y N 256 
PHE CD2  C Y N 257 
PHE CE1  C Y N 258 
PHE CE2  C Y N 259 
PHE CZ   C Y N 260 
PHE OXT  O N N 261 
PHE H    H N N 262 
PHE H2   H N N 263 
PHE HA   H N N 264 
PHE HB2  H N N 265 
PHE HB3  H N N 266 
PHE HD1  H N N 267 
PHE HD2  H N N 268 
PHE HE1  H N N 269 
PHE HE2  H N N 270 
PHE HZ   H N N 271 
PHE HXT  H N N 272 
POL O    O N N 273 
POL C1   C N N 274 
POL C2   C N N 275 
POL C3   C N N 276 
POL HO   H N N 277 
POL H11  H N N 278 
POL H12  H N N 279 
POL H21  H N N 280 
POL H22  H N N 281 
POL H31  H N N 282 
POL H32  H N N 283 
POL H33  H N N 284 
PRO N    N N N 285 
PRO CA   C N S 286 
PRO C    C N N 287 
PRO O    O N N 288 
PRO CB   C N N 289 
PRO CG   C N N 290 
PRO CD   C N N 291 
PRO OXT  O N N 292 
PRO H    H N N 293 
PRO HA   H N N 294 
PRO HB2  H N N 295 
PRO HB3  H N N 296 
PRO HG2  H N N 297 
PRO HG3  H N N 298 
PRO HD2  H N N 299 
PRO HD3  H N N 300 
PRO HXT  H N N 301 
SER N    N N N 302 
SER CA   C N S 303 
SER C    C N N 304 
SER O    O N N 305 
SER CB   C N N 306 
SER OG   O N N 307 
SER OXT  O N N 308 
SER H    H N N 309 
SER H2   H N N 310 
SER HA   H N N 311 
SER HB2  H N N 312 
SER HB3  H N N 313 
SER HG   H N N 314 
SER HXT  H N N 315 
SO4 S    S N N 316 
SO4 O1   O N N 317 
SO4 O2   O N N 318 
SO4 O3   O N N 319 
SO4 O4   O N N 320 
THR N    N N N 321 
THR CA   C N S 322 
THR C    C N N 323 
THR O    O N N 324 
THR CB   C N R 325 
THR OG1  O N N 326 
THR CG2  C N N 327 
THR OXT  O N N 328 
THR H    H N N 329 
THR H2   H N N 330 
THR HA   H N N 331 
THR HB   H N N 332 
THR HG1  H N N 333 
THR HG21 H N N 334 
THR HG22 H N N 335 
THR HG23 H N N 336 
THR HXT  H N N 337 
TRP N    N N N 338 
TRP CA   C N S 339 
TRP C    C N N 340 
TRP O    O N N 341 
TRP CB   C N N 342 
TRP CG   C Y N 343 
TRP CD1  C Y N 344 
TRP CD2  C Y N 345 
TRP NE1  N Y N 346 
TRP CE2  C Y N 347 
TRP CE3  C Y N 348 
TRP CZ2  C Y N 349 
TRP CZ3  C Y N 350 
TRP CH2  C Y N 351 
TRP OXT  O N N 352 
TRP H    H N N 353 
TRP H2   H N N 354 
TRP HA   H N N 355 
TRP HB2  H N N 356 
TRP HB3  H N N 357 
TRP HD1  H N N 358 
TRP HE1  H N N 359 
TRP HE3  H N N 360 
TRP HZ2  H N N 361 
TRP HZ3  H N N 362 
TRP HH2  H N N 363 
TRP HXT  H N N 364 
TYR N    N N N 365 
TYR CA   C N S 366 
TYR C    C N N 367 
TYR O    O N N 368 
TYR CB   C N N 369 
TYR CG   C Y N 370 
TYR CD1  C Y N 371 
TYR CD2  C Y N 372 
TYR CE1  C Y N 373 
TYR CE2  C Y N 374 
TYR CZ   C Y N 375 
TYR OH   O N N 376 
TYR OXT  O N N 377 
TYR H    H N N 378 
TYR H2   H N N 379 
TYR HA   H N N 380 
TYR HB2  H N N 381 
TYR HB3  H N N 382 
TYR HD1  H N N 383 
TYR HD2  H N N 384 
TYR HE1  H N N 385 
TYR HE2  H N N 386 
TYR HH   H N N 387 
TYR HXT  H N N 388 
VAL N    N N N 389 
VAL CA   C N S 390 
VAL C    C N N 391 
VAL O    O N N 392 
VAL CB   C N N 393 
VAL CG1  C N N 394 
VAL CG2  C N N 395 
VAL OXT  O N N 396 
VAL H    H N N 397 
VAL H2   H N N 398 
VAL HA   H N N 399 
VAL HB   H N N 400 
VAL HG11 H N N 401 
VAL HG12 H N N 402 
VAL HG13 H N N 403 
VAL HG21 H N N 404 
VAL HG22 H N N 405 
VAL HG23 H N N 406 
VAL HXT  H N N 407 
# 
loop_
_chem_comp_bond.comp_id 
_chem_comp_bond.atom_id_1 
_chem_comp_bond.atom_id_2 
_chem_comp_bond.value_order 
_chem_comp_bond.pdbx_aromatic_flag 
_chem_comp_bond.pdbx_stereo_config 
_chem_comp_bond.pdbx_ordinal 
ALA N   CA   sing N N 1   
ALA N   H    sing N N 2   
ALA N   H2   sing N N 3   
ALA CA  C    sing N N 4   
ALA CA  CB   sing N N 5   
ALA CA  HA   sing N N 6   
ALA C   O    doub N N 7   
ALA C   OXT  sing N N 8   
ALA CB  HB1  sing N N 9   
ALA CB  HB2  sing N N 10  
ALA CB  HB3  sing N N 11  
ALA OXT HXT  sing N N 12  
ARG N   CA   sing N N 13  
ARG N   H    sing N N 14  
ARG N   H2   sing N N 15  
ARG CA  C    sing N N 16  
ARG CA  CB   sing N N 17  
ARG CA  HA   sing N N 18  
ARG C   O    doub N N 19  
ARG C   OXT  sing N N 20  
ARG CB  CG   sing N N 21  
ARG CB  HB2  sing N N 22  
ARG CB  HB3  sing N N 23  
ARG CG  CD   sing N N 24  
ARG CG  HG2  sing N N 25  
ARG CG  HG3  sing N N 26  
ARG CD  NE   sing N N 27  
ARG CD  HD2  sing N N 28  
ARG CD  HD3  sing N N 29  
ARG NE  CZ   sing N N 30  
ARG NE  HE   sing N N 31  
ARG CZ  NH1  sing N N 32  
ARG CZ  NH2  doub N N 33  
ARG NH1 HH11 sing N N 34  
ARG NH1 HH12 sing N N 35  
ARG NH2 HH21 sing N N 36  
ARG NH2 HH22 sing N N 37  
ARG OXT HXT  sing N N 38  
ASN N   CA   sing N N 39  
ASN N   H    sing N N 40  
ASN N   H2   sing N N 41  
ASN CA  C    sing N N 42  
ASN CA  CB   sing N N 43  
ASN CA  HA   sing N N 44  
ASN C   O    doub N N 45  
ASN C   OXT  sing N N 46  
ASN CB  CG   sing N N 47  
ASN CB  HB2  sing N N 48  
ASN CB  HB3  sing N N 49  
ASN CG  OD1  doub N N 50  
ASN CG  ND2  sing N N 51  
ASN ND2 HD21 sing N N 52  
ASN ND2 HD22 sing N N 53  
ASN OXT HXT  sing N N 54  
ASP N   CA   sing N N 55  
ASP N   H    sing N N 56  
ASP N   H2   sing N N 57  
ASP CA  C    sing N N 58  
ASP CA  CB   sing N N 59  
ASP CA  HA   sing N N 60  
ASP C   O    doub N N 61  
ASP C   OXT  sing N N 62  
ASP CB  CG   sing N N 63  
ASP CB  HB2  sing N N 64  
ASP CB  HB3  sing N N 65  
ASP CG  OD1  doub N N 66  
ASP CG  OD2  sing N N 67  
ASP OD2 HD2  sing N N 68  
ASP OXT HXT  sing N N 69  
CYS N   CA   sing N N 70  
CYS N   H    sing N N 71  
CYS N   H2   sing N N 72  
CYS CA  C    sing N N 73  
CYS CA  CB   sing N N 74  
CYS CA  HA   sing N N 75  
CYS C   O    doub N N 76  
CYS C   OXT  sing N N 77  
CYS CB  SG   sing N N 78  
CYS CB  HB2  sing N N 79  
CYS CB  HB3  sing N N 80  
CYS SG  HG   sing N N 81  
CYS OXT HXT  sing N N 82  
GLN N   CA   sing N N 83  
GLN N   H    sing N N 84  
GLN N   H2   sing N N 85  
GLN CA  C    sing N N 86  
GLN CA  CB   sing N N 87  
GLN CA  HA   sing N N 88  
GLN C   O    doub N N 89  
GLN C   OXT  sing N N 90  
GLN CB  CG   sing N N 91  
GLN CB  HB2  sing N N 92  
GLN CB  HB3  sing N N 93  
GLN CG  CD   sing N N 94  
GLN CG  HG2  sing N N 95  
GLN CG  HG3  sing N N 96  
GLN CD  OE1  doub N N 97  
GLN CD  NE2  sing N N 98  
GLN NE2 HE21 sing N N 99  
GLN NE2 HE22 sing N N 100 
GLN OXT HXT  sing N N 101 
GLU N   CA   sing N N 102 
GLU N   H    sing N N 103 
GLU N   H2   sing N N 104 
GLU CA  C    sing N N 105 
GLU CA  CB   sing N N 106 
GLU CA  HA   sing N N 107 
GLU C   O    doub N N 108 
GLU C   OXT  sing N N 109 
GLU CB  CG   sing N N 110 
GLU CB  HB2  sing N N 111 
GLU CB  HB3  sing N N 112 
GLU CG  CD   sing N N 113 
GLU CG  HG2  sing N N 114 
GLU CG  HG3  sing N N 115 
GLU CD  OE1  doub N N 116 
GLU CD  OE2  sing N N 117 
GLU OE2 HE2  sing N N 118 
GLU OXT HXT  sing N N 119 
GLY N   CA   sing N N 120 
GLY N   H    sing N N 121 
GLY N   H2   sing N N 122 
GLY CA  C    sing N N 123 
GLY CA  HA2  sing N N 124 
GLY CA  HA3  sing N N 125 
GLY C   O    doub N N 126 
GLY C   OXT  sing N N 127 
GLY OXT HXT  sing N N 128 
HIS N   CA   sing N N 129 
HIS N   H    sing N N 130 
HIS N   H2   sing N N 131 
HIS CA  C    sing N N 132 
HIS CA  CB   sing N N 133 
HIS CA  HA   sing N N 134 
HIS C   O    doub N N 135 
HIS C   OXT  sing N N 136 
HIS CB  CG   sing N N 137 
HIS CB  HB2  sing N N 138 
HIS CB  HB3  sing N N 139 
HIS CG  ND1  sing Y N 140 
HIS CG  CD2  doub Y N 141 
HIS ND1 CE1  doub Y N 142 
HIS ND1 HD1  sing N N 143 
HIS CD2 NE2  sing Y N 144 
HIS CD2 HD2  sing N N 145 
HIS CE1 NE2  sing Y N 146 
HIS CE1 HE1  sing N N 147 
HIS NE2 HE2  sing N N 148 
HIS OXT HXT  sing N N 149 
HOH O   H1   sing N N 150 
HOH O   H2   sing N N 151 
ILE N   CA   sing N N 152 
ILE N   H    sing N N 153 
ILE N   H2   sing N N 154 
ILE CA  C    sing N N 155 
ILE CA  CB   sing N N 156 
ILE CA  HA   sing N N 157 
ILE C   O    doub N N 158 
ILE C   OXT  sing N N 159 
ILE CB  CG1  sing N N 160 
ILE CB  CG2  sing N N 161 
ILE CB  HB   sing N N 162 
ILE CG1 CD1  sing N N 163 
ILE CG1 HG12 sing N N 164 
ILE CG1 HG13 sing N N 165 
ILE CG2 HG21 sing N N 166 
ILE CG2 HG22 sing N N 167 
ILE CG2 HG23 sing N N 168 
ILE CD1 HD11 sing N N 169 
ILE CD1 HD12 sing N N 170 
ILE CD1 HD13 sing N N 171 
ILE OXT HXT  sing N N 172 
LEU N   CA   sing N N 173 
LEU N   H    sing N N 174 
LEU N   H2   sing N N 175 
LEU CA  C    sing N N 176 
LEU CA  CB   sing N N 177 
LEU CA  HA   sing N N 178 
LEU C   O    doub N N 179 
LEU C   OXT  sing N N 180 
LEU CB  CG   sing N N 181 
LEU CB  HB2  sing N N 182 
LEU CB  HB3  sing N N 183 
LEU CG  CD1  sing N N 184 
LEU CG  CD2  sing N N 185 
LEU CG  HG   sing N N 186 
LEU CD1 HD11 sing N N 187 
LEU CD1 HD12 sing N N 188 
LEU CD1 HD13 sing N N 189 
LEU CD2 HD21 sing N N 190 
LEU CD2 HD22 sing N N 191 
LEU CD2 HD23 sing N N 192 
LEU OXT HXT  sing N N 193 
LYS N   CA   sing N N 194 
LYS N   H    sing N N 195 
LYS N   H2   sing N N 196 
LYS CA  C    sing N N 197 
LYS CA  CB   sing N N 198 
LYS CA  HA   sing N N 199 
LYS C   O    doub N N 200 
LYS C   OXT  sing N N 201 
LYS CB  CG   sing N N 202 
LYS CB  HB2  sing N N 203 
LYS CB  HB3  sing N N 204 
LYS CG  CD   sing N N 205 
LYS CG  HG2  sing N N 206 
LYS CG  HG3  sing N N 207 
LYS CD  CE   sing N N 208 
LYS CD  HD2  sing N N 209 
LYS CD  HD3  sing N N 210 
LYS CE  NZ   sing N N 211 
LYS CE  HE2  sing N N 212 
LYS CE  HE3  sing N N 213 
LYS NZ  HZ1  sing N N 214 
LYS NZ  HZ2  sing N N 215 
LYS NZ  HZ3  sing N N 216 
LYS OXT HXT  sing N N 217 
MET N   CA   sing N N 218 
MET N   H    sing N N 219 
MET N   H2   sing N N 220 
MET CA  C    sing N N 221 
MET CA  CB   sing N N 222 
MET CA  HA   sing N N 223 
MET C   O    doub N N 224 
MET C   OXT  sing N N 225 
MET CB  CG   sing N N 226 
MET CB  HB2  sing N N 227 
MET CB  HB3  sing N N 228 
MET CG  SD   sing N N 229 
MET CG  HG2  sing N N 230 
MET CG  HG3  sing N N 231 
MET SD  CE   sing N N 232 
MET CE  HE1  sing N N 233 
MET CE  HE2  sing N N 234 
MET CE  HE3  sing N N 235 
MET OXT HXT  sing N N 236 
PHE N   CA   sing N N 237 
PHE N   H    sing N N 238 
PHE N   H2   sing N N 239 
PHE CA  C    sing N N 240 
PHE CA  CB   sing N N 241 
PHE CA  HA   sing N N 242 
PHE C   O    doub N N 243 
PHE C   OXT  sing N N 244 
PHE CB  CG   sing N N 245 
PHE CB  HB2  sing N N 246 
PHE CB  HB3  sing N N 247 
PHE CG  CD1  doub Y N 248 
PHE CG  CD2  sing Y N 249 
PHE CD1 CE1  sing Y N 250 
PHE CD1 HD1  sing N N 251 
PHE CD2 CE2  doub Y N 252 
PHE CD2 HD2  sing N N 253 
PHE CE1 CZ   doub Y N 254 
PHE CE1 HE1  sing N N 255 
PHE CE2 CZ   sing Y N 256 
PHE CE2 HE2  sing N N 257 
PHE CZ  HZ   sing N N 258 
PHE OXT HXT  sing N N 259 
POL O   C1   sing N N 260 
POL O   HO   sing N N 261 
POL C1  C2   sing N N 262 
POL C1  H11  sing N N 263 
POL C1  H12  sing N N 264 
POL C2  C3   sing N N 265 
POL C2  H21  sing N N 266 
POL C2  H22  sing N N 267 
POL C3  H31  sing N N 268 
POL C3  H32  sing N N 269 
POL C3  H33  sing N N 270 
PRO N   CA   sing N N 271 
PRO N   CD   sing N N 272 
PRO N   H    sing N N 273 
PRO CA  C    sing N N 274 
PRO CA  CB   sing N N 275 
PRO CA  HA   sing N N 276 
PRO C   O    doub N N 277 
PRO C   OXT  sing N N 278 
PRO CB  CG   sing N N 279 
PRO CB  HB2  sing N N 280 
PRO CB  HB3  sing N N 281 
PRO CG  CD   sing N N 282 
PRO CG  HG2  sing N N 283 
PRO CG  HG3  sing N N 284 
PRO CD  HD2  sing N N 285 
PRO CD  HD3  sing N N 286 
PRO OXT HXT  sing N N 287 
SER N   CA   sing N N 288 
SER N   H    sing N N 289 
SER N   H2   sing N N 290 
SER CA  C    sing N N 291 
SER CA  CB   sing N N 292 
SER CA  HA   sing N N 293 
SER C   O    doub N N 294 
SER C   OXT  sing N N 295 
SER CB  OG   sing N N 296 
SER CB  HB2  sing N N 297 
SER CB  HB3  sing N N 298 
SER OG  HG   sing N N 299 
SER OXT HXT  sing N N 300 
SO4 S   O1   doub N N 301 
SO4 S   O2   doub N N 302 
SO4 S   O3   sing N N 303 
SO4 S   O4   sing N N 304 
THR N   CA   sing N N 305 
THR N   H    sing N N 306 
THR N   H2   sing N N 307 
THR CA  C    sing N N 308 
THR CA  CB   sing N N 309 
THR CA  HA   sing N N 310 
THR C   O    doub N N 311 
THR C   OXT  sing N N 312 
THR CB  OG1  sing N N 313 
THR CB  CG2  sing N N 314 
THR CB  HB   sing N N 315 
THR OG1 HG1  sing N N 316 
THR CG2 HG21 sing N N 317 
THR CG2 HG22 sing N N 318 
THR CG2 HG23 sing N N 319 
THR OXT HXT  sing N N 320 
TRP N   CA   sing N N 321 
TRP N   H    sing N N 322 
TRP N   H2   sing N N 323 
TRP CA  C    sing N N 324 
TRP CA  CB   sing N N 325 
TRP CA  HA   sing N N 326 
TRP C   O    doub N N 327 
TRP C   OXT  sing N N 328 
TRP CB  CG   sing N N 329 
TRP CB  HB2  sing N N 330 
TRP CB  HB3  sing N N 331 
TRP CG  CD1  doub Y N 332 
TRP CG  CD2  sing Y N 333 
TRP CD1 NE1  sing Y N 334 
TRP CD1 HD1  sing N N 335 
TRP CD2 CE2  doub Y N 336 
TRP CD2 CE3  sing Y N 337 
TRP NE1 CE2  sing Y N 338 
TRP NE1 HE1  sing N N 339 
TRP CE2 CZ2  sing Y N 340 
TRP CE3 CZ3  doub Y N 341 
TRP CE3 HE3  sing N N 342 
TRP CZ2 CH2  doub Y N 343 
TRP CZ2 HZ2  sing N N 344 
TRP CZ3 CH2  sing Y N 345 
TRP CZ3 HZ3  sing N N 346 
TRP CH2 HH2  sing N N 347 
TRP OXT HXT  sing N N 348 
TYR N   CA   sing N N 349 
TYR N   H    sing N N 350 
TYR N   H2   sing N N 351 
TYR CA  C    sing N N 352 
TYR CA  CB   sing N N 353 
TYR CA  HA   sing N N 354 
TYR C   O    doub N N 355 
TYR C   OXT  sing N N 356 
TYR CB  CG   sing N N 357 
TYR CB  HB2  sing N N 358 
TYR CB  HB3  sing N N 359 
TYR CG  CD1  doub Y N 360 
TYR CG  CD2  sing Y N 361 
TYR CD1 CE1  sing Y N 362 
TYR CD1 HD1  sing N N 363 
TYR CD2 CE2  doub Y N 364 
TYR CD2 HD2  sing N N 365 
TYR CE1 CZ   doub Y N 366 
TYR CE1 HE1  sing N N 367 
TYR CE2 CZ   sing Y N 368 
TYR CE2 HE2  sing N N 369 
TYR CZ  OH   sing N N 370 
TYR OH  HH   sing N N 371 
TYR OXT HXT  sing N N 372 
VAL N   CA   sing N N 373 
VAL N   H    sing N N 374 
VAL N   H2   sing N N 375 
VAL CA  C    sing N N 376 
VAL CA  CB   sing N N 377 
VAL CA  HA   sing N N 378 
VAL C   O    doub N N 379 
VAL C   OXT  sing N N 380 
VAL CB  CG1  sing N N 381 
VAL CB  CG2  sing N N 382 
VAL CB  HB   sing N N 383 
VAL CG1 HG11 sing N N 384 
VAL CG1 HG12 sing N N 385 
VAL CG1 HG13 sing N N 386 
VAL CG2 HG21 sing N N 387 
VAL CG2 HG22 sing N N 388 
VAL CG2 HG23 sing N N 389 
VAL OXT HXT  sing N N 390 
# 
_pdbx_initial_refinement_model.id               1 
_pdbx_initial_refinement_model.entity_id_list   ? 
_pdbx_initial_refinement_model.type             'experimental model' 
_pdbx_initial_refinement_model.source_name      PDB 
_pdbx_initial_refinement_model.accession_code   4OIE 
_pdbx_initial_refinement_model.details          ? 
# 
_atom_sites.entry_id                    5O36 
_atom_sites.fract_transf_matrix[1][1]   -0.01029543 
_atom_sites.fract_transf_matrix[1][2]   0.00780582 
_atom_sites.fract_transf_matrix[1][3]   -0.01509998 
_atom_sites.fract_transf_matrix[2][1]   0.00802654 
_atom_sites.fract_transf_matrix[2][2]   0.01000465 
_atom_sites.fract_transf_matrix[2][3]   -0.00030081 
_atom_sites.fract_transf_matrix[3][1]   0.00356799 
_atom_sites.fract_transf_matrix[3][2]   -0.00298202 
_atom_sites.fract_transf_matrix[3][3]   -0.00397425 
_atom_sites.fract_transf_vector[1]      0.427992 
_atom_sites.fract_transf_vector[2]      0.405784 
_atom_sites.fract_transf_vector[3]      0.114705 
# 
loop_
_atom_type.symbol 
C 
H 
N 
O 
S 
# 
loop_
_atom_site.group_PDB 
_atom_site.id 
_atom_site.type_symbol 
_atom_site.label_atom_id 
_atom_site.label_alt_id 
_atom_site.label_comp_id 
_atom_site.label_asym_id 
_atom_site.label_entity_id 
_atom_site.label_seq_id 
_atom_site.pdbx_PDB_ins_code 
_atom_site.Cartn_x 
_atom_site.Cartn_y 
_atom_site.Cartn_z 
_atom_site.occupancy 
_atom_site.B_iso_or_equiv 
_atom_site.pdbx_formal_charge 
_atom_site.auth_seq_id 
_atom_site.auth_comp_id 
_atom_site.auth_asym_id 
_atom_site.auth_atom_id 
_atom_site.pdbx_PDB_model_num 
ATOM   1    N N   . ASP A 1 7   ? -12.888 18.445  6.000   1.00 82.81  ? 177 ASP A N   1 
ATOM   2    C CA  . ASP A 1 7   ? -13.868 17.389  5.591   1.00 81.26  ? 177 ASP A CA  1 
ATOM   3    C C   . ASP A 1 7   ? -13.413 15.973  6.037   1.00 65.13  ? 177 ASP A C   1 
ATOM   4    O O   . ASP A 1 7   ? -12.832 15.162  5.288   1.00 47.15  ? 177 ASP A O   1 
ATOM   5    C CB  . ASP A 1 7   ? -14.148 17.453  4.088   1.00 87.75  ? 177 ASP A CB  1 
ATOM   6    C CG  . ASP A 1 7   ? -12.901 17.256  3.264   1.00 93.58  ? 177 ASP A CG  1 
ATOM   7    O OD1 . ASP A 1 7   ? -11.804 17.617  3.758   1.00 88.45  ? 177 ASP A OD1 1 
ATOM   8    O OD2 . ASP A 1 7   ? -13.016 16.711  2.144   1.00 98.09  ? 177 ASP A OD2 1 
ATOM   9    N N   . GLU A 1 8   ? -13.720 15.702  7.295   1.00 57.86  ? 178 GLU A N   1 
ATOM   10   C CA  . GLU A 1 8   ? -13.488 14.404  7.869   1.00 60.79  ? 178 GLU A CA  1 
ATOM   11   C C   . GLU A 1 8   ? -14.484 13.384  7.336   1.00 51.43  ? 178 GLU A C   1 
ATOM   12   O O   . GLU A 1 8   ? -15.628 13.698  7.095   1.00 42.54  ? 178 GLU A O   1 
ATOM   13   C CB  . GLU A 1 8   ? -13.568 14.484  9.392   1.00 65.40  ? 178 GLU A CB  1 
ATOM   14   C CG  . GLU A 1 8   ? -12.477 15.383  9.953   1.00 70.54  ? 178 GLU A CG  1 
ATOM   15   C CD  . GLU A 1 8   ? -12.208 15.114  11.406  1.00 78.64  ? 178 GLU A CD  1 
ATOM   16   O OE1 . GLU A 1 8   ? -11.024 14.889  11.719  1.00 86.43  ? 178 GLU A OE1 1 
ATOM   17   O OE2 . GLU A 1 8   ? -13.174 15.109  12.213  1.00 79.94  ? 178 GLU A OE2 1 
ATOM   18   N N   . CYS A 1 9   ? -14.038 12.159  7.126   1.00 47.99  ? 179 CYS A N   1 
ATOM   19   C CA  . CYS A 1 9   ? -14.981 11.057  6.938   1.00 48.78  ? 179 CYS A CA  1 
ATOM   20   C C   . CYS A 1 9   ? -15.942 10.990  8.153   1.00 43.87  ? 179 CYS A C   1 
ATOM   21   O O   . CYS A 1 9   ? -15.564 11.205  9.308   1.00 40.39  ? 179 CYS A O   1 
ATOM   22   C CB  . CYS A 1 9   ? -14.260 9.703   6.756   1.00 47.07  ? 179 CYS A CB  1 
ATOM   23   S SG  . CYS A 1 9   ? -12.796 9.730   5.693   1.00 50.06  ? 179 CYS A SG  1 
ATOM   24   N N   . ASP A 1 10  ? -17.187 10.702  7.844   1.00 46.63  ? 180 ASP A N   1 
ATOM   25   C CA  . ASP A 1 10  ? -18.244 10.519  8.821   1.00 50.61  ? 180 ASP A CA  1 
ATOM   26   C C   . ASP A 1 10  ? -17.848 9.459   9.854   1.00 47.85  ? 180 ASP A C   1 
ATOM   27   O O   . ASP A 1 10  ? -17.472 8.354   9.486   1.00 55.11  ? 180 ASP A O   1 
ATOM   28   C CB  . ASP A 1 10  ? -19.485 10.092  8.038   1.00 53.43  ? 180 ASP A CB  1 
ATOM   29   C CG  . ASP A 1 10  ? -20.674 9.896   8.886   1.00 57.83  ? 180 ASP A CG  1 
ATOM   30   O OD1 . ASP A 1 10  ? -20.663 10.297  10.085  1.00 62.30  ? 180 ASP A OD1 1 
ATOM   31   O OD2 . ASP A 1 10  ? -21.641 9.344   8.308   1.00 62.25  ? 180 ASP A OD2 1 
ATOM   32   N N   . GLY A 1 11  ? -17.912 9.815   11.130  1.00 47.16  ? 181 GLY A N   1 
ATOM   33   C CA  . GLY A 1 11  ? -17.490 8.932   12.233  1.00 46.68  ? 181 GLY A CA  1 
ATOM   34   C C   . GLY A 1 11  ? -18.558 8.003   12.821  1.00 47.40  ? 181 GLY A C   1 
ATOM   35   O O   . GLY A 1 11  ? -18.237 6.984   13.455  1.00 46.55  ? 181 GLY A O   1 
ATOM   36   N N   . ALA A 1 12  ? -19.829 8.351   12.620  1.00 48.61  ? 182 ALA A N   1 
ATOM   37   C CA  . ALA A 1 12  ? -20.957 7.454   12.922  1.00 48.58  ? 182 ALA A CA  1 
ATOM   38   C C   . ALA A 1 12  ? -20.749 6.021   12.407  1.00 45.48  ? 182 ALA A C   1 
ATOM   39   O O   . ALA A 1 12  ? -21.073 5.052   13.096  1.00 43.67  ? 182 ALA A O   1 
ATOM   40   C CB  . ALA A 1 12  ? -22.218 8.017   12.312  1.00 51.10  ? 182 ALA A CB  1 
ATOM   41   N N   . ILE A 1 13  ? -20.182 5.913   11.204  1.00 43.24  ? 183 ILE A N   1 
ATOM   42   C CA  . ILE A 1 13  ? -19.995 4.623   10.488  1.00 39.10  ? 183 ILE A CA  1 
ATOM   43   C C   . ILE A 1 13  ? -18.573 3.976   10.520  1.00 34.60  ? 183 ILE A C   1 
ATOM   44   O O   . ILE A 1 13  ? -18.174 3.237   9.611   1.00 30.14  ? 183 ILE A O   1 
ATOM   45   C CB  . ILE A 1 13  ? -20.526 4.784   9.041   1.00 43.70  ? 183 ILE A CB  1 
ATOM   46   C CG1 . ILE A 1 13  ? -19.880 6.004   8.291   1.00 43.96  ? 183 ILE A CG1 1 
ATOM   47   C CG2 . ILE A 1 13  ? -22.065 4.830   9.081   1.00 45.31  ? 183 ILE A CG2 1 
ATOM   48   C CD1 . ILE A 1 13  ? -19.094 5.603   7.037   1.00 49.42  ? 183 ILE A CD1 1 
ATOM   49   N N   . ILE A 1 14  ? -17.832 4.247   11.598  1.00 32.12  ? 184 ILE A N   1 
ATOM   50   C CA  . ILE A 1 14  ? -16.479 3.762   11.766  1.00 29.51  ? 184 ILE A CA  1 
ATOM   51   C C   . ILE A 1 14  ? -16.330 2.859   12.987  1.00 26.71  ? 184 ILE A C   1 
ATOM   52   O O   . ILE A 1 14  ? -16.745 3.210   14.094  1.00 26.00  ? 184 ILE A O   1 
ATOM   53   C CB  . ILE A 1 14  ? -15.492 4.919   11.899  1.00 29.18  ? 184 ILE A CB  1 
ATOM   54   C CG1 . ILE A 1 14  ? -15.580 5.822   10.673  1.00 30.15  ? 184 ILE A CG1 1 
ATOM   55   C CG2 . ILE A 1 14  ? -14.074 4.397   12.055  1.00 28.06  ? 184 ILE A CG2 1 
ATOM   56   C CD1 . ILE A 1 14  ? -14.529 6.930   10.649  1.00 29.76  ? 184 ILE A CD1 1 
ATOM   57   N N   . GLY A 1 15  ? -15.640 1.739   12.778  1.00 24.37  ? 185 GLY A N   1 
ATOM   58   C CA  . GLY A 1 15  ? -15.292 0.839   13.835  1.00 23.38  ? 185 GLY A CA  1 
ATOM   59   C C   . GLY A 1 15  ? -13.806 0.603   13.880  1.00 21.44  ? 185 GLY A C   1 
ATOM   60   O O   . GLY A 1 15  ? -13.222 0.069   12.948  1.00 21.19  ? 185 GLY A O   1 
ATOM   61   N N   . THR A 1 16  ? -13.204 0.933   15.005  1.00 21.90  ? 186 THR A N   1 
ATOM   62   C CA  . THR A 1 16  ? -11.774 0.747   15.198  1.00 22.21  ? 186 THR A CA  1 
ATOM   63   C C   . THR A 1 16  ? -11.553 0.022   16.504  1.00 21.58  ? 186 THR A C   1 
ATOM   64   O O   . THR A 1 16  ? -12.047 0.454   17.540  1.00 23.17  ? 186 THR A O   1 
ATOM   65   C CB  . THR A 1 16  ? -11.109 2.118   15.239  1.00 23.23  ? 186 THR A CB  1 
ATOM   66   O OG1 . THR A 1 16  ? -11.252 2.737   13.964  1.00 21.63  ? 186 THR A OG1 1 
ATOM   67   C CG2 . THR A 1 16  ? -9.645  1.994   15.602  1.00 24.45  ? 186 THR A CG2 1 
ATOM   68   N N   . ALA A 1 17  ? -10.800 -1.062  16.471  1.00 21.31  ? 187 ALA A N   1 
ATOM   69   C CA  . ALA A 1 17  ? -10.582 -1.877  17.687  1.00 21.01  ? 187 ALA A CA  1 
ATOM   70   C C   . ALA A 1 17  ? -9.223  -2.523  17.671  1.00 21.07  ? 187 ALA A C   1 
ATOM   71   O O   . ALA A 1 17  ? -8.750  -2.903  16.626  1.00 22.72  ? 187 ALA A O   1 
ATOM   72   C CB  . ALA A 1 17  ? -11.641 -2.954  17.803  1.00 19.87  ? 187 ALA A CB  1 
ATOM   73   N N   . VAL A 1 18  ? -8.623  -2.666  18.834  1.00 21.43  ? 188 VAL A N   1 
ATOM   74   C CA  . VAL A 1 18  ? -7.450  -3.468  19.012  1.00 21.15  ? 188 VAL A CA  1 
ATOM   75   C C   . VAL A 1 18  ? -7.669  -4.318  20.252  1.00 25.04  ? 188 VAL A C   1 
ATOM   76   O O   . VAL A 1 18  ? -8.178  -3.840  21.298  1.00 25.33  ? 188 VAL A O   1 
ATOM   77   C CB  . VAL A 1 18  ? -6.208  -2.625  19.171  1.00 21.31  ? 188 VAL A CB  1 
ATOM   78   C CG1 . VAL A 1 18  ? -6.366  -1.584  20.295  1.00 21.49  ? 188 VAL A CG1 1 
ATOM   79   C CG2 . VAL A 1 18  ? -4.993  -3.493  19.414  1.00 21.73  ? 188 VAL A CG2 1 
ATOM   80   N N   . LYS A 1 19  ? -7.283  -5.584  20.131  1.00 28.04  ? 189 LYS A N   1 
ATOM   81   C CA  . LYS A 1 19  ? -7.520  -6.556  21.171  1.00 32.29  ? 189 LYS A CA  1 
ATOM   82   C C   . LYS A 1 19  ? -6.273  -7.403  21.167  1.00 35.04  ? 189 LYS A C   1 
ATOM   83   O O   . LYS A 1 19  ? -6.056  -8.226  20.293  1.00 31.72  ? 189 LYS A O   1 
ATOM   84   C CB  . LYS A 1 19  ? -8.810  -7.353  20.913  1.00 32.79  ? 189 LYS A CB  1 
ATOM   85   C CG  . LYS A 1 19  ? -9.055  -8.492  21.876  1.00 36.68  ? 189 LYS A CG  1 
ATOM   86   C CD  . LYS A 1 19  ? -10.166 -9.456  21.431  1.00 46.07  ? 189 LYS A CD  1 
ATOM   87   C CE  . LYS A 1 19  ? -11.485 -9.235  22.194  0.80 55.72  ? 189 LYS A CE  1 
ATOM   88   N NZ  . LYS A 1 19  ? -12.712 -9.756  21.487  0.70 60.06  ? 189 LYS A NZ  1 
ATOM   89   N N   . GLY A 1 20  ? -5.434  -7.148  22.164  1.00 43.31  ? 190 GLY A N   1 
ATOM   90   C CA  . GLY A 1 20  ? -4.176  -7.826  22.293  1.00 48.07  ? 190 GLY A CA  1 
ATOM   91   C C   . GLY A 1 20  ? -3.203  -7.464  21.187  1.00 47.50  ? 190 GLY A C   1 
ATOM   92   O O   . GLY A 1 20  ? -2.734  -6.303  21.175  1.00 39.48  ? 190 GLY A O   1 
ATOM   93   N N   . HIS A 1 21  ? -2.908  -8.449  20.308  1.00 44.56  ? 191 HIS A N   1 
ATOM   94   C CA  . HIS A 1 21  ? -2.008  -8.235  19.154  1.00 52.73  ? 191 HIS A CA  1 
ATOM   95   C C   . HIS A 1 21  ? -2.605  -8.199  17.672  1.00 47.78  ? 191 HIS A C   1 
ATOM   96   O O   . HIS A 1 21  ? -1.898  -8.391  16.668  1.00 42.67  ? 191 HIS A O   1 
ATOM   97   C CB  . HIS A 1 21  ? -0.596  -8.943  19.281  1.00 61.73  ? 191 HIS A CB  1 
ATOM   98   C CG  . HIS A 1 21  ? -0.540  -10.408 19.661  1.00 74.32  ? 191 HIS A CG  1 
ATOM   99   N ND1 . HIS A 1 21  ? -0.847  -11.429 18.780  1.00 77.34  ? 191 HIS A ND1 1 
ATOM   100  C CD2 . HIS A 1 21  ? 0.020   -11.017 20.744  1.00 76.44  ? 191 HIS A CD2 1 
ATOM   101  C CE1 . HIS A 1 21  ? -0.594  -12.600 19.348  1.00 76.51  ? 191 HIS A CE1 1 
ATOM   102  N NE2 . HIS A 1 21  ? -0.067  -12.378 20.540  1.00 77.08  ? 191 HIS A NE2 1 
ATOM   103  N N   . VAL A 1 22  ? -3.898  -7.884  17.549  1.00 39.87  ? 192 VAL A N   1 
ATOM   104  C CA  . VAL A 1 22  ? -4.492  -7.538  16.260  1.00 33.56  ? 192 VAL A CA  1 
ATOM   105  C C   . VAL A 1 22  ? -5.252  -6.225  16.399  1.00 29.62  ? 192 VAL A C   1 
ATOM   106  O O   . VAL A 1 22  ? -5.934  -6.032  17.400  1.00 26.65  ? 192 VAL A O   1 
ATOM   107  C CB  . VAL A 1 22  ? -5.393  -8.648  15.736  1.00 34.04  ? 192 VAL A CB  1 
ATOM   108  C CG1 . VAL A 1 22  ? -5.982  -8.286  14.388  1.00 34.48  ? 192 VAL A CG1 1 
ATOM   109  C CG2 . VAL A 1 22  ? -4.578  -9.903  15.558  1.00 41.36  ? 192 VAL A CG2 1 
ATOM   110  N N   . ALA A 1 23  ? -5.109  -5.334  15.402  1.00 26.24  ? 193 ALA A N   1 
ATOM   111  C CA  . ALA A 1 23  ? -5.877  -4.081  15.356  1.00 25.94  ? 193 ALA A CA  1 
ATOM   112  C C   . ALA A 1 23  ? -6.552  -3.878  14.005  1.00 23.59  ? 193 ALA A C   1 
ATOM   113  O O   . ALA A 1 23  ? -5.947  -4.140  12.973  1.00 23.00  ? 193 ALA A O   1 
ATOM   114  C CB  . ALA A 1 23  ? -4.978  -2.892  15.686  1.00 27.47  ? 193 ALA A CB  1 
ATOM   115  N N   . VAL A 1 24  ? -7.805  -3.404  14.018  1.00 22.40  ? 194 VAL A N   1 
ATOM   116  C CA  . VAL A 1 24  ? -8.555  -3.082  12.791  1.00 19.94  ? 194 VAL A CA  1 
ATOM   117  C C   . VAL A 1 24  ? -9.063  -1.672  12.837  1.00 19.15  ? 194 VAL A C   1 
ATOM   118  O O   . VAL A 1 24  ? -9.666  -1.256  13.829  1.00 17.75  ? 194 VAL A O   1 
ATOM   119  C CB  . VAL A 1 24  ? -9.722  -4.039  12.568  1.00 21.43  ? 194 VAL A CB  1 
ATOM   120  C CG1 . VAL A 1 24  ? -10.453 -3.732  11.258  1.00 21.12  ? 194 VAL A CG1 1 
ATOM   121  C CG2 . VAL A 1 24  ? -9.195  -5.487  12.543  1.00 22.42  ? 194 VAL A CG2 1 
ATOM   122  N N   . HIS A 1 25  ? -8.768  -0.924  11.770  1.00 20.01  ? 195 HIS A N   1 
ATOM   123  C CA  . HIS A 1 25  ? -9.449  0.333   11.464  1.00 21.07  ? 195 HIS A CA  1 
ATOM   124  C C   . HIS A 1 25  ? -10.396 0.051   10.328  1.00 20.36  ? 195 HIS A C   1 
ATOM   125  O O   . HIS A 1 25  ? -9.973  -0.385  9.278   1.00 20.42  ? 195 HIS A O   1 
ATOM   126  C CB  . HIS A 1 25  ? -8.461  1.397   11.024  1.00 22.30  ? 195 HIS A CB  1 
ATOM   127  C CG  . HIS A 1 25  ? -7.622  1.938   12.133  1.00 23.17  ? 195 HIS A CG  1 
ATOM   128  N ND1 . HIS A 1 25  ? -6.487  1.299   12.579  1.00 22.66  ? 195 HIS A ND1 1 
ATOM   129  C CD2 . HIS A 1 25  ? -7.753  3.049   12.893  1.00 23.74  ? 195 HIS A CD2 1 
ATOM   130  C CE1 . HIS A 1 25  ? -5.925  2.008   13.537  1.00 22.31  ? 195 HIS A CE1 1 
ATOM   131  N NE2 . HIS A 1 25  ? -6.675  3.069   13.753  1.00 24.83  ? 195 HIS A NE2 1 
ATOM   132  N N   . SER A 1 26  ? -11.677 0.280   10.547  1.00 20.09  ? 196 SER A N   1 
ATOM   133  C CA  . SER A 1 26  ? -12.677 -0.059  9.553   1.00 21.39  ? 196 SER A CA  1 
ATOM   134  C C   . SER A 1 26  ? -13.818 0.966   9.443   1.00 22.84  ? 196 SER A C   1 
ATOM   135  O O   . SER A 1 26  ? -14.132 1.683   10.410  1.00 23.28  ? 196 SER A O   1 
ATOM   136  C CB  . SER A 1 26  ? -13.245 -1.465  9.812   1.00 20.32  ? 196 SER A CB  1 
ATOM   137  O OG  . SER A 1 26  ? -14.037 -1.489  10.969  1.00 19.49  ? 196 SER A OG  1 
ATOM   138  N N   . ASP A 1 27  ? -14.365 1.077   8.233   1.00 23.46  ? 197 ASP A N   1 
ATOM   139  C CA  . ASP A 1 27  ? -15.574 1.834   7.997   1.00 25.87  ? 197 ASP A CA  1 
ATOM   140  C C   . ASP A 1 27  ? -16.366 1.096   6.945   1.00 24.92  ? 197 ASP A C   1 
ATOM   141  O O   . ASP A 1 27  ? -16.123 -0.083  6.751   1.00 25.83  ? 197 ASP A O   1 
ATOM   142  C CB  . ASP A 1 27  ? -15.264 3.271   7.620   1.00 28.97  ? 197 ASP A CB  1 
ATOM   143  C CG  . ASP A 1 27  ? -14.624 3.414   6.242   1.00 30.50  ? 197 ASP A CG  1 
ATOM   144  O OD1 . ASP A 1 27  ? -14.575 2.490   5.400   1.00 32.23  ? 197 ASP A OD1 1 
ATOM   145  O OD2 . ASP A 1 27  ? -14.146 4.518   6.001   1.00 36.87  ? 197 ASP A OD2 1 
ATOM   146  N N   . LEU A 1 28  ? -17.335 1.740   6.297   1.00 26.22  ? 198 LEU A N   1 
ATOM   147  C CA  . LEU A 1 28  ? -18.142 1.025   5.313   1.00 26.15  ? 198 LEU A CA  1 
ATOM   148  C C   . LEU A 1 28  ? -17.399 0.594   4.051   1.00 27.72  ? 198 LEU A C   1 
ATOM   149  O O   . LEU A 1 28  ? -17.806 -0.396  3.481   1.00 32.14  ? 198 LEU A O   1 
ATOM   150  C CB  . LEU A 1 28  ? -19.390 1.768   4.941   1.00 25.85  ? 198 LEU A CB  1 
ATOM   151  C CG  . LEU A 1 28  ? -20.421 1.851   6.037   1.00 27.94  ? 198 LEU A CG  1 
ATOM   152  C CD1 . LEU A 1 28  ? -21.527 2.746   5.534   1.00 29.09  ? 198 LEU A CD1 1 
ATOM   153  C CD2 . LEU A 1 28  ? -20.980 0.491   6.429   1.00 28.36  ? 198 LEU A CD2 1 
ATOM   154  N N   . SER A 1 29  ? -16.325 1.251   3.628   1.00 27.08  ? 199 SER A N   1 
ATOM   155  C CA  . SER A 1 29  ? -15.541 0.714   2.491   1.00 28.87  ? 199 SER A CA  1 
ATOM   156  C C   . SER A 1 29  ? -14.181 0.132   2.818   1.00 30.71  ? 199 SER A C   1 
ATOM   157  O O   . SER A 1 29  ? -13.734 -0.741  2.078   1.00 35.48  ? 199 SER A O   1 
ATOM   158  C CB  . SER A 1 29  ? -15.389 1.719   1.342   1.00 28.01  ? 199 SER A CB  1 
ATOM   159  O OG  . SER A 1 29  ? -15.102 3.002   1.825   1.00 35.40  ? 199 SER A OG  1 
ATOM   160  N N   . TYR A 1 30  ? -13.525 0.576   3.899   1.00 28.71  ? 200 TYR A N   1 
ATOM   161  C CA  . TYR A 1 30  ? -12.141 0.167   4.198   1.00 25.67  ? 200 TYR A CA  1 
ATOM   162  C C   . TYR A 1 30  ? -12.098 -0.854  5.324   1.00 25.85  ? 200 TYR A C   1 
ATOM   163  O O   . TYR A 1 30  ? -12.934 -0.815  6.229   1.00 24.48  ? 200 TYR A O   1 
ATOM   164  C CB  . TYR A 1 30  ? -11.360 1.375   4.638   1.00 25.75  ? 200 TYR A CB  1 
ATOM   165  C CG  . TYR A 1 30  ? -11.008 2.377   3.584   1.00 26.14  ? 200 TYR A CG  1 
ATOM   166  C CD1 . TYR A 1 30  ? -11.605 2.377   2.299   1.00 27.49  ? 200 TYR A CD1 1 
ATOM   167  C CD2 . TYR A 1 30  ? -10.067 3.361   3.870   1.00 26.77  ? 200 TYR A CD2 1 
ATOM   168  C CE1 . TYR A 1 30  ? -11.246 3.324   1.340   1.00 27.28  ? 200 TYR A CE1 1 
ATOM   169  C CE2 . TYR A 1 30  ? -9.704  4.315   2.927   1.00 27.42  ? 200 TYR A CE2 1 
ATOM   170  C CZ  . TYR A 1 30  ? -10.292 4.277   1.660   1.00 27.59  ? 200 TYR A CZ  1 
ATOM   171  O OH  . TYR A 1 30  ? -9.958  5.195   0.750   1.00 27.82  ? 200 TYR A OH  1 
ATOM   172  N N   . TRP A 1 31  ? -11.149 -1.781  5.265   1.00 24.91  ? 201 TRP A N   1 
ATOM   173  C CA  . TRP A 1 31  ? -10.872 -2.706  6.378   1.00 24.21  ? 201 TRP A CA  1 
ATOM   174  C C   . TRP A 1 31  ? -9.365  -2.781  6.431   1.00 23.23  ? 201 TRP A C   1 
ATOM   175  O O   . TRP A 1 31  ? -8.736  -3.273  5.499   1.00 22.76  ? 201 TRP A O   1 
ATOM   176  C CB  . TRP A 1 31  ? -11.475 -4.097  6.140   1.00 25.00  ? 201 TRP A CB  1 
ATOM   177  C CG  . TRP A 1 31  ? -10.821 -5.218  6.892   1.00 29.13  ? 201 TRP A CG  1 
ATOM   178  C CD1 . TRP A 1 31  ? -9.617  -5.912  6.582   1.00 34.42  ? 201 TRP A CD1 1 
ATOM   179  C CD2 . TRP A 1 31  ? -11.300 -5.808  8.068   1.00 28.03  ? 201 TRP A CD2 1 
ATOM   180  N NE1 . TRP A 1 31  ? -9.358  -6.905  7.527   1.00 35.11  ? 201 TRP A NE1 1 
ATOM   181  C CE2 . TRP A 1 31  ? -10.371 -6.842  8.454   1.00 32.82  ? 201 TRP A CE2 1 
ATOM   182  C CE3 . TRP A 1 31  ? -12.409 -5.588  8.826   1.00 28.50  ? 201 TRP A CE3 1 
ATOM   183  C CZ2 . TRP A 1 31  ? -10.550 -7.601  9.550   1.00 34.40  ? 201 TRP A CZ2 1 
ATOM   184  C CZ3 . TRP A 1 31  ? -12.597 -6.349  9.939   1.00 35.62  ? 201 TRP A CZ3 1 
ATOM   185  C CH2 . TRP A 1 31  ? -11.667 -7.338  10.308  1.00 38.74  ? 201 TRP A CH2 1 
ATOM   186  N N   . ILE A 1 32  ? -8.785  -2.258  7.497   1.00 22.65  ? 202 ILE A N   1 
ATOM   187  C CA  . ILE A 1 32  ? -7.336  -2.119  7.593   1.00 23.66  ? 202 ILE A CA  1 
ATOM   188  C C   . ILE A 1 32  ? -6.833  -2.856  8.833   1.00 24.74  ? 202 ILE A C   1 
ATOM   189  O O   . ILE A 1 32  ? -7.214  -2.498  9.926   1.00 27.23  ? 202 ILE A O   1 
ATOM   190  C CB  . ILE A 1 32  ? -6.977  -0.647  7.660   1.00 22.98  ? 202 ILE A CB  1 
ATOM   191  C CG1 . ILE A 1 32  ? -7.485  0.071   6.378   1.00 24.67  ? 202 ILE A CG1 1 
ATOM   192  C CG2 . ILE A 1 32  ? -5.492  -0.481  7.859   1.00 22.05  ? 202 ILE A CG2 1 
ATOM   193  C CD1 . ILE A 1 32  ? -7.430  1.584   6.463   1.00 25.67  ? 202 ILE A CD1 1 
ATOM   194  N N   . GLU A 1 33  ? -6.039  -3.913  8.641   1.00 24.15  ? 203 GLU A N   1 
ATOM   195  C CA  . GLU A 1 33  ? -5.561  -4.763  9.729   1.00 24.09  ? 203 GLU A CA  1 
ATOM   196  C C   . GLU A 1 33  ? -4.054  -4.599  9.967   1.00 23.73  ? 203 GLU A C   1 
ATOM   197  O O   . GLU A 1 33  ? -3.260  -4.610  9.034   1.00 24.13  ? 203 GLU A O   1 
ATOM   198  C CB  . GLU A 1 33  ? -5.863  -6.188  9.372   1.00 25.24  ? 203 GLU A CB  1 
ATOM   199  C CG  . GLU A 1 33  ? -5.452  -7.196  10.420  1.00 27.66  ? 203 GLU A CG  1 
ATOM   200  C CD  . GLU A 1 33  ? -5.738  -8.618  9.996   1.00 29.60  ? 203 GLU A CD  1 
ATOM   201  O OE1 . GLU A 1 33  ? -5.761  -8.862  8.777   1.00 39.73  ? 203 GLU A OE1 1 
ATOM   202  O OE2 . GLU A 1 33  ? -5.940  -9.496  10.848  1.00 28.99  ? 203 GLU A OE2 1 
ATOM   203  N N   . SER A 1 34  ? -3.670  -4.397  11.215  1.00 23.68  ? 204 SER A N   1 
ATOM   204  C CA  . SER A 1 34  ? -2.273  -4.400  11.610  1.00 24.24  ? 204 SER A CA  1 
ATOM   205  C C   . SER A 1 34  ? -2.138  -5.458  12.691  1.00 23.52  ? 204 SER A C   1 
ATOM   206  O O   . SER A 1 34  ? -3.106  -5.850  13.320  1.00 20.07  ? 204 SER A O   1 
ATOM   207  C CB  . SER A 1 34  ? -1.795  -3.006  12.077  1.00 25.32  ? 204 SER A CB  1 
ATOM   208  O OG  . SER A 1 34  ? -2.517  -2.621  13.219  1.00 27.27  ? 204 SER A OG  1 
ATOM   209  N N   . ARG A 1 35  ? -0.921  -5.936  12.868  1.00 28.30  ? 205 ARG A N   1 
ATOM   210  C CA  . ARG A 1 35  ? -0.656  -7.068  13.749  1.00 35.86  ? 205 ARG A CA  1 
ATOM   211  C C   . ARG A 1 35  ? 0.725   -6.945  14.365  1.00 36.21  ? 205 ARG A C   1 
ATOM   212  O O   . ARG A 1 35  ? 1.662   -6.408  13.761  1.00 35.51  ? 205 ARG A O   1 
ATOM   213  C CB  . ARG A 1 35  ? -0.872  -8.396  12.976  1.00 41.33  ? 205 ARG A CB  1 
ATOM   214  C CG  . ARG A 1 35  ? -0.101  -9.632  13.438  1.00 47.30  ? 205 ARG A CG  1 
ATOM   215  C CD  . ARG A 1 35  ? -0.328  -10.817 12.494  1.00 51.84  ? 205 ARG A CD  1 
ATOM   216  N NE  . ARG A 1 35  ? -1.768  -11.054 12.311  1.00 58.49  ? 205 ARG A NE  1 
ATOM   217  C CZ  . ARG A 1 35  ? -2.577  -11.750 13.137  1.00 61.83  ? 205 ARG A CZ  1 
ATOM   218  N NH1 . ARG A 1 35  ? -2.134  -12.344 14.250  1.00 62.72  ? 205 ARG A NH1 1 
ATOM   219  N NH2 . ARG A 1 35  ? -3.874  -11.844 12.853  1.00 62.62  ? 205 ARG A NH2 1 
ATOM   220  N N   . TYR A 1 36  ? 0.814   -7.423  15.596  1.00 41.27  ? 206 TYR A N   1 
ATOM   221  C CA  . TYR A 1 36  ? 2.069   -7.502  16.339  1.00 43.07  ? 206 TYR A CA  1 
ATOM   222  C C   . TYR A 1 36  ? 2.658   -8.907  16.211  1.00 45.74  ? 206 TYR A C   1 
ATOM   223  O O   . TYR A 1 36  ? 1.983   -9.887  16.484  1.00 42.38  ? 206 TYR A O   1 
ATOM   224  C CB  . TYR A 1 36  ? 1.806   -7.173  17.793  1.00 40.87  ? 206 TYR A CB  1 
ATOM   225  C CG  . TYR A 1 36  ? 3.009   -7.118  18.674  1.00 39.36  ? 206 TYR A CG  1 
ATOM   226  C CD1 . TYR A 1 36  ? 3.758   -5.951  18.781  1.00 39.35  ? 206 TYR A CD1 1 
ATOM   227  C CD2 . TYR A 1 36  ? 3.364   -8.218  19.444  1.00 36.14  ? 206 TYR A CD2 1 
ATOM   228  C CE1 . TYR A 1 36  ? 4.856   -5.898  19.600  1.00 42.81  ? 206 TYR A CE1 1 
ATOM   229  C CE2 . TYR A 1 36  ? 4.456   -8.189  20.252  1.00 36.28  ? 206 TYR A CE2 1 
ATOM   230  C CZ  . TYR A 1 36  ? 5.206   -7.043  20.330  1.00 42.88  ? 206 TYR A CZ  1 
ATOM   231  O OH  . TYR A 1 36  ? 6.305   -7.035  21.148  1.00 47.38  ? 206 TYR A OH  1 
ATOM   232  N N   . ASN A 1 37  ? 3.894   -8.971  15.720  1.00 51.68  ? 207 ASN A N   1 
ATOM   233  C CA  . ASN A 1 37  ? 4.754   -10.107 15.861  1.00 55.40  ? 207 ASN A CA  1 
ATOM   234  C C   . ASN A 1 37  ? 5.874   -9.737  16.837  1.00 57.02  ? 207 ASN A C   1 
ATOM   235  O O   . ASN A 1 37  ? 5.851   -10.159 18.011  1.00 64.15  ? 207 ASN A O   1 
ATOM   236  C CB  . ASN A 1 37  ? 5.309   -10.514 14.510  1.00 70.42  ? 207 ASN A CB  1 
ATOM   237  C CG  . ASN A 1 37  ? 4.663   -11.767 13.980  1.00 74.93  ? 207 ASN A CG  1 
ATOM   238  O OD1 . ASN A 1 37  ? 5.223   -12.851 14.140  1.00 77.40  ? 207 ASN A OD1 1 
ATOM   239  N ND2 . ASN A 1 37  ? 3.479   -11.635 13.365  0.80 73.61  ? 207 ASN A ND2 1 
ATOM   240  N N   . ASP A 1 38  ? 6.844   -8.958  16.383  1.00 45.21  ? 208 ASP A N   1 
ATOM   241  C CA  . ASP A 1 38  ? 7.815   -8.380  17.308  1.00 46.19  ? 208 ASP A CA  1 
ATOM   242  C C   . ASP A 1 38  ? 7.593   -6.894  17.414  1.00 44.48  ? 208 ASP A C   1 
ATOM   243  O O   . ASP A 1 38  ? 7.803   -6.292  18.458  1.00 49.53  ? 208 ASP A O   1 
ATOM   244  C CB  . ASP A 1 38  ? 9.230   -8.664  16.819  1.00 53.52  ? 208 ASP A CB  1 
ATOM   245  C CG  . ASP A 1 38  ? 9.478   -10.151 16.630  1.00 60.37  ? 208 ASP A CG  1 
ATOM   246  O OD1 . ASP A 1 38  ? 9.277   -10.870 17.626  1.00 58.51  ? 208 ASP A OD1 1 
ATOM   247  O OD2 . ASP A 1 38  ? 9.836   -10.599 15.501  1.00 69.56  ? 208 ASP A OD2 1 
ATOM   248  N N   . THR A 1 39  ? 7.228   -6.302  16.287  1.00 40.31  ? 209 THR A N   1 
ATOM   249  C CA  . THR A 1 39  ? 6.707   -4.991  16.211  1.00 37.40  ? 209 THR A CA  1 
ATOM   250  C C   . THR A 1 39  ? 5.290   -5.034  15.631  1.00 36.44  ? 209 THR A C   1 
ATOM   251  O O   . THR A 1 39  ? 4.833   -6.068  15.119  1.00 34.96  ? 209 THR A O   1 
ATOM   252  C CB  . THR A 1 39  ? 7.614   -4.171  15.300  1.00 39.11  ? 209 THR A CB  1 
ATOM   253  O OG1 . THR A 1 39  ? 7.727   -4.831  14.024  1.00 38.31  ? 209 THR A OG1 1 
ATOM   254  C CG2 . THR A 1 39  ? 8.973   -4.034  15.950  1.00 36.58  ? 209 THR A CG2 1 
ATOM   255  N N   . TRP A 1 40  ? 4.611   -3.888  15.747  1.00 33.65  ? 210 TRP A N   1 
ATOM   256  C CA  . TRP A 1 40  ? 3.302   -3.643  15.142  1.00 30.74  ? 210 TRP A CA  1 
ATOM   257  C C   . TRP A 1 40  ? 3.527   -3.159  13.719  1.00 30.72  ? 210 TRP A C   1 
ATOM   258  O O   . TRP A 1 40  ? 4.341   -2.309  13.516  1.00 27.08  ? 210 TRP A O   1 
ATOM   259  C CB  . TRP A 1 40  ? 2.542   -2.526  15.875  1.00 31.02  ? 210 TRP A CB  1 
ATOM   260  C CG  . TRP A 1 40  ? 1.830   -2.929  17.051  1.00 29.14  ? 210 TRP A CG  1 
ATOM   261  C CD1 . TRP A 1 40  ? 2.223   -2.746  18.309  1.00 28.46  ? 210 TRP A CD1 1 
ATOM   262  C CD2 . TRP A 1 40  ? 0.547   -3.554  17.105  1.00 30.18  ? 210 TRP A CD2 1 
ATOM   263  N NE1 . TRP A 1 40  ? 1.289   -3.261  19.182  1.00 27.41  ? 210 TRP A NE1 1 
ATOM   264  C CE2 . TRP A 1 40  ? 0.242   -3.756  18.470  1.00 28.72  ? 210 TRP A CE2 1 
ATOM   265  C CE3 . TRP A 1 40  ? -0.385  -3.965  16.133  1.00 32.19  ? 210 TRP A CE3 1 
ATOM   266  C CZ2 . TRP A 1 40  ? -0.949  -4.360  18.905  1.00 30.85  ? 210 TRP A CZ2 1 
ATOM   267  C CZ3 . TRP A 1 40  ? -1.597  -4.574  16.565  1.00 31.86  ? 210 TRP A CZ3 1 
ATOM   268  C CH2 . TRP A 1 40  ? -1.855  -4.769  17.946  1.00 32.56  ? 210 TRP A CH2 1 
ATOM   269  N N   . LYS A 1 41  ? 2.767   -3.679  12.758  1.00 32.59  ? 211 LYS A N   1 
ATOM   270  C CA  . LYS A 1 41  ? 2.903   -3.311  11.381  1.00 33.36  ? 211 LYS A CA  1 
ATOM   271  C C   . LYS A 1 41  ? 1.594   -3.589  10.643  1.00 34.21  ? 211 LYS A C   1 
ATOM   272  O O   . LYS A 1 41  ? 0.816   -4.478  11.015  1.00 31.67  ? 211 LYS A O   1 
ATOM   273  C CB  . LYS A 1 41  ? 4.067   -4.065  10.710  1.00 36.42  ? 211 LYS A CB  1 
ATOM   274  C CG  . LYS A 1 41  ? 3.989   -5.570  10.752  1.00 42.09  ? 211 LYS A CG  1 
ATOM   275  C CD  . LYS A 1 41  ? 5.292   -6.245  10.320  1.00 51.48  ? 211 LYS A CD  1 
ATOM   276  C CE  . LYS A 1 41  ? 6.400   -6.266  11.386  1.00 56.94  ? 211 LYS A CE  1 
ATOM   277  N NZ  . LYS A 1 41  ? 6.619   -7.537  12.158  1.00 59.22  ? 211 LYS A NZ  1 
ATOM   278  N N   . LEU A 1 42  ? 1.383   -2.811  9.584   1.00 30.28  ? 212 LEU A N   1 
ATOM   279  C CA  . LEU A 1 42  ? 0.326   -3.047  8.665   1.00 28.07  ? 212 LEU A CA  1 
ATOM   280  C C   . LEU A 1 42  ? 0.433   -4.464  7.986   1.00 28.18  ? 212 LEU A C   1 
ATOM   281  O O   . LEU A 1 42  ? 1.446   -4.860  7.407   1.00 24.99  ? 212 LEU A O   1 
ATOM   282  C CB  . LEU A 1 42  ? 0.289   -1.901  7.647   1.00 28.17  ? 212 LEU A CB  1 
ATOM   283  C CG  . LEU A 1 42  ? -0.864  -1.969  6.649   1.00 32.38  ? 212 LEU A CG  1 
ATOM   284  C CD1 . LEU A 1 42  ? -2.239  -1.778  7.316   1.00 30.93  ? 212 LEU A CD1 1 
ATOM   285  C CD2 . LEU A 1 42  ? -0.643  -0.968  5.510   1.00 33.50  ? 212 LEU A CD2 1 
ATOM   286  N N   . GLU A 1 43  ? -0.645  -5.216  8.084   1.00 28.63  ? 213 GLU A N   1 
ATOM   287  C CA  . GLU A 1 43  ? -0.705  -6.531  7.555   1.00 29.98  ? 213 GLU A CA  1 
ATOM   288  C C   . GLU A 1 43  ? -1.384  -6.521  6.204   1.00 30.26  ? 213 GLU A C   1 
ATOM   289  O O   . GLU A 1 43  ? -0.823  -6.969  5.207   1.00 29.13  ? 213 GLU A O   1 
ATOM   290  C CB  . GLU A 1 43  ? -1.461  -7.443  8.516   1.00 32.63  ? 213 GLU A CB  1 
ATOM   291  C CG  . GLU A 1 43  ? -1.104  -8.886  8.239   1.00 38.17  ? 213 GLU A CG  1 
ATOM   292  C CD  . GLU A 1 43  ? -1.948  -9.890  8.973   1.00 42.57  ? 213 GLU A CD  1 
ATOM   293  O OE1 . GLU A 1 43  ? -2.723  -9.533  9.899   0.80 48.78  ? 213 GLU A OE1 1 
ATOM   294  O OE2 . GLU A 1 43  ? -1.802  -11.064 8.613   0.80 46.09  ? 213 GLU A OE2 1 
ATOM   295  N N   . ARG A 1 44  ? -2.627  -6.062  6.184   1.00 31.96  ? 214 ARG A N   1 
ATOM   296  C CA  . ARG A 1 44  ? -3.404  -6.049  4.951   1.00 32.77  ? 214 ARG A CA  1 
ATOM   297  C C   . ARG A 1 44  ? -4.519  -5.023  5.036   1.00 29.75  ? 214 ARG A C   1 
ATOM   298  O O   . ARG A 1 44  ? -4.939  -4.642  6.126   1.00 27.58  ? 214 ARG A O   1 
ATOM   299  C CB  . ARG A 1 44  ? -3.951  -7.445  4.598   1.00 33.15  ? 214 ARG A CB  1 
ATOM   300  C CG  . ARG A 1 44  ? -5.262  -7.767  5.239   1.00 34.28  ? 214 ARG A CG  1 
ATOM   301  C CD  . ARG A 1 44  ? -5.760  -9.142  4.847   1.00 39.38  ? 214 ARG A CD  1 
ATOM   302  N NE  . ARG A 1 44  ? -5.492  -10.082 5.925   1.00 43.57  ? 214 ARG A NE  1 
ATOM   303  C CZ  . ARG A 1 44  ? -4.510  -10.981 5.947   1.00 51.85  ? 214 ARG A CZ  1 
ATOM   304  N NH1 . ARG A 1 44  ? -3.645  -11.141 4.930   1.00 58.92  ? 214 ARG A NH1 1 
ATOM   305  N NH2 . ARG A 1 44  ? -4.377  -11.739 7.029   1.00 56.65  ? 214 ARG A NH2 1 
ATOM   306  N N   . ALA A 1 45  ? -4.962  -4.566  3.874   1.00 27.61  ? 215 ALA A N   1 
ATOM   307  C CA  . ALA A 1 45  ? -6.015  -3.592  3.808   1.00 29.20  ? 215 ALA A CA  1 
ATOM   308  C C   . ALA A 1 45  ? -6.886  -3.923  2.608   1.00 30.57  ? 215 ALA A C   1 
ATOM   309  O O   . ALA A 1 45  ? -6.368  -4.279  1.551   1.00 29.95  ? 215 ALA A O   1 
ATOM   310  C CB  . ALA A 1 45  ? -5.424  -2.191  3.718   1.00 30.25  ? 215 ALA A CB  1 
ATOM   311  N N   . VAL A 1 46  ? -8.208  -3.832  2.791   1.00 31.26  ? 216 VAL A N   1 
ATOM   312  C CA  . VAL A 1 46  ? -9.191  -4.200  1.763   1.00 29.05  ? 216 VAL A CA  1 
ATOM   313  C C   . VAL A 1 46  ? -10.080 -3.008  1.503   1.00 27.50  ? 216 VAL A C   1 
ATOM   314  O O   . VAL A 1 46  ? -10.455 -2.309  2.437   1.00 32.15  ? 216 VAL A O   1 
ATOM   315  C CB  . VAL A 1 46  ? -9.977  -5.406  2.246   1.00 32.00  ? 216 VAL A CB  1 
ATOM   316  C CG1 . VAL A 1 46  ? -10.783 -6.002  1.156   1.00 29.89  ? 216 VAL A CG1 1 
ATOM   317  C CG2 . VAL A 1 46  ? -8.990  -6.478  2.739   1.00 35.76  ? 216 VAL A CG2 1 
ATOM   318  N N   . PHE A 1 47  ? -10.375 -2.739  0.236   1.00 26.40  ? 217 PHE A N   1 
ATOM   319  C CA  . PHE A 1 47  ? -11.017 -1.483  -0.171  1.00 27.80  ? 217 PHE A CA  1 
ATOM   320  C C   . PHE A 1 47  ? -12.140 -1.734  -1.127  1.00 29.32  ? 217 PHE A C   1 
ATOM   321  O O   . PHE A 1 47  ? -11.906 -2.239  -2.238  1.00 33.89  ? 217 PHE A O   1 
ATOM   322  C CB  . PHE A 1 47  ? -10.046 -0.531  -0.870  1.00 28.76  ? 217 PHE A CB  1 
ATOM   323  C CG  . PHE A 1 47  ? -8.826  -0.201  -0.074  1.00 30.18  ? 217 PHE A CG  1 
ATOM   324  C CD1 . PHE A 1 47  ? -7.716  -1.035  -0.106  1.00 29.21  ? 217 PHE A CD1 1 
ATOM   325  C CD2 . PHE A 1 47  ? -8.781  0.944   0.701   1.00 31.45  ? 217 PHE A CD2 1 
ATOM   326  C CE1 . PHE A 1 47  ? -6.594  -0.742  0.642   1.00 30.57  ? 217 PHE A CE1 1 
ATOM   327  C CE2 . PHE A 1 47  ? -7.655  1.259   1.434   1.00 32.49  ? 217 PHE A CE2 1 
ATOM   328  C CZ  . PHE A 1 47  ? -6.553  0.418   1.401   1.00 32.18  ? 217 PHE A CZ  1 
ATOM   329  N N   . GLY A 1 48  ? -13.353 -1.381  -0.719  1.00 30.93  ? 218 GLY A N   1 
ATOM   330  C CA  . GLY A 1 48  ? -14.503 -1.438  -1.594  1.00 34.70  ? 218 GLY A CA  1 
ATOM   331  C C   . GLY A 1 48  ? -14.335 -0.366  -2.646  1.00 38.78  ? 218 GLY A C   1 
ATOM   332  O O   . GLY A 1 48  ? -14.234 -0.639  -3.823  1.00 45.68  ? 218 GLY A O   1 
ATOM   333  N N   . GLU A 1 49  ? -14.291 0.867   -2.208  1.00 43.36  ? 219 GLU A N   1 
ATOM   334  C CA  . GLU A 1 49  ? -13.947 1.942   -3.088  1.00 46.19  ? 219 GLU A CA  1 
ATOM   335  C C   . GLU A 1 49  ? -13.130 2.943   -2.332  1.00 39.31  ? 219 GLU A C   1 
ATOM   336  O O   . GLU A 1 49  ? -13.348 3.179   -1.162  1.00 41.58  ? 219 GLU A O   1 
ATOM   337  C CB  . GLU A 1 49  ? -15.210 2.597   -3.644  1.00 55.17  ? 219 GLU A CB  1 
ATOM   338  C CG  . GLU A 1 49  ? -16.210 3.047   -2.590  1.00 62.23  ? 219 GLU A CG  1 
ATOM   339  C CD  . GLU A 1 49  ? -17.290 3.942   -3.166  1.00 70.90  ? 219 GLU A CD  1 
ATOM   340  O OE1 . GLU A 1 49  ? -17.769 4.812   -2.415  1.00 77.38  ? 219 GLU A OE1 1 
ATOM   341  O OE2 . GLU A 1 49  ? -17.656 3.787   -4.359  1.00 79.55  ? 219 GLU A OE2 1 
ATOM   342  N N   . VAL A 1 50  ? -12.230 3.569   -3.051  1.00 35.55  ? 220 VAL A N   1 
ATOM   343  C CA  . VAL A 1 50  ? -11.349 4.562   -2.516  1.00 32.27  ? 220 VAL A CA  1 
ATOM   344  C C   . VAL A 1 50  ? -12.116 5.853   -2.420  1.00 31.60  ? 220 VAL A C   1 
ATOM   345  O O   . VAL A 1 50  ? -12.877 6.167   -3.297  1.00 33.45  ? 220 VAL A O   1 
ATOM   346  C CB  . VAL A 1 50  ? -10.154 4.692   -3.446  1.00 32.08  ? 220 VAL A CB  1 
ATOM   347  C CG1 . VAL A 1 50  ? -9.213  5.773   -2.962  1.00 32.64  ? 220 VAL A CG1 1 
ATOM   348  C CG2 . VAL A 1 50  ? -9.454  3.334   -3.542  1.00 32.20  ? 220 VAL A CG2 1 
ATOM   349  N N   . LYS A 1 51  ? -11.915 6.604   -1.357  1.00 33.42  ? 221 LYS A N   1 
ATOM   350  C CA  . LYS A 1 51  ? -12.631 7.879   -1.132  1.00 37.22  ? 221 LYS A CA  1 
ATOM   351  C C   . LYS A 1 51  ? -11.678 8.942   -0.631  1.00 32.15  ? 221 LYS A C   1 
ATOM   352  O O   . LYS A 1 51  ? -10.661 8.625   -0.108  1.00 33.62  ? 221 LYS A O   1 
ATOM   353  C CB  . LYS A 1 51  ? -13.789 7.690   -0.138  1.00 42.88  ? 221 LYS A CB  1 
ATOM   354  C CG  . LYS A 1 51  ? -13.463 6.809   1.053   1.00 46.41  ? 221 LYS A CG  1 
ATOM   355  C CD  . LYS A 1 51  ? -14.537 6.902   2.129   1.00 54.78  ? 221 LYS A CD  1 
ATOM   356  C CE  . LYS A 1 51  ? -13.983 6.521   3.494   1.00 55.62  ? 221 LYS A CE  1 
ATOM   357  N NZ  . LYS A 1 51  ? -13.522 5.101   3.495   1.00 59.06  ? 221 LYS A NZ  1 
ATOM   358  N N   . SER A 1 52  ? -12.002 10.199  -0.829  1.00 34.46  ? 222 SER A N   1 
ATOM   359  C CA  . SER A 1 52  ? -11.113 11.309  -0.418  1.00 37.74  ? 222 SER A CA  1 
ATOM   360  C C   . SER A 1 52  ? -11.703 11.997  0.757   1.00 32.77  ? 222 SER A C   1 
ATOM   361  O O   . SER A 1 52  ? -12.594 12.752  0.596   1.00 35.14  ? 222 SER A O   1 
ATOM   362  C CB  . SER A 1 52  ? -10.943 12.339  -1.533  1.00 39.64  ? 222 SER A CB  1 
ATOM   363  O OG  . SER A 1 52  ? -10.074 11.809  -2.509  1.00 46.03  ? 222 SER A OG  1 
ATOM   364  N N   . CYS A 1 53  ? -11.242 11.683  1.939   1.00 31.18  ? 223 CYS A N   1 
ATOM   365  C CA  . CYS A 1 53  ? -11.650 12.377  3.112   1.00 32.88  ? 223 CYS A CA  1 
ATOM   366  C C   . CYS A 1 53  ? -10.588 12.029  4.143   1.00 31.13  ? 223 CYS A C   1 
ATOM   367  O O   . CYS A 1 53  ? -9.662  11.275  3.835   1.00 29.71  ? 223 CYS A O   1 
ATOM   368  C CB  . CYS A 1 53  ? -13.079 12.016  3.531   1.00 34.57  ? 223 CYS A CB  1 
ATOM   369  S SG  . CYS A 1 53  ? -13.420 10.262  3.750   1.00 44.21  ? 223 CYS A SG  1 
ATOM   370  N N   . THR A 1 54  ? -10.681 12.634  5.322   1.00 29.68  ? 224 THR A N   1 
ATOM   371  C CA  . THR A 1 54  ? -9.677  12.468  6.369   1.00 30.57  ? 224 THR A CA  1 
ATOM   372  C C   . THR A 1 54  ? -10.283 11.625  7.480   1.00 30.29  ? 224 THR A C   1 
ATOM   373  O O   . THR A 1 54  ? -11.422 11.890  7.919   1.00 27.71  ? 224 THR A O   1 
ATOM   374  C CB  . THR A 1 54  ? -9.225  13.866  6.863   1.00 30.84  ? 224 THR A CB  1 
ATOM   375  O OG1 . THR A 1 54  ? -8.592  14.531  5.762   1.00 33.10  ? 224 THR A OG1 1 
ATOM   376  C CG2 . THR A 1 54  ? -8.250  13.756  7.982   1.00 29.99  ? 224 THR A CG2 1 
ATOM   377  N N   . TRP A 1 55  ? -9.542  10.603  7.917   1.00 28.29  ? 225 TRP A N   1 
ATOM   378  C CA  . TRP A 1 55  ? -10.057 9.634   8.870   1.00 25.43  ? 225 TRP A CA  1 
ATOM   379  C C   . TRP A 1 55  ? -9.991  10.339  10.181  1.00 25.38  ? 225 TRP A C   1 
ATOM   380  O O   . TRP A 1 55  ? -8.916  10.806  10.533  1.00 29.38  ? 225 TRP A O   1 
ATOM   381  C CB  . TRP A 1 55  ? -9.189  8.381   8.916   1.00 25.55  ? 225 TRP A CB  1 
ATOM   382  C CG  . TRP A 1 55  ? -9.739  7.216   9.719   1.00 25.04  ? 225 TRP A CG  1 
ATOM   383  C CD1 . TRP A 1 55  ? -9.753  7.082   11.075  1.00 26.14  ? 225 TRP A CD1 1 
ATOM   384  C CD2 . TRP A 1 55  ? -10.328 6.029   9.203   1.00 24.51  ? 225 TRP A CD2 1 
ATOM   385  N NE1 . TRP A 1 55  ? -10.350 5.890   11.450  1.00 24.05  ? 225 TRP A NE1 1 
ATOM   386  C CE2 . TRP A 1 55  ? -10.660 5.198   10.317  1.00 24.06  ? 225 TRP A CE2 1 
ATOM   387  C CE3 . TRP A 1 55  ? -10.594 5.565   7.906   1.00 24.04  ? 225 TRP A CE3 1 
ATOM   388  C CZ2 . TRP A 1 55  ? -11.270 3.944   10.169  1.00 22.73  ? 225 TRP A CZ2 1 
ATOM   389  C CZ3 . TRP A 1 55  ? -11.191 4.301   7.761   1.00 24.33  ? 225 TRP A CZ3 1 
ATOM   390  C CH2 . TRP A 1 55  ? -11.544 3.525   8.895   1.00 23.52  ? 225 TRP A CH2 1 
ATOM   391  N N   . PRO A 1 56  ? -11.120 10.423  10.916  1.00 24.89  ? 226 PRO A N   1 
ATOM   392  C CA  . PRO A 1 56  ? -11.114 11.184  12.181  1.00 25.67  ? 226 PRO A CA  1 
ATOM   393  C C   . PRO A 1 56  ? -10.263 10.589  13.309  1.00 25.12  ? 226 PRO A C   1 
ATOM   394  O O   . PRO A 1 56  ? -10.190 9.355   13.474  1.00 24.70  ? 226 PRO A O   1 
ATOM   395  C CB  . PRO A 1 56  ? -12.570 11.236  12.589  1.00 25.27  ? 226 PRO A CB  1 
ATOM   396  C CG  . PRO A 1 56  ? -13.236 10.145  11.826  1.00 25.20  ? 226 PRO A CG  1 
ATOM   397  C CD  . PRO A 1 56  ? -12.421 9.786   10.651  1.00 23.57  ? 226 PRO A CD  1 
ATOM   398  N N   . GLU A 1 57  ? -9.620  11.484  14.054  1.00 23.51  ? 227 GLU A N   1 
ATOM   399  C CA  . GLU A 1 57  ? -8.701  11.094  15.106  1.00 24.71  ? 227 GLU A CA  1 
ATOM   400  C C   . GLU A 1 57  ? -9.429  10.395  16.258  1.00 25.05  ? 227 GLU A C   1 
ATOM   401  O O   . GLU A 1 57  ? -8.816  9.568   16.972  1.00 24.34  ? 227 GLU A O   1 
ATOM   402  C CB  . GLU A 1 57  ? -7.953  12.306  15.647  1.00 25.35  ? 227 GLU A CB  1 
ATOM   403  C CG  . GLU A 1 57  ? -6.982  12.880  14.654  1.00 27.46  ? 227 GLU A CG  1 
ATOM   404  C CD  . GLU A 1 57  ? -5.664  12.166  14.580  1.00 28.83  ? 227 GLU A CD  1 
ATOM   405  O OE1 . GLU A 1 57  ? -5.473  11.127  15.247  1.00 30.01  ? 227 GLU A OE1 1 
ATOM   406  O OE2 . GLU A 1 57  ? -4.802  12.698  13.857  1.00 33.69  ? 227 GLU A OE2 1 
ATOM   407  N N   . THR A 1 58  ? -10.715 10.736  16.424  1.00 22.96  ? 228 THR A N   1 
ATOM   408  C CA  . THR A 1 58  ? -11.572 10.092  17.381  1.00 22.85  ? 228 THR A CA  1 
ATOM   409  C C   . THR A 1 58  ? -11.619 8.584   17.205  1.00 23.16  ? 228 THR A C   1 
ATOM   410  O O   . THR A 1 58  ? -11.853 7.887   18.208  1.00 22.20  ? 228 THR A O   1 
ATOM   411  C CB  . THR A 1 58  ? -13.004 10.580  17.295  1.00 21.92  ? 228 THR A CB  1 
ATOM   412  O OG1 . THR A 1 58  ? -13.390 10.512  15.949  1.00 25.55  ? 228 THR A OG1 1 
ATOM   413  C CG2 . THR A 1 58  ? -13.160 12.010  17.777  1.00 21.79  ? 228 THR A CG2 1 
ATOM   414  N N   . HIS A 1 59  ? -11.410 8.100   15.970  1.00 22.59  ? 229 HIS A N   1 
ATOM   415  C CA  . HIS A 1 59  ? -11.474 6.670   15.648  1.00 24.20  ? 229 HIS A CA  1 
ATOM   416  C C   . HIS A 1 59  ? -10.110 6.129   15.170  1.00 24.04  ? 229 HIS A C   1 
ATOM   417  O O   . HIS A 1 59  ? -10.026 5.158   14.399  1.00 24.06  ? 229 HIS A O   1 
ATOM   418  C CB  . HIS A 1 59  ? -12.571 6.407   14.613  1.00 26.36  ? 229 HIS A CB  1 
ATOM   419  C CG  . HIS A 1 59  ? -13.956 6.748   15.089  1.00 27.92  ? 229 HIS A CG  1 
ATOM   420  N ND1 . HIS A 1 59  ? -14.356 8.038   15.371  1.00 30.12  ? 229 HIS A ND1 1 
ATOM   421  C CD2 . HIS A 1 59  ? -15.035 5.964   15.323  1.00 28.23  ? 229 HIS A CD2 1 
ATOM   422  C CE1 . HIS A 1 59  ? -15.611 8.035   15.778  1.00 28.33  ? 229 HIS A CE1 1 
ATOM   423  N NE2 . HIS A 1 59  ? -16.044 6.786   15.773  1.00 29.80  ? 229 HIS A NE2 1 
ATOM   424  N N   . THR A 1 60  ? -9.047  6.734   15.697  1.00 23.28  ? 230 THR A N   1 
ATOM   425  C CA  . THR A 1 60  ? -7.648  6.460   15.289  1.00 22.98  ? 230 THR A CA  1 
ATOM   426  C C   . THR A 1 60  ? -6.855  6.068   16.540  1.00 21.55  ? 230 THR A C   1 
ATOM   427  O O   . THR A 1 60  ? -6.681  6.854   17.426  1.00 23.16  ? 230 THR A O   1 
ATOM   428  C CB  . THR A 1 60  ? -6.991  7.734   14.628  1.00 21.41  ? 230 THR A CB  1 
ATOM   429  O OG1 . THR A 1 60  ? -7.813  8.195   13.567  1.00 21.20  ? 230 THR A OG1 1 
ATOM   430  C CG2 . THR A 1 60  ? -5.628  7.511   14.095  1.00 20.04  ? 230 THR A CG2 1 
ATOM   431  N N   . LEU A 1 61  ? -6.406  4.833   16.585  1.00 22.00  ? 231 LEU A N   1 
ATOM   432  C CA  . LEU A 1 61  ? -5.356  4.351   17.465  1.00 21.88  ? 231 LEU A CA  1 
ATOM   433  C C   . LEU A 1 61  ? -3.950  4.861   17.087  1.00 23.64  ? 231 LEU A C   1 
ATOM   434  O O   . LEU A 1 61  ? -3.639  5.108   15.901  1.00 23.55  ? 231 LEU A O   1 
ATOM   435  C CB  . LEU A 1 61  ? -5.336  2.832   17.374  1.00 21.72  ? 231 LEU A CB  1 
ATOM   436  C CG  . LEU A 1 61  ? -6.619  2.097   17.763  1.00 21.42  ? 231 LEU A CG  1 
ATOM   437  C CD1 . LEU A 1 61  ? -6.513  0.637   17.347  1.00 21.42  ? 231 LEU A CD1 1 
ATOM   438  C CD2 . LEU A 1 61  ? -6.860  2.221   19.251  1.00 21.21  ? 231 LEU A CD2 1 
ATOM   439  N N   . TRP A 1 62  ? -3.110  4.998   18.107  1.00 25.08  ? 232 TRP A N   1 
ATOM   440  C CA  . TRP A 1 62  ? -1.682  5.301   17.978  1.00 24.75  ? 232 TRP A CA  1 
ATOM   441  C C   . TRP A 1 62  ? -1.370  6.485   17.047  1.00 24.95  ? 232 TRP A C   1 
ATOM   442  O O   . TRP A 1 62  ? -0.617  6.374   16.044  1.00 24.39  ? 232 TRP A O   1 
ATOM   443  C CB  . TRP A 1 62  ? -1.017  4.006   17.534  1.00 26.82  ? 232 TRP A CB  1 
ATOM   444  C CG  . TRP A 1 62  ? 0.390   3.845   17.865  1.00 25.89  ? 232 TRP A CG  1 
ATOM   445  C CD1 . TRP A 1 62  ? 1.139   4.618   18.673  1.00 25.49  ? 232 TRP A CD1 1 
ATOM   446  C CD2 . TRP A 1 62  ? 1.225   2.803   17.398  1.00 26.90  ? 232 TRP A CD2 1 
ATOM   447  N NE1 . TRP A 1 62  ? 2.403   4.151   18.717  1.00 27.45  ? 232 TRP A NE1 1 
ATOM   448  C CE2 . TRP A 1 62  ? 2.500   3.024   17.954  1.00 25.88  ? 232 TRP A CE2 1 
ATOM   449  C CE3 . TRP A 1 62  ? 1.032   1.719   16.529  1.00 28.92  ? 232 TRP A CE3 1 
ATOM   450  C CZ2 . TRP A 1 62  ? 3.594   2.207   17.690  1.00 24.29  ? 232 TRP A CZ2 1 
ATOM   451  C CZ3 . TRP A 1 62  ? 2.131   0.880   16.250  1.00 28.41  ? 232 TRP A CZ3 1 
ATOM   452  C CH2 . TRP A 1 62  ? 3.403   1.146   16.832  1.00 26.65  ? 232 TRP A CH2 1 
ATOM   453  N N   . GLY A 1 63  ? -1.991  7.612   17.385  1.00 24.92  ? 233 GLY A N   1 
ATOM   454  C CA  . GLY A 1 63  ? -1.972  8.813   16.570  1.00 25.80  ? 233 GLY A CA  1 
ATOM   455  C C   . GLY A 1 63  ? -1.090  9.921   17.107  1.00 28.21  ? 233 GLY A C   1 
ATOM   456  O O   . GLY A 1 63  ? -1.021  10.993  16.516  1.00 26.19  ? 233 GLY A O   1 
ATOM   457  N N   . ASP A 1 64  ? -0.425  9.678   18.236  1.00 32.20  ? 234 ASP A N   1 
ATOM   458  C CA  . ASP A 1 64  ? 0.562   10.630  18.784  1.00 34.89  ? 234 ASP A CA  1 
ATOM   459  C C   . ASP A 1 64  ? 1.769   10.646  17.851  1.00 36.83  ? 234 ASP A C   1 
ATOM   460  O O   . ASP A 1 64  ? 2.247   9.596   17.409  1.00 37.22  ? 234 ASP A O   1 
ATOM   461  C CB  . ASP A 1 64  ? 0.991   10.266  20.223  1.00 33.34  ? 234 ASP A CB  1 
ATOM   462  C CG  . ASP A 1 64  ? 1.623   8.904   20.304  1.00 34.10  ? 234 ASP A CG  1 
ATOM   463  O OD1 . ASP A 1 64  ? 0.990   7.917   19.847  1.00 35.75  ? 234 ASP A OD1 1 
ATOM   464  O OD2 . ASP A 1 64  ? 2.761   8.810   20.770  1.00 33.07  ? 234 ASP A OD2 1 
ATOM   465  N N   . ASP A 1 65  ? 2.169   11.847  17.483  1.00 41.03  ? 235 ASP A N   1 
ATOM   466  C CA  . ASP A 1 65  ? 3.445   12.109  16.837  1.00 48.29  ? 235 ASP A CA  1 
ATOM   467  C C   . ASP A 1 65  ? 3.718   11.347  15.541  1.00 41.78  ? 235 ASP A C   1 
ATOM   468  O O   . ASP A 1 65  ? 4.671   10.585  15.433  1.00 38.54  ? 235 ASP A O   1 
ATOM   469  C CB  . ASP A 1 65  ? 4.582   11.877  17.838  1.00 57.04  ? 235 ASP A CB  1 
ATOM   470  C CG  . ASP A 1 65  ? 5.870   12.569  17.423  1.00 63.51  ? 235 ASP A CG  1 
ATOM   471  O OD1 . ASP A 1 65  ? 5.818   13.615  16.709  1.00 56.45  ? 235 ASP A OD1 1 
ATOM   472  O OD2 . ASP A 1 65  ? 6.930   12.045  17.821  1.00 75.35  ? 235 ASP A OD2 1 
ATOM   473  N N   . VAL A 1 66  ? 2.875   11.580  14.553  1.00 41.13  ? 236 VAL A N   1 
ATOM   474  C CA  . VAL A 1 66  ? 2.825   10.706  13.381  1.00 44.52  ? 236 VAL A CA  1 
ATOM   475  C C   . VAL A 1 66  ? 3.428   11.478  12.204  1.00 45.22  ? 236 VAL A C   1 
ATOM   476  O O   . VAL A 1 66  ? 2.927   12.553  11.881  1.00 40.27  ? 236 VAL A O   1 
ATOM   477  C CB  . VAL A 1 66  ? 1.363   10.273  13.084  1.00 39.84  ? 236 VAL A CB  1 
ATOM   478  C CG1 . VAL A 1 66  ? 1.270   9.577   11.741  1.00 43.70  ? 236 VAL A CG1 1 
ATOM   479  C CG2 . VAL A 1 66  ? 0.834   9.359   14.179  1.00 36.43  ? 236 VAL A CG2 1 
ATOM   480  N N   . GLU A 1 67  ? 4.492   10.927  11.601  1.00 46.24  ? 237 GLU A N   1 
ATOM   481  C CA  . GLU A 1 67  ? 5.000   11.380  10.309  1.00 45.03  ? 237 GLU A CA  1 
ATOM   482  C C   . GLU A 1 67  ? 4.053   10.889  9.203   1.00 43.38  ? 237 GLU A C   1 
ATOM   483  O O   . GLU A 1 67  ? 3.989   9.678   8.966   1.00 45.94  ? 237 GLU A O   1 
ATOM   484  C CB  . GLU A 1 67  ? 6.372   10.786  10.026  1.00 50.27  ? 237 GLU A CB  1 
ATOM   485  C CG  . GLU A 1 67  ? 7.446   11.076  11.045  1.00 57.89  ? 237 GLU A CG  1 
ATOM   486  C CD  . GLU A 1 67  ? 8.860   10.988  10.468  1.00 64.74  ? 237 GLU A CD  1 
ATOM   487  O OE1 . GLU A 1 67  ? 9.760   11.598  11.081  0.80 77.63  ? 237 GLU A OE1 1 
ATOM   488  O OE2 . GLU A 1 67  ? 9.095   10.333  9.425   0.80 60.01  ? 237 GLU A OE2 1 
ATOM   489  N N   . GLU A 1 68  ? 3.350   11.804  8.517   1.00 38.75  ? 238 GLU A N   1 
ATOM   490  C CA  . GLU A 1 68  ? 2.421   11.425  7.435   1.00 36.45  ? 238 GLU A CA  1 
ATOM   491  C C   . GLU A 1 68  ? 3.135   10.716  6.244   1.00 35.76  ? 238 GLU A C   1 
ATOM   492  O O   . GLU A 1 68  ? 2.489   9.984   5.461   1.00 33.42  ? 238 GLU A O   1 
ATOM   493  C CB  . GLU A 1 68  ? 1.545   12.623  6.969   1.00 36.89  ? 238 GLU A CB  1 
ATOM   494  C CG  . GLU A 1 68  ? 0.587   13.151  8.045   1.00 43.35  ? 238 GLU A CG  1 
ATOM   495  C CD  . GLU A 1 68  ? -0.547  14.072  7.520   1.00 54.24  ? 238 GLU A CD  1 
ATOM   496  O OE1 . GLU A 1 68  ? -0.372  14.815  6.527   1.00 58.26  ? 238 GLU A OE1 1 
ATOM   497  O OE2 . GLU A 1 68  ? -1.649  14.068  8.112   1.00 56.28  ? 238 GLU A OE2 1 
ATOM   498  N N   . SER A 1 69  ? 4.455   10.913  6.111   1.00 35.55  ? 239 SER A N   1 
ATOM   499  C CA  . SER A 1 69  ? 5.235   10.263  5.044   1.00 37.09  ? 239 SER A CA  1 
ATOM   500  C C   . SER A 1 69  ? 5.372   8.762   5.235   1.00 35.03  ? 239 SER A C   1 
ATOM   501  O O   . SER A 1 69  ? 5.581   8.057   4.270   1.00 30.98  ? 239 SER A O   1 
ATOM   502  C CB  . SER A 1 69  ? 6.639   10.876  4.902   1.00 39.02  ? 239 SER A CB  1 
ATOM   503  O OG  . SER A 1 69  ? 7.425   10.737  6.102   1.00 42.72  ? 239 SER A OG  1 
ATOM   504  N N   . GLU A 1 70  ? 5.307   8.317   6.494   1.00 35.15  ? 240 GLU A N   1 
ATOM   505  C CA  . GLU A 1 70  ? 5.359   6.914   6.857   1.00 36.91  ? 240 GLU A CA  1 
ATOM   506  C C   . GLU A 1 70  ? 4.036   6.149   6.629   1.00 35.17  ? 240 GLU A C   1 
ATOM   507  O O   . GLU A 1 70  ? 4.044   4.921   6.619   1.00 36.19  ? 240 GLU A O   1 
ATOM   508  C CB  . GLU A 1 70  ? 5.729   6.796   8.324   1.00 42.02  ? 240 GLU A CB  1 
ATOM   509  C CG  . GLU A 1 70  ? 7.118   7.309   8.665   1.00 45.81  ? 240 GLU A CG  1 
ATOM   510  C CD  . GLU A 1 70  ? 7.505   7.022   10.108  1.00 51.27  ? 240 GLU A CD  1 
ATOM   511  O OE1 . GLU A 1 70  ? 6.643   7.146   11.037  1.00 59.70  ? 240 GLU A OE1 1 
ATOM   512  O OE2 . GLU A 1 70  ? 8.683   6.676   10.311  1.00 47.43  ? 240 GLU A OE2 1 
ATOM   513  N N   . LEU A 1 71  ? 2.929   6.868   6.440   1.00 30.54  ? 241 LEU A N   1 
ATOM   514  C CA  . LEU A 1 71  ? 1.591   6.274   6.337   1.00 32.50  ? 241 LEU A CA  1 
ATOM   515  C C   . LEU A 1 71  ? 1.303   5.542   5.032   1.00 29.25  ? 241 LEU A C   1 
ATOM   516  O O   . LEU A 1 71  ? 1.027   6.173   4.030   1.00 27.15  ? 241 LEU A O   1 
ATOM   517  C CB  . LEU A 1 71  ? 0.513   7.381   6.532   1.00 33.66  ? 241 LEU A CB  1 
ATOM   518  C CG  . LEU A 1 71  ? 0.489   8.084   7.885   1.00 31.35  ? 241 LEU A CG  1 
ATOM   519  C CD1 . LEU A 1 71  ? -0.559  9.158   7.913   1.00 30.60  ? 241 LEU A CD1 1 
ATOM   520  C CD2 . LEU A 1 71  ? 0.218   7.081   9.001   1.00 33.35  ? 241 LEU A CD2 1 
ATOM   521  N N   . ILE A 1 72  ? 1.272   4.217   5.058   1.00 30.22  ? 242 ILE A N   1 
ATOM   522  C CA  . ILE A 1 72  ? 1.197   3.450   3.797   1.00 30.42  ? 242 ILE A CA  1 
ATOM   523  C C   . ILE A 1 72  ? 0.004   3.857   2.947   1.00 29.76  ? 242 ILE A C   1 
ATOM   524  O O   . ILE A 1 72  ? 0.147   4.203   1.800   1.00 30.56  ? 242 ILE A O   1 
ATOM   525  C CB  . ILE A 1 72  ? 1.076   1.951   4.025   1.00 31.11  ? 242 ILE A CB  1 
ATOM   526  C CG1 . ILE A 1 72  ? 2.257   1.409   4.840   1.00 35.46  ? 242 ILE A CG1 1 
ATOM   527  C CG2 . ILE A 1 72  ? 0.991   1.230   2.696   1.00 31.47  ? 242 ILE A CG2 1 
ATOM   528  C CD1 . ILE A 1 72  ? 3.641   1.652   4.267   1.00 36.04  ? 242 ILE A CD1 1 
ATOM   529  N N   . ILE A 1 73  ? -1.179  3.821   3.533   1.00 28.26  ? 243 ILE A N   1 
ATOM   530  C CA  . ILE A 1 73  ? -2.360  4.314   2.855   1.00 27.55  ? 243 ILE A CA  1 
ATOM   531  C C   . ILE A 1 73  ? -2.383  5.832   3.042   1.00 26.56  ? 243 ILE A C   1 
ATOM   532  O O   . ILE A 1 73  ? -2.542  6.263   4.162   1.00 23.29  ? 243 ILE A O   1 
ATOM   533  C CB  . ILE A 1 73  ? -3.600  3.708   3.504   1.00 28.29  ? 243 ILE A CB  1 
ATOM   534  C CG1 . ILE A 1 73  ? -3.572  2.185   3.367   1.00 28.84  ? 243 ILE A CG1 1 
ATOM   535  C CG2 . ILE A 1 73  ? -4.884  4.288   2.913   1.00 27.50  ? 243 ILE A CG2 1 
ATOM   536  C CD1 . ILE A 1 73  ? -4.425  1.511   4.418   1.00 31.26  ? 243 ILE A CD1 1 
ATOM   537  N N   . PRO A 1 74  ? -2.237  6.634   1.965   1.00 27.21  ? 244 PRO A N   1 
ATOM   538  C CA  . PRO A 1 74  ? -2.128  8.090   2.126   1.00 27.59  ? 244 PRO A CA  1 
ATOM   539  C C   . PRO A 1 74  ? -3.276  8.652   2.922   1.00 28.77  ? 244 PRO A C   1 
ATOM   540  O O   . PRO A 1 74  ? -4.397  8.185   2.787   1.00 26.73  ? 244 PRO A O   1 
ATOM   541  C CB  . PRO A 1 74  ? -2.193  8.631   0.711   1.00 27.24  ? 244 PRO A CB  1 
ATOM   542  C CG  . PRO A 1 74  ? -1.753  7.500   -0.152  1.00 29.06  ? 244 PRO A CG  1 
ATOM   543  C CD  . PRO A 1 74  ? -2.215  6.247   0.548   1.00 29.44  ? 244 PRO A CD  1 
ATOM   544  N N   . HIS A 1 75  ? -2.981  9.645   3.746   1.00 29.86  ? 245 HIS A N   1 
ATOM   545  C CA  . HIS A 1 75  ? -4.001  10.288  4.552   1.00 33.97  ? 245 HIS A CA  1 
ATOM   546  C C   . HIS A 1 75  ? -5.074  11.011  3.770   1.00 32.89  ? 245 HIS A C   1 
ATOM   547  O O   . HIS A 1 75  ? -6.173  11.192  4.284   1.00 34.53  ? 245 HIS A O   1 
ATOM   548  C CB  . HIS A 1 75  ? -3.373  11.242  5.572   1.00 39.92  ? 245 HIS A CB  1 
ATOM   549  C CG  . HIS A 1 75  ? -2.827  12.497  4.980   1.00 44.07  ? 245 HIS A CG  1 
ATOM   550  N ND1 . HIS A 1 75  ? -3.486  13.702  5.079   1.00 47.90  ? 245 HIS A ND1 1 
ATOM   551  C CD2 . HIS A 1 75  ? -1.693  12.735  4.273   1.00 49.45  ? 245 HIS A CD2 1 
ATOM   552  C CE1 . HIS A 1 75  ? -2.777  14.631  4.459   1.00 52.69  ? 245 HIS A CE1 1 
ATOM   553  N NE2 . HIS A 1 75  ? -1.688  14.069  3.956   1.00 53.42  ? 245 HIS A NE2 1 
ATOM   554  N N   . THR A 1 76  ? -4.763  11.440  2.548   1.00 33.73  ? 246 THR A N   1 
ATOM   555  C CA  . THR A 1 76  ? -5.748  12.094  1.667   1.00 35.54  ? 246 THR A CA  1 
ATOM   556  C C   . THR A 1 76  ? -6.840  11.146  1.155   1.00 34.87  ? 246 THR A C   1 
ATOM   557  O O   . THR A 1 76  ? -7.909  11.577  0.712   1.00 35.07  ? 246 THR A O   1 
ATOM   558  C CB  . THR A 1 76  ? -5.069  12.712  0.420   1.00 39.32  ? 246 THR A CB  1 
ATOM   559  O OG1 . THR A 1 76  ? -4.174  11.761  -0.163  1.00 42.28  ? 246 THR A OG1 1 
ATOM   560  C CG2 . THR A 1 76  ? -4.287  13.964  0.789   1.00 38.36  ? 246 THR A CG2 1 
ATOM   561  N N   . ILE A 1 77  ? -6.579  9.849   1.188   1.00 33.57  ? 247 ILE A N   1 
ATOM   562  C CA  . ILE A 1 77  ? -7.590  8.899   0.760   1.00 33.21  ? 247 ILE A CA  1 
ATOM   563  C C   . ILE A 1 77  ? -8.040  8.092   1.949   1.00 30.36  ? 247 ILE A C   1 
ATOM   564  O O   . ILE A 1 77  ? -8.174  6.875   1.873   1.00 29.72  ? 247 ILE A O   1 
ATOM   565  C CB  . ILE A 1 77  ? -7.146  8.025   -0.460  1.00 32.63  ? 247 ILE A CB  1 
ATOM   566  C CG1 . ILE A 1 77  ? -5.844  7.253   -0.221  1.00 30.29  ? 247 ILE A CG1 1 
ATOM   567  C CG2 . ILE A 1 77  ? -6.967  8.907   -1.684  1.00 32.79  ? 247 ILE A CG2 1 
ATOM   568  C CD1 . ILE A 1 77  ? -5.759  6.079   -1.161  1.00 31.01  ? 247 ILE A CD1 1 
ATOM   569  N N   . ALA A 1 78  ? -8.295  8.813   3.035   1.00 27.77  ? 248 ALA A N   1 
ATOM   570  C CA  . ALA A 1 78  ? -8.828  8.250   4.289   1.00 28.21  ? 248 ALA A CA  1 
ATOM   571  C C   . ALA A 1 78  ? -7.939  7.209   4.950   1.00 27.01  ? 248 ALA A C   1 
ATOM   572  O O   . ALA A 1 78  ? -8.422  6.385   5.733   1.00 27.42  ? 248 ALA A O   1 
ATOM   573  C CB  . ALA A 1 78  ? -10.263 7.736   4.092   1.00 27.18  ? 248 ALA A CB  1 
ATOM   574  N N   . GLY A 1 79  ? -6.642  7.254   4.656   1.00 26.24  ? 249 GLY A N   1 
ATOM   575  C CA  . GLY A 1 79  ? -5.669  6.454   5.398   1.00 26.78  ? 249 GLY A CA  1 
ATOM   576  C C   . GLY A 1 79  ? -5.622  6.952   6.827   1.00 27.74  ? 249 GLY A C   1 
ATOM   577  O O   . GLY A 1 79  ? -5.463  8.146   7.049   1.00 28.47  ? 249 GLY A O   1 
ATOM   578  N N   . PRO A 1 80  ? -5.805  6.054   7.821   1.00 29.22  ? 250 PRO A N   1 
ATOM   579  C CA  . PRO A 1 80  ? -5.753  6.550   9.208   1.00 27.05  ? 250 PRO A CA  1 
ATOM   580  C C   . PRO A 1 80  ? -4.415  7.104   9.588   1.00 24.15  ? 250 PRO A C   1 
ATOM   581  O O   . PRO A 1 80  ? -3.393  6.577   9.207   1.00 21.98  ? 250 PRO A O   1 
ATOM   582  C CB  . PRO A 1 80  ? -6.071  5.316   10.035  1.00 27.66  ? 250 PRO A CB  1 
ATOM   583  C CG  . PRO A 1 80  ? -6.854  4.459   9.127   1.00 28.03  ? 250 PRO A CG  1 
ATOM   584  C CD  . PRO A 1 80  ? -6.238  4.649   7.778   1.00 27.99  ? 250 PRO A CD  1 
ATOM   585  N N   . LYS A 1 81  ? -4.439  8.205   10.305  1.00 26.08  ? 251 LYS A N   1 
ATOM   586  C CA  . LYS A 1 81  ? -3.206  8.884   10.718  1.00 28.93  ? 251 LYS A CA  1 
ATOM   587  C C   . LYS A 1 81  ? -2.670  8.194   11.977  1.00 27.48  ? 251 LYS A C   1 
ATOM   588  O O   . LYS A 1 81  ? -2.603  8.774   13.059  1.00 28.68  ? 251 LYS A O   1 
ATOM   589  C CB  . LYS A 1 81  ? -3.487  10.375  10.908  1.00 32.00  ? 251 LYS A CB  1 
ATOM   590  C CG  . LYS A 1 81  ? -4.025  11.000  9.617   1.00 36.68  ? 251 LYS A CG  1 
ATOM   591  C CD  . LYS A 1 81  ? -4.069  12.527  9.639   1.00 39.43  ? 251 LYS A CD  1 
ATOM   592  C CE  . LYS A 1 81  ? -5.402  13.027  10.167  1.00 43.74  ? 251 LYS A CE  1 
ATOM   593  N NZ  . LYS A 1 81  ? -5.352  14.467  10.542  1.00 48.54  ? 251 LYS A NZ  1 
ATOM   594  N N   . SER A 1 82  ? -2.282  6.945   11.787  1.00 25.22  ? 252 SER A N   1 
ATOM   595  C CA  . SER A 1 82  ? -1.997  6.012   12.859  1.00 26.18  ? 252 SER A CA  1 
ATOM   596  C C   . SER A 1 82  ? -0.672  5.305   12.588  1.00 25.63  ? 252 SER A C   1 
ATOM   597  O O   . SER A 1 82  ? -0.387  4.902   11.432  1.00 25.00  ? 252 SER A O   1 
ATOM   598  C CB  . SER A 1 82  ? -3.126  4.918   12.931  1.00 25.96  ? 252 SER A CB  1 
ATOM   599  O OG  . SER A 1 82  ? -2.753  3.827   13.764  1.00 22.44  ? 252 SER A OG  1 
ATOM   600  N N   . LYS A 1 83  ? 0.083   5.055   13.652  1.00 25.64  ? 253 LYS A N   1 
ATOM   601  C CA  . LYS A 1 83  ? 1.282   4.251   13.509  1.00 26.83  ? 253 LYS A CA  1 
ATOM   602  C C   . LYS A 1 83  ? 1.066   2.801   13.194  1.00 25.28  ? 253 LYS A C   1 
ATOM   603  O O   . LYS A 1 83  ? 2.004   2.138   12.771  1.00 21.74  ? 253 LYS A O   1 
ATOM   604  C CB  . LYS A 1 83  ? 2.162   4.411   14.682  1.00 31.37  ? 253 LYS A CB  1 
ATOM   605  C CG  . LYS A 1 83  ? 2.797   5.780   14.678  1.00 37.83  ? 253 LYS A CG  1 
ATOM   606  C CD  . LYS A 1 83  ? 3.541   6.036   15.977  1.00 44.14  ? 253 LYS A CD  1 
ATOM   607  C CE  . LYS A 1 83  ? 4.429   7.246   15.833  1.00 53.45  ? 253 LYS A CE  1 
ATOM   608  N NZ  . LYS A 1 83  ? 4.468   8.034   17.096  1.00 61.62  ? 253 LYS A NZ  1 
ATOM   609  N N   . HIS A 1 84  ? -0.174  2.320   13.342  1.00 26.10  ? 254 HIS A N   1 
ATOM   610  C CA  . HIS A 1 84  ? -0.576  1.016   12.822  1.00 25.64  ? 254 HIS A CA  1 
ATOM   611  C C   . HIS A 1 84  ? -0.498  0.954   11.305  1.00 26.86  ? 254 HIS A C   1 
ATOM   612  O O   . HIS A 1 84  ? -0.297  -0.136  10.756  1.00 27.74  ? 254 HIS A O   1 
ATOM   613  C CB  . HIS A 1 84  ? -1.985  0.641   13.270  1.00 26.20  ? 254 HIS A CB  1 
ATOM   614  C CG  . HIS A 1 84  ? -2.077  0.386   14.733  1.00 26.59  ? 254 HIS A CG  1 
ATOM   615  N ND1 . HIS A 1 84  ? -1.631  -0.779  15.303  1.00 27.08  ? 254 HIS A ND1 1 
ATOM   616  C CD2 . HIS A 1 84  ? -2.479  1.174   15.755  1.00 27.74  ? 254 HIS A CD2 1 
ATOM   617  C CE1 . HIS A 1 84  ? -1.782  -0.718  16.608  1.00 27.00  ? 254 HIS A CE1 1 
ATOM   618  N NE2 . HIS A 1 84  ? -2.266  0.472   16.913  1.00 27.94  ? 254 HIS A NE2 1 
ATOM   619  N N   . ASN A 1 85  ? -0.646  2.112   10.644  1.00 26.49  ? 255 ASN A N   1 
ATOM   620  C CA  . ASN A 1 85  ? -0.628  2.224   9.174   1.00 25.81  ? 255 ASN A CA  1 
ATOM   621  C C   . ASN A 1 85  ? 0.806   2.365   8.628   1.00 23.62  ? 255 ASN A C   1 
ATOM   622  O O   . ASN A 1 85  ? 1.110   3.339   7.916   1.00 23.10  ? 255 ASN A O   1 
ATOM   623  C CB  . ASN A 1 85  ? -1.525  3.415   8.791   1.00 26.30  ? 255 ASN A CB  1 
ATOM   624  C CG  . ASN A 1 85  ? -1.730  3.599   7.282   1.00 26.10  ? 255 ASN A CG  1 
ATOM   625  O OD1 . ASN A 1 85  ? -1.391  2.745   6.432   1.00 26.81  ? 255 ASN A OD1 1 
ATOM   626  N ND2 . ASN A 1 85  ? -2.319  4.739   6.949   1.00 24.95  ? 255 ASN A ND2 1 
ATOM   627  N N   . ARG A 1 86  ? 1.677   1.405   8.981   1.00 21.94  ? 256 ARG A N   1 
ATOM   628  C CA  . ARG A 1 86  ? 3.104   1.469   8.617   1.00 22.99  ? 256 ARG A CA  1 
ATOM   629  C C   . ARG A 1 86  ? 3.756   0.138   8.346   1.00 23.67  ? 256 ARG A C   1 
ATOM   630  O O   . ARG A 1 86  ? 3.339   -0.944  8.836   1.00 25.36  ? 256 ARG A O   1 
ATOM   631  C CB  . ARG A 1 86  ? 3.931   2.187   9.687   1.00 23.82  ? 256 ARG A CB  1 
ATOM   632  C CG  . ARG A 1 86  ? 3.426   3.576   10.074  1.00 23.86  ? 256 ARG A CG  1 
ATOM   633  C CD  . ARG A 1 86  ? 4.391   4.251   10.990  1.00 25.66  ? 256 ARG A CD  1 
ATOM   634  N NE  . ARG A 1 86  ? 4.612   3.478   12.199  1.00 30.14  ? 256 ARG A NE  1 
ATOM   635  C CZ  . ARG A 1 86  ? 5.488   3.770   13.168  1.00 33.64  ? 256 ARG A CZ  1 
ATOM   636  N NH1 . ARG A 1 86  ? 6.279   4.841   13.108  1.00 38.12  ? 256 ARG A NH1 1 
ATOM   637  N NH2 . ARG A 1 86  ? 5.565   2.982   14.222  1.00 33.92  ? 256 ARG A NH2 1 
ATOM   638  N N   . ARG A 1 87  ? 4.788   0.196   7.544   1.00 24.48  ? 257 ARG A N   1 
ATOM   639  C CA  . ARG A 1 87  ? 5.625   -0.986  7.329   1.00 28.31  ? 257 ARG A CA  1 
ATOM   640  C C   . ARG A 1 87  ? 7.030   -0.453  7.186   1.00 31.13  ? 257 ARG A C   1 
ATOM   641  O O   . ARG A 1 87  ? 7.260   0.586   6.578   1.00 33.90  ? 257 ARG A O   1 
ATOM   642  C CB  . ARG A 1 87  ? 5.178   -1.791  6.089   1.00 29.07  ? 257 ARG A CB  1 
ATOM   643  C CG  . ARG A 1 87  ? 5.723   -3.209  5.959   1.00 28.80  ? 257 ARG A CG  1 
ATOM   644  C CD  . ARG A 1 87  ? 4.869   -4.291  6.602   1.00 28.42  ? 257 ARG A CD  1 
ATOM   645  N NE  . ARG A 1 87  ? 5.389   -5.663  6.432   1.00 28.46  ? 257 ARG A NE  1 
ATOM   646  C CZ  . ARG A 1 87  ? 4.693   -6.792  6.648   1.00 30.48  ? 257 ARG A CZ  1 
ATOM   647  N NH1 . ARG A 1 87  ? 3.426   -6.766  7.069   1.00 30.58  ? 257 ARG A NH1 1 
ATOM   648  N NH2 . ARG A 1 87  ? 5.250   -7.972  6.416   1.00 31.60  ? 257 ARG A NH2 1 
ATOM   649  N N   . GLU A 1 88  ? 7.959   -1.166  7.786   1.00 36.78  ? 258 GLU A N   1 
ATOM   650  C CA  . GLU A 1 88  ? 9.356   -0.825  7.743   1.00 39.67  ? 258 GLU A CA  1 
ATOM   651  C C   . GLU A 1 88  ? 9.852   -0.914  6.273   1.00 36.64  ? 258 GLU A C   1 
ATOM   652  O O   . GLU A 1 88  ? 9.569   -1.907  5.586   1.00 29.90  ? 258 GLU A O   1 
ATOM   653  C CB  . GLU A 1 88  ? 10.105  -1.786  8.673   1.00 48.17  ? 258 GLU A CB  1 
ATOM   654  C CG  . GLU A 1 88  ? 11.305  -1.177  9.391   1.00 60.35  ? 258 GLU A CG  1 
ATOM   655  C CD  . GLU A 1 88  ? 12.624  -1.673  8.868   1.00 67.10  ? 258 GLU A CD  1 
ATOM   656  O OE1 . GLU A 1 88  ? 12.631  -2.526  7.950   0.80 72.72  ? 258 GLU A OE1 1 
ATOM   657  O OE2 . GLU A 1 88  ? 13.655  -1.210  9.404   0.80 77.48  ? 258 GLU A OE2 1 
ATOM   658  N N   . GLY A 1 89  ? 10.539  0.142   5.801   1.00 33.11  ? 259 GLY A N   1 
ATOM   659  C CA  . GLY A 1 89  ? 11.085  0.181   4.460   1.00 31.36  ? 259 GLY A CA  1 
ATOM   660  C C   . GLY A 1 89  ? 10.153  0.721   3.403   1.00 34.41  ? 259 GLY A C   1 
ATOM   661  O O   . GLY A 1 89  ? 10.424  0.569   2.207   1.00 34.38  ? 259 GLY A O   1 
ATOM   662  N N   . TYR A 1 90  ? 9.041   1.342   3.815   1.00 34.37  ? 260 TYR A N   1 
ATOM   663  C CA  . TYR A 1 90  ? 8.057   1.866   2.855   1.00 31.96  ? 260 TYR A CA  1 
ATOM   664  C C   . TYR A 1 90  ? 7.584   3.180   3.331   1.00 29.26  ? 260 TYR A C   1 
ATOM   665  O O   . TYR A 1 90  ? 7.352   3.336   4.490   1.00 27.66  ? 260 TYR A O   1 
ATOM   666  C CB  . TYR A 1 90  ? 6.848   0.923   2.665   1.00 30.38  ? 260 TYR A CB  1 
ATOM   667  C CG  . TYR A 1 90  ? 7.233   -0.383  2.054   1.00 28.70  ? 260 TYR A CG  1 
ATOM   668  C CD1 . TYR A 1 90  ? 7.400   -0.511  0.679   1.00 30.88  ? 260 TYR A CD1 1 
ATOM   669  C CD2 . TYR A 1 90  ? 7.512   -1.466  2.840   1.00 27.31  ? 260 TYR A CD2 1 
ATOM   670  C CE1 . TYR A 1 90  ? 7.777   -1.738  0.096   1.00 29.43  ? 260 TYR A CE1 1 
ATOM   671  C CE2 . TYR A 1 90  ? 7.904   -2.671  2.287   1.00 27.48  ? 260 TYR A CE2 1 
ATOM   672  C CZ  . TYR A 1 90  ? 8.053   -2.805  0.917   1.00 28.06  ? 260 TYR A CZ  1 
ATOM   673  O OH  . TYR A 1 90  ? 8.435   -4.019  0.388   1.00 27.44  ? 260 TYR A OH  1 
ATOM   674  N N   . LYS A 1 91  ? 7.445   4.122   2.415   1.00 32.37  ? 261 LYS A N   1 
ATOM   675  C CA  . LYS A 1 91  ? 6.869   5.418   2.710   1.00 34.38  ? 261 LYS A CA  1 
ATOM   676  C C   . LYS A 1 91  ? 5.472   5.405   2.085   1.00 34.59  ? 261 LYS A C   1 
ATOM   677  O O   . LYS A 1 91  ? 5.028   4.372   1.538   1.00 34.85  ? 261 LYS A O   1 
ATOM   678  C CB  . LYS A 1 91  ? 7.772   6.514   2.157   1.00 39.17  ? 261 LYS A CB  1 
ATOM   679  C CG  . LYS A 1 91  ? 9.188   6.478   2.742   1.00 42.54  ? 261 LYS A CG  1 
ATOM   680  C CD  . LYS A 1 91  ? 9.932   7.802   2.556   1.00 50.39  ? 261 LYS A CD  1 
ATOM   681  C CE  . LYS A 1 91  ? 10.696  7.884   1.247   0.80 53.90  ? 261 LYS A CE  1 
ATOM   682  N NZ  . LYS A 1 91  ? 11.471  9.147   1.182   0.80 55.52  ? 261 LYS A NZ  1 
ATOM   683  N N   . THR A 1 92  ? 4.751   6.510   2.220   1.00 32.27  ? 262 THR A N   1 
ATOM   684  C CA  . THR A 1 92  ? 3.377   6.559   1.795   1.00 32.70  ? 262 THR A CA  1 
ATOM   685  C C   . THR A 1 92  ? 3.236   6.212   0.304   1.00 33.06  ? 262 THR A C   1 
ATOM   686  O O   . THR A 1 92  ? 4.013   6.675   -0.535  1.00 35.69  ? 262 THR A O   1 
ATOM   687  C CB  . THR A 1 92  ? 2.710   7.898   2.152   1.00 33.75  ? 262 THR A CB  1 
ATOM   688  O OG1 . THR A 1 92  ? 1.316   7.881   1.757   1.00 33.67  ? 262 THR A OG1 1 
ATOM   689  C CG2 . THR A 1 92  ? 3.409   9.029   1.472   1.00 38.29  ? 262 THR A CG2 1 
ATOM   690  N N   . GLN A 1 93  ? 2.252   5.370   -0.004  1.00 29.79  ? 263 GLN A N   1 
ATOM   691  C CA  . GLN A 1 93  ? 2.022   4.884   -1.362  1.00 29.34  ? 263 GLN A CA  1 
ATOM   692  C C   . GLN A 1 93  ? 1.046   5.788   -2.113  1.00 28.87  ? 263 GLN A C   1 
ATOM   693  O O   . GLN A 1 93  ? -0.012  5.359   -2.558  1.00 29.79  ? 263 GLN A O   1 
ATOM   694  C CB  . GLN A 1 93  ? 1.484   3.465   -1.328  1.00 28.96  ? 263 GLN A CB  1 
ATOM   695  C CG  . GLN A 1 93  ? 2.377   2.489   -0.610  1.00 30.61  ? 263 GLN A CG  1 
ATOM   696  C CD  . GLN A 1 93  ? 3.668   2.266   -1.361  1.00 32.72  ? 263 GLN A CD  1 
ATOM   697  O OE1 . GLN A 1 93  ? 3.659   1.886   -2.540  1.00 30.88  ? 263 GLN A OE1 1 
ATOM   698  N NE2 . GLN A 1 93  ? 4.801   2.498   -0.678  1.00 33.80  ? 263 GLN A NE2 1 
ATOM   699  N N   . ASN A 1 94  ? 1.391   7.049   -2.238  1.00 29.74  ? 264 ASN A N   1 
ATOM   700  C CA  . ASN A 1 94  ? 0.526   7.966   -2.957  1.00 31.99  ? 264 ASN A CA  1 
ATOM   701  C C   . ASN A 1 94  ? 0.374   7.670   -4.450  1.00 29.83  ? 264 ASN A C   1 
ATOM   702  O O   . ASN A 1 94  ? -0.638  8.039   -4.994  1.00 28.46  ? 264 ASN A O   1 
ATOM   703  C CB  . ASN A 1 94  ? 0.945   9.424   -2.728  1.00 34.42  ? 264 ASN A CB  1 
ATOM   704  C CG  . ASN A 1 94  ? 2.322   9.707   -3.254  1.00 36.23  ? 264 ASN A CG  1 
ATOM   705  O OD1 . ASN A 1 94  ? 3.287   9.101   -2.814  1.00 38.24  ? 264 ASN A OD1 1 
ATOM   706  N ND2 . ASN A 1 94  ? 2.415   10.597  -4.213  1.00 37.29  ? 264 ASN A ND2 1 
ATOM   707  N N   . GLN A 1 95  ? 1.327   6.977   -5.093  1.00 34.67  ? 265 GLN A N   1 
ATOM   708  C CA  . GLN A 1 95  ? 1.182   6.558   -6.527  1.00 35.84  ? 265 GLN A CA  1 
ATOM   709  C C   . GLN A 1 95  ? 0.914   5.069   -6.731  1.00 33.92  ? 265 GLN A C   1 
ATOM   710  O O   . GLN A 1 95  ? 1.322   4.462   -7.735  1.00 33.44  ? 265 GLN A O   1 
ATOM   711  C CB  . GLN A 1 95  ? 2.383   6.996   -7.368  1.00 39.68  ? 265 GLN A CB  1 
ATOM   712  C CG  . GLN A 1 95  ? 2.693   8.473   -7.237  1.00 43.43  ? 265 GLN A CG  1 
ATOM   713  C CD  . GLN A 1 95  ? 3.739   8.976   -8.218  1.00 42.91  ? 265 GLN A CD  1 
ATOM   714  O OE1 . GLN A 1 95  ? 4.838   8.469   -8.324  1.00 45.54  ? 265 GLN A OE1 1 
ATOM   715  N NE2 . GLN A 1 95  ? 3.394   9.995   -8.909  1.00 46.13  ? 265 GLN A NE2 1 
ATOM   716  N N   . GLY A 1 96  ? 0.180   4.488   -5.794  1.00 33.52  ? 266 GLY A N   1 
ATOM   717  C CA  . GLY A 1 96  ? -0.375  3.147   -5.970  1.00 32.13  ? 266 GLY A CA  1 
ATOM   718  C C   . GLY A 1 96  ? -1.478  3.147   -7.031  1.00 29.15  ? 266 GLY A C   1 
ATOM   719  O O   . GLY A 1 96  ? -1.927  4.196   -7.492  1.00 25.42  ? 266 GLY A O   1 
ATOM   720  N N   . PRO A 1 97  ? -1.928  1.969   -7.432  1.00 27.25  ? 267 PRO A N   1 
ATOM   721  C CA  . PRO A 1 97  ? -2.995  1.885   -8.424  1.00 28.21  ? 267 PRO A CA  1 
ATOM   722  C C   . PRO A 1 97  ? -4.373  2.165   -7.809  1.00 30.56  ? 267 PRO A C   1 
ATOM   723  O O   . PRO A 1 97  ? -5.318  1.378   -7.961  1.00 33.99  ? 267 PRO A O   1 
ATOM   724  C CB  . PRO A 1 97  ? -2.865  0.472   -8.937  1.00 27.19  ? 267 PRO A CB  1 
ATOM   725  C CG  . PRO A 1 97  ? -2.349  -0.302  -7.751  1.00 28.57  ? 267 PRO A CG  1 
ATOM   726  C CD  . PRO A 1 97  ? -1.512  0.653   -6.933  1.00 27.29  ? 267 PRO A CD  1 
ATOM   727  N N   . TRP A 1 98  ? -4.498  3.334   -7.199  1.00 31.39  ? 268 TRP A N   1 
ATOM   728  C CA  . TRP A 1 98  ? -5.716  3.725   -6.468  1.00 34.12  ? 268 TRP A CA  1 
ATOM   729  C C   . TRP A 1 98  ? -6.967  3.968   -7.297  1.00 39.37  ? 268 TRP A C   1 
ATOM   730  O O   . TRP A 1 98  ? -8.039  4.020   -6.757  1.00 42.27  ? 268 TRP A O   1 
ATOM   731  C CB  . TRP A 1 98  ? -5.449  4.942   -5.606  1.00 29.02  ? 268 TRP A CB  1 
ATOM   732  C CG  . TRP A 1 98  ? -4.480  4.678   -4.568  1.00 27.45  ? 268 TRP A CG  1 
ATOM   733  C CD1 . TRP A 1 98  ? -3.275  5.231   -4.452  1.00 29.17  ? 268 TRP A CD1 1 
ATOM   734  C CD2 . TRP A 1 98  ? -4.609  3.745   -3.480  1.00 29.97  ? 268 TRP A CD2 1 
ATOM   735  N NE1 . TRP A 1 98  ? -2.614  4.730   -3.352  1.00 31.55  ? 268 TRP A NE1 1 
ATOM   736  C CE2 . TRP A 1 98  ? -3.430  3.827   -2.723  1.00 30.27  ? 268 TRP A CE2 1 
ATOM   737  C CE3 . TRP A 1 98  ? -5.632  2.872   -3.048  1.00 30.87  ? 268 TRP A CE3 1 
ATOM   738  C CZ2 . TRP A 1 98  ? -3.224  3.068   -1.567  1.00 30.97  ? 268 TRP A CZ2 1 
ATOM   739  C CZ3 . TRP A 1 98  ? -5.431  2.112   -1.884  1.00 31.12  ? 268 TRP A CZ3 1 
ATOM   740  C CH2 . TRP A 1 98  ? -4.229  2.206   -1.167  1.00 30.94  ? 268 TRP A CH2 1 
ATOM   741  N N   . ASP A 1 99  ? -6.833  4.098   -8.605  1.00 52.19  ? 269 ASP A N   1 
ATOM   742  C CA  . ASP A 1 99  ? -7.978  4.381   -9.470  1.00 63.47  ? 269 ASP A CA  1 
ATOM   743  C C   . ASP A 1 99  ? -8.853  3.167   -9.761  1.00 62.58  ? 269 ASP A C   1 
ATOM   744  O O   . ASP A 1 99  ? -9.856  3.302   -10.427 1.00 67.87  ? 269 ASP A O   1 
ATOM   745  C CB  . ASP A 1 99  ? -7.533  5.035   -10.787 1.00 71.40  ? 269 ASP A CB  1 
ATOM   746  C CG  . ASP A 1 99  ? -6.413  4.252   -11.520 1.00 84.59  ? 269 ASP A CG  1 
ATOM   747  O OD1 . ASP A 1 99  ? -5.785  3.315   -10.947 1.00 76.51  ? 269 ASP A OD1 1 
ATOM   748  O OD2 . ASP A 1 99  ? -6.153  4.621   -12.692 1.00 97.40  ? 269 ASP A OD2 1 
ATOM   749  N N   . GLU A 1 100 ? -8.513  1.998   -9.242  1.00 65.20  ? 270 GLU A N   1 
ATOM   750  C CA  . GLU A 1 100 ? -9.298  0.794   -9.511  1.00 65.76  ? 270 GLU A CA  1 
ATOM   751  C C   . GLU A 1 100 ? -10.383 0.689   -8.428  1.00 57.64  ? 270 GLU A C   1 
ATOM   752  O O   . GLU A 1 100 ? -10.609 1.618   -7.670  1.00 54.01  ? 270 GLU A O   1 
ATOM   753  C CB  . GLU A 1 100 ? -8.375  -0.436  -9.595  1.00 67.86  ? 270 GLU A CB  1 
ATOM   754  C CG  . GLU A 1 100 ? -7.123  -0.257  -10.489 1.00 73.40  ? 270 GLU A CG  1 
ATOM   755  C CD  . GLU A 1 100 ? -7.320  -0.621  -11.972 1.00 80.85  ? 270 GLU A CD  1 
ATOM   756  O OE1 . GLU A 1 100 ? -6.302  -0.737  -12.718 1.00 64.56  ? 270 GLU A OE1 1 
ATOM   757  O OE2 . GLU A 1 100 ? -8.483  -0.809  -12.395 1.00 91.80  ? 270 GLU A OE2 1 
ATOM   758  N N   . ASN A 1 101 ? -11.096 -0.416  -8.394  1.00 63.45  ? 271 ASN A N   1 
ATOM   759  C CA  . ASN A 1 101 ? -12.135 -0.651  -7.369  1.00 60.73  ? 271 ASN A CA  1 
ATOM   760  C C   . ASN A 1 101 ? -12.017 -2.126  -6.898  1.00 51.20  ? 271 ASN A C   1 
ATOM   761  O O   . ASN A 1 101 ? -11.531 -2.988  -7.642  1.00 48.06  ? 271 ASN A O   1 
ATOM   762  C CB  . ASN A 1 101 ? -13.508 -0.330  -7.978  1.00 67.57  ? 271 ASN A CB  1 
ATOM   763  C CG  . ASN A 1 101 ? -14.531 0.134   -6.953  1.00 69.46  ? 271 ASN A CG  1 
ATOM   764  O OD1 . ASN A 1 101 ? -14.597 1.323   -6.592  1.00 66.29  ? 271 ASN A OD1 1 
ATOM   765  N ND2 . ASN A 1 101 ? -15.363 -0.805  -6.500  1.00 73.14  ? 271 ASN A ND2 1 
ATOM   766  N N   . GLY A 1 102 ? -12.371 -2.407  -5.651  1.00 46.41  ? 272 GLY A N   1 
ATOM   767  C CA  . GLY A 1 102 ? -12.042 -3.730  -5.041  1.00 47.34  ? 272 GLY A CA  1 
ATOM   768  C C   . GLY A 1 102 ? -10.558 -4.128  -4.798  1.00 41.00  ? 272 GLY A C   1 
ATOM   769  O O   . GLY A 1 102 ? -10.217 -5.309  -4.835  1.00 44.15  ? 272 GLY A O   1 
ATOM   770  N N   . ILE A 1 103 ? -9.705  -3.161  -4.496  1.00 34.87  ? 273 ILE A N   1 
ATOM   771  C CA  . ILE A 1 103 ? -8.278  -3.361  -4.239  1.00 33.10  ? 273 ILE A CA  1 
ATOM   772  C C   . ILE A 1 103 ? -7.972  -4.059  -2.898  1.00 32.11  ? 273 ILE A C   1 
ATOM   773  O O   . ILE A 1 103 ? -8.627  -3.793  -1.865  1.00 27.76  ? 273 ILE A O   1 
ATOM   774  C CB  . ILE A 1 103 ? -7.604  -1.983  -4.175  1.00 37.08  ? 273 ILE A CB  1 
ATOM   775  C CG1 . ILE A 1 103 ? -7.723  -1.289  -5.531  1.00 39.53  ? 273 ILE A CG1 1 
ATOM   776  C CG2 . ILE A 1 103 ? -6.156  -2.036  -3.669  1.00 34.22  ? 273 ILE A CG2 1 
ATOM   777  C CD1 . ILE A 1 103 ? -7.539  0.211   -5.394  1.00 42.41  ? 273 ILE A CD1 1 
ATOM   778  N N   . VAL A 1 104 ? -6.954  -4.929  -2.927  1.00 31.65  ? 274 VAL A N   1 
ATOM   779  C CA  . VAL A 1 104 ? -6.350  -5.529  -1.729  1.00 30.13  ? 274 VAL A CA  1 
ATOM   780  C C   . VAL A 1 104 ? -4.881  -5.166  -1.627  1.00 27.70  ? 274 VAL A C   1 
ATOM   781  O O   . VAL A 1 104 ? -4.152  -5.273  -2.588  1.00 25.23  ? 274 VAL A O   1 
ATOM   782  C CB  . VAL A 1 104 ? -6.431  -7.067  -1.763  1.00 33.44  ? 274 VAL A CB  1 
ATOM   783  C CG1 . VAL A 1 104 ? -5.942  -7.652  -0.442  1.00 32.44  ? 274 VAL A CG1 1 
ATOM   784  C CG2 . VAL A 1 104 ? -7.857  -7.505  -2.060  1.00 35.64  ? 274 VAL A CG2 1 
ATOM   785  N N   . LEU A 1 105 ? -4.453  -4.761  -0.443  1.00 29.24  ? 275 LEU A N   1 
ATOM   786  C CA  . LEU A 1 105 ? -3.064  -4.416  -0.166  1.00 29.62  ? 275 LEU A CA  1 
ATOM   787  C C   . LEU A 1 105 ? -2.543  -5.367  0.883   1.00 28.46  ? 275 LEU A C   1 
ATOM   788  O O   . LEU A 1 105 ? -3.100  -5.458  1.954   1.00 31.21  ? 275 LEU A O   1 
ATOM   789  C CB  . LEU A 1 105 ? -2.998  -2.990  0.370   1.00 31.78  ? 275 LEU A CB  1 
ATOM   790  C CG  . LEU A 1 105 ? -1.650  -2.264  0.389   1.00 32.03  ? 275 LEU A CG  1 
ATOM   791  C CD1 . LEU A 1 105 ? -1.834  -0.850  0.905   1.00 33.89  ? 275 LEU A CD1 1 
ATOM   792  C CD2 . LEU A 1 105 ? -0.650  -2.950  1.267   1.00 32.70  ? 275 LEU A CD2 1 
ATOM   793  N N   . ASP A 1 106 ? -1.468  -6.066  0.590   1.00 28.33  ? 276 ASP A N   1 
ATOM   794  C CA  . ASP A 1 106 ? -0.819  -6.908  1.571   1.00 28.49  ? 276 ASP A CA  1 
ATOM   795  C C   . ASP A 1 106 ? 0.694   -7.020  1.282   1.00 28.72  ? 276 ASP A C   1 
ATOM   796  O O   . ASP A 1 106 ? 1.267   -6.187  0.533   1.00 26.20  ? 276 ASP A O   1 
ATOM   797  C CB  . ASP A 1 106 ? -1.493  -8.248  1.599   1.00 30.86  ? 276 ASP A CB  1 
ATOM   798  C CG  . ASP A 1 106 ? -1.515  -8.896  0.251   1.00 34.84  ? 276 ASP A CG  1 
ATOM   799  O OD1 . ASP A 1 106 ? -0.715  -8.530  -0.650  1.00 32.89  ? 276 ASP A OD1 1 
ATOM   800  O OD2 . ASP A 1 106 ? -2.379  -9.773  0.090   1.00 43.90  ? 276 ASP A OD2 1 
ATOM   801  N N   . PHE A 1 107 ? 1.356   -7.976  1.944   1.00 27.31  ? 277 PHE A N   1 
ATOM   802  C CA  . PHE A 1 107 ? 2.781   -8.119  1.830   1.00 27.09  ? 277 PHE A CA  1 
ATOM   803  C C   . PHE A 1 107 ? 3.105   -9.561  1.513   1.00 28.95  ? 277 PHE A C   1 
ATOM   804  O O   . PHE A 1 107 ? 3.082   -10.467 2.367   1.00 26.19  ? 277 PHE A O   1 
ATOM   805  C CB  . PHE A 1 107 ? 3.467   -7.621  3.080   1.00 27.70  ? 277 PHE A CB  1 
ATOM   806  C CG  . PHE A 1 107 ? 3.209   -6.190  3.362   1.00 26.59  ? 277 PHE A CG  1 
ATOM   807  C CD1 . PHE A 1 107 ? 2.070   -5.803  4.048   1.00 27.28  ? 277 PHE A CD1 1 
ATOM   808  C CD2 . PHE A 1 107 ? 4.079   -5.209  2.914   1.00 27.35  ? 277 PHE A CD2 1 
ATOM   809  C CE1 . PHE A 1 107 ? 1.818   -4.437  4.306   1.00 28.82  ? 277 PHE A CE1 1 
ATOM   810  C CE2 . PHE A 1 107 ? 3.829   -3.842  3.178   1.00 27.65  ? 277 PHE A CE2 1 
ATOM   811  C CZ  . PHE A 1 107 ? 2.708   -3.457  3.872   1.00 26.59  ? 277 PHE A CZ  1 
ATOM   812  N N   . ASP A 1 108 ? 3.371   -9.748  0.228   1.00 33.10  ? 278 ASP A N   1 
ATOM   813  C CA  . ASP A 1 108 ? 3.492   -11.049 -0.372  1.00 35.66  ? 278 ASP A CA  1 
ATOM   814  C C   . ASP A 1 108 ? 4.025   -10.870 -1.820  1.00 32.99  ? 278 ASP A C   1 
ATOM   815  O O   . ASP A 1 108 ? 3.985   -9.775  -2.392  1.00 30.05  ? 278 ASP A O   1 
ATOM   816  C CB  . ASP A 1 108 ? 2.113   -11.742 -0.333  1.00 39.45  ? 278 ASP A CB  1 
ATOM   817  C CG  . ASP A 1 108 ? 2.199   -13.249 -0.517  1.00 45.69  ? 278 ASP A CG  1 
ATOM   818  O OD1 . ASP A 1 108 ? 3.347   -13.766 -0.428  1.00 56.05  ? 278 ASP A OD1 1 
ATOM   819  O OD2 . ASP A 1 108 ? 1.139   -13.913 -0.760  1.00 46.74  ? 278 ASP A OD2 1 
ATOM   820  N N   . TYR A 1 109 ? 4.541   -11.939 -2.405  1.00 32.68  ? 279 TYR A N   1 
ATOM   821  C CA  . TYR A 1 109 ? 5.068   -11.857 -3.772  1.00 32.59  ? 279 TYR A CA  1 
ATOM   822  C C   . TYR A 1 109 ? 3.921   -11.897 -4.724  1.00 30.76  ? 279 TYR A C   1 
ATOM   823  O O   . TYR A 1 109 ? 2.934   -12.583 -4.476  1.00 30.07  ? 279 TYR A O   1 
ATOM   824  C CB  . TYR A 1 109 ? 6.110   -12.963 -4.051  1.00 32.10  ? 279 TYR A CB  1 
ATOM   825  C CG  . TYR A 1 109 ? 7.329   -12.767 -3.194  1.00 33.66  ? 279 TYR A CG  1 
ATOM   826  C CD1 . TYR A 1 109 ? 7.435   -13.380 -1.934  1.00 36.26  ? 279 TYR A CD1 1 
ATOM   827  C CD2 . TYR A 1 109 ? 8.361   -11.915 -3.590  1.00 33.06  ? 279 TYR A CD2 1 
ATOM   828  C CE1 . TYR A 1 109 ? 8.545   -13.161 -1.112  1.00 35.88  ? 279 TYR A CE1 1 
ATOM   829  C CE2 . TYR A 1 109 ? 9.480   -11.717 -2.782  1.00 34.55  ? 279 TYR A CE2 1 
ATOM   830  C CZ  . TYR A 1 109 ? 9.559   -12.346 -1.548  1.00 36.19  ? 279 TYR A CZ  1 
ATOM   831  O OH  . TYR A 1 109 ? 10.644  -12.142 -0.732  1.00 45.23  ? 279 TYR A OH  1 
ATOM   832  N N   . CYS A 1 110 ? 4.017   -11.110 -5.785  1.00 34.01  ? 280 CYS A N   1 
ATOM   833  C CA  . CYS A 1 110 ? 3.161   -11.321 -6.959  1.00 36.34  ? 280 CYS A CA  1 
ATOM   834  C C   . CYS A 1 110 ? 3.537   -12.678 -7.589  1.00 35.06  ? 280 CYS A C   1 
ATOM   835  O O   . CYS A 1 110 ? 4.733   -13.015 -7.642  1.00 33.21  ? 280 CYS A O   1 
ATOM   836  C CB  . CYS A 1 110 ? 3.338   -10.199 -7.980  1.00 36.37  ? 280 CYS A CB  1 
ATOM   837  S SG  . CYS A 1 110 ? 2.524   -8.663  -7.526  1.00 36.83  ? 280 CYS A SG  1 
ATOM   838  N N   . PRO A 1 111 ? 2.534   -13.468 -8.017  1.00 35.72  ? 281 PRO A N   1 
ATOM   839  C CA  . PRO A 1 111 ? 2.783   -14.796 -8.603  1.00 35.82  ? 281 PRO A CA  1 
ATOM   840  C C   . PRO A 1 111 ? 3.846   -14.730 -9.683  1.00 35.58  ? 281 PRO A C   1 
ATOM   841  O O   . PRO A 1 111 ? 3.800   -13.831 -10.534 1.00 35.81  ? 281 PRO A O   1 
ATOM   842  C CB  . PRO A 1 111 ? 1.432   -15.187 -9.214  1.00 35.60  ? 281 PRO A CB  1 
ATOM   843  C CG  . PRO A 1 111 ? 0.420   -14.465 -8.363  1.00 37.85  ? 281 PRO A CG  1 
ATOM   844  C CD  . PRO A 1 111 ? 1.081   -13.168 -7.945  1.00 37.81  ? 281 PRO A CD  1 
ATOM   845  N N   . GLY A 1 112 ? 4.831   -15.616 -9.580  1.00 33.15  ? 282 GLY A N   1 
ATOM   846  C CA  . GLY A 1 112 ? 5.889   -15.706 -10.550 1.00 35.23  ? 282 GLY A CA  1 
ATOM   847  C C   . GLY A 1 112 ? 7.034   -14.710 -10.447 1.00 37.70  ? 282 GLY A C   1 
ATOM   848  O O   . GLY A 1 112 ? 7.953   -14.750 -11.266 1.00 37.83  ? 282 GLY A O   1 
ATOM   849  N N   . THR A 1 113 ? 7.004   -13.836 -9.452  1.00 37.75  ? 283 THR A N   1 
ATOM   850  C CA  . THR A 1 113 ? 7.976   -12.746 -9.372  1.00 39.24  ? 283 THR A CA  1 
ATOM   851  C C   . THR A 1 113 ? 8.897   -12.972 -8.166  1.00 38.39  ? 283 THR A C   1 
ATOM   852  O O   . THR A 1 113 ? 8.606   -13.803 -7.316  1.00 39.21  ? 283 THR A O   1 
ATOM   853  C CB  . THR A 1 113 ? 7.282   -11.352 -9.313  1.00 36.16  ? 283 THR A CB  1 
ATOM   854  O OG1 . THR A 1 113 ? 6.575   -11.202 -8.074  1.00 38.40  ? 283 THR A OG1 1 
ATOM   855  C CG2 . THR A 1 113 ? 6.316   -11.230 -10.415 1.00 34.77  ? 283 THR A CG2 1 
ATOM   856  N N   . LYS A 1 114 ? 9.968   -12.186 -8.129  1.00 38.85  ? 284 LYS A N   1 
ATOM   857  C CA  . LYS A 1 114 ? 11.097  -12.294 -7.222  1.00 41.78  ? 284 LYS A CA  1 
ATOM   858  C C   . LYS A 1 114 ? 11.538  -10.835 -6.955  1.00 41.32  ? 284 LYS A C   1 
ATOM   859  O O   . LYS A 1 114 ? 11.525  -10.011 -7.878  1.00 43.55  ? 284 LYS A O   1 
ATOM   860  C CB  . LYS A 1 114 ? 12.158  -13.128 -7.965  1.00 46.77  ? 284 LYS A CB  1 
ATOM   861  C CG  . LYS A 1 114 ? 13.606  -13.176 -7.480  1.00 47.44  ? 284 LYS A CG  1 
ATOM   862  C CD  . LYS A 1 114 ? 14.456  -13.880 -8.553  0.80 49.31  ? 284 LYS A CD  1 
ATOM   863  C CE  . LYS A 1 114 ? 15.761  -14.430 -7.996  0.80 51.01  ? 284 LYS A CE  1 
ATOM   864  N NZ  . LYS A 1 114 ? 16.508  -13.435 -7.178  0.80 47.82  ? 284 LYS A NZ  1 
ATOM   865  N N   . VAL A 1 115 ? 11.872  -10.499 -5.713  1.00 38.57  ? 285 VAL A N   1 
ATOM   866  C CA  . VAL A 1 115 ? 12.361  -9.154  -5.371  1.00 38.49  ? 285 VAL A CA  1 
ATOM   867  C C   . VAL A 1 115 ? 13.701  -9.199  -4.611  1.00 39.46  ? 285 VAL A C   1 
ATOM   868  O O   . VAL A 1 115 ? 13.884  -9.984  -3.668  1.00 38.07  ? 285 VAL A O   1 
ATOM   869  C CB  . VAL A 1 115 ? 11.341  -8.373  -4.516  1.00 40.67  ? 285 VAL A CB  1 
ATOM   870  C CG1 . VAL A 1 115 ? 11.717  -6.906  -4.417  1.00 40.36  ? 285 VAL A CG1 1 
ATOM   871  C CG2 . VAL A 1 115 ? 9.944   -8.520  -5.086  1.00 43.05  ? 285 VAL A CG2 1 
ATOM   872  N N   . THR A 1 116 ? 14.625  -8.337  -5.030  1.00 40.54  ? 286 THR A N   1 
ATOM   873  C CA  . THR A 1 116 ? 15.956  -8.275  -4.476  1.00 42.96  ? 286 THR A CA  1 
ATOM   874  C C   . THR A 1 116 ? 16.179  -6.890  -3.876  1.00 43.23  ? 286 THR A C   1 
ATOM   875  O O   . THR A 1 116 ? 15.838  -5.861  -4.471  1.00 39.10  ? 286 THR A O   1 
ATOM   876  C CB  . THR A 1 116 ? 17.020  -8.550  -5.566  1.00 47.64  ? 286 THR A CB  1 
ATOM   877  O OG1 . THR A 1 116 ? 16.827  -9.859  -6.112  1.00 49.43  ? 286 THR A OG1 1 
ATOM   878  C CG2 . THR A 1 116 ? 18.414  -8.458  -5.004  1.00 47.20  ? 286 THR A CG2 1 
ATOM   879  N N   . ILE A 1 117 ? 16.767  -6.874  -2.687  1.00 43.44  ? 287 ILE A N   1 
ATOM   880  C CA  . ILE A 1 117 ? 17.074  -5.645  -2.015  1.00 44.19  ? 287 ILE A CA  1 
ATOM   881  C C   . ILE A 1 117 ? 18.515  -5.309  -2.388  1.00 47.03  ? 287 ILE A C   1 
ATOM   882  O O   . ILE A 1 117 ? 19.433  -6.075  -2.081  1.00 48.73  ? 287 ILE A O   1 
ATOM   883  C CB  . ILE A 1 117 ? 16.918  -5.768  -0.494  1.00 44.27  ? 287 ILE A CB  1 
ATOM   884  C CG1 . ILE A 1 117 ? 15.568  -6.406  -0.142  1.00 49.09  ? 287 ILE A CG1 1 
ATOM   885  C CG2 . ILE A 1 117 ? 17.039  -4.391  0.144   1.00 42.08  ? 287 ILE A CG2 1 
ATOM   886  C CD1 . ILE A 1 117 ? 15.351  -6.637  1.357   1.00 51.43  ? 287 ILE A CD1 1 
ATOM   887  N N   . THR A 1 118 ? 18.703  -4.166  -3.035  1.00 44.86  ? 288 THR A N   1 
ATOM   888  C CA  . THR A 1 118 ? 19.998  -3.772  -3.530  1.00 45.02  ? 288 THR A CA  1 
ATOM   889  C C   . THR A 1 118 ? 19.980  -2.305  -3.833  1.00 46.70  ? 288 THR A C   1 
ATOM   890  O O   . THR A 1 118 ? 18.984  -1.792  -4.353  1.00 43.83  ? 288 THR A O   1 
ATOM   891  C CB  . THR A 1 118 ? 20.387  -4.543  -4.821  1.00 51.85  ? 288 THR A CB  1 
ATOM   892  O OG1 . THR A 1 118 ? 21.413  -3.829  -5.531  1.00 53.56  ? 288 THR A OG1 1 
ATOM   893  C CG2 . THR A 1 118 ? 19.188  -4.733  -5.773  1.00 54.24  ? 288 THR A CG2 1 
ATOM   894  N N   . GLU A 1 119 ? 21.096  -1.629  -3.575  1.00 47.99  ? 289 GLU A N   1 
ATOM   895  C CA  . GLU A 1 119 ? 21.187  -0.219  -3.951  1.00 53.37  ? 289 GLU A CA  1 
ATOM   896  C C   . GLU A 1 119 ? 21.440  -0.021  -5.467  1.00 52.65  ? 289 GLU A C   1 
ATOM   897  O O   . GLU A 1 119 ? 21.401  1.146   -5.916  1.00 47.42  ? 289 GLU A O   1 
ATOM   898  C CB  . GLU A 1 119 ? 22.184  0.578   -3.072  1.00 54.94  ? 289 GLU A CB  1 
ATOM   899  C CG  . GLU A 1 119 ? 21.836  0.628   -1.568  1.00 55.69  ? 289 GLU A CG  1 
ATOM   900  C CD  . GLU A 1 119 ? 20.923  1.780   -1.136  1.00 61.81  ? 289 GLU A CD  1 
ATOM   901  O OE1 . GLU A 1 119 ? 20.709  2.729   -1.902  1.00 66.40  ? 289 GLU A OE1 1 
ATOM   902  O OE2 . GLU A 1 119 ? 20.411  1.767   0.008   1.00 70.44  ? 289 GLU A OE2 1 
ATOM   903  N N   . ASP A 1 120 ? 21.631  -1.107  -6.254  1.00 51.81  ? 290 ASP A N   1 
ATOM   904  C CA  . ASP A 1 120 ? 21.582  -1.013  -7.752  1.00 58.09  ? 290 ASP A CA  1 
ATOM   905  C C   . ASP A 1 120 ? 20.164  -1.047  -8.229  1.00 53.26  ? 290 ASP A C   1 
ATOM   906  O O   . ASP A 1 120 ? 19.717  -2.037  -8.822  1.00 64.38  ? 290 ASP A O   1 
ATOM   907  C CB  . ASP A 1 120 ? 22.322  -2.152  -8.463  1.00 63.61  ? 290 ASP A CB  1 
ATOM   908  C CG  . ASP A 1 120 ? 23.799  -2.057  -8.315  1.00 70.78  ? 290 ASP A CG  1 
ATOM   909  O OD1 . ASP A 1 120 ? 24.345  -0.912  -8.399  1.00 72.31  ? 290 ASP A OD1 1 
ATOM   910  O OD2 . ASP A 1 120 ? 24.392  -3.147  -8.114  1.00 62.55  ? 290 ASP A OD2 1 
ATOM   911  N N   . CYS A 1 121 ? 19.445  0.029   -7.976  1.00 43.79  ? 291 CYS A N   1 
ATOM   912  C CA  . CYS A 1 121 ? 18.033  0.043   -8.249  1.00 43.64  ? 291 CYS A CA  1 
ATOM   913  C C   . CYS A 1 121 ? 17.628  1.472   -8.341  1.00 42.16  ? 291 CYS A C   1 
ATOM   914  O O   . CYS A 1 121 ? 18.214  2.299   -7.662  1.00 44.81  ? 291 CYS A O   1 
ATOM   915  C CB  . CYS A 1 121 ? 17.239  -0.659  -7.119  1.00 46.86  ? 291 CYS A CB  1 
ATOM   916  S SG  . CYS A 1 121 ? 15.487  -1.010  -7.508  1.00 45.32  ? 291 CYS A SG  1 
ATOM   917  N N   . SER A 1 122 ? 16.640  1.763   -9.182  1.00 39.23  ? 292 SER A N   1 
ATOM   918  C CA  . SER A 1 122 ? 16.093  3.098   -9.285  1.00 41.72  ? 292 SER A CA  1 
ATOM   919  C C   . SER A 1 122 ? 15.262  3.467   -8.024  1.00 42.50  ? 292 SER A C   1 
ATOM   920  O O   . SER A 1 122 ? 14.909  2.610   -7.220  1.00 42.34  ? 292 SER A O   1 
ATOM   921  C CB  . SER A 1 122 ? 15.305  3.273   -10.615 1.00 41.60  ? 292 SER A CB  1 
ATOM   922  O OG  . SER A 1 122 ? 14.565  2.102   -10.990 1.00 43.03  ? 292 SER A OG  1 
ATOM   923  N N   . LYS A 1 123 ? 15.024  4.764   -7.859  1.00 46.33  ? 293 LYS A N   1 
ATOM   924  C CA  . LYS A 1 123 ? 14.238  5.327   -6.774  1.00 48.40  ? 293 LYS A CA  1 
ATOM   925  C C   . LYS A 1 123 ? 12.750  4.959   -6.909  1.00 47.48  ? 293 LYS A C   1 
ATOM   926  O O   . LYS A 1 123 ? 12.337  4.316   -7.890  1.00 48.66  ? 293 LYS A O   1 
ATOM   927  C CB  . LYS A 1 123 ? 14.367  6.854   -6.801  1.00 54.40  ? 293 LYS A CB  1 
ATOM   928  C CG  . LYS A 1 123 ? 15.770  7.409   -6.525  1.00 65.00  ? 293 LYS A CG  1 
ATOM   929  C CD  . LYS A 1 123 ? 15.851  8.910   -6.862  0.70 70.00  ? 293 LYS A CD  1 
ATOM   930  C CE  . LYS A 1 123 ? 15.871  9.814   -5.632  0.70 68.93  ? 293 LYS A CE  1 
ATOM   931  N NZ  . LYS A 1 123 ? 17.253  10.052  -5.136  0.70 70.14  ? 293 LYS A NZ  1 
ATOM   932  N N   . ARG A 1 124 ? 11.964  5.380   -5.914  1.00 44.53  ? 294 ARG A N   1 
ATOM   933  C CA  . ARG A 1 124 ? 10.493  5.253   -5.911  1.00 42.35  ? 294 ARG A CA  1 
ATOM   934  C C   . ARG A 1 124 ? 9.886   5.854   -7.143  1.00 40.78  ? 294 ARG A C   1 
ATOM   935  O O   . ARG A 1 124 ? 10.212  6.962   -7.508  1.00 48.44  ? 294 ARG A O   1 
ATOM   936  C CB  . ARG A 1 124 ? 9.855   5.976   -4.716  1.00 37.49  ? 294 ARG A CB  1 
ATOM   937  C CG  . ARG A 1 124 ? 9.792   5.140   -3.466  1.00 36.32  ? 294 ARG A CG  1 
ATOM   938  C CD  . ARG A 1 124 ? 9.696   6.014   -2.216  1.00 36.05  ? 294 ARG A CD  1 
ATOM   939  N NE  . ARG A 1 124 ? 8.591   6.954   -2.297  1.00 33.71  ? 294 ARG A NE  1 
ATOM   940  C CZ  . ARG A 1 124 ? 7.356   6.760   -1.855  1.00 32.03  ? 294 ARG A CZ  1 
ATOM   941  N NH1 . ARG A 1 124 ? 6.977   5.631   -1.242  1.00 34.55  ? 294 ARG A NH1 1 
ATOM   942  N NH2 . ARG A 1 124 ? 6.467   7.699   -2.089  1.00 30.37  ? 294 ARG A NH2 1 
ATOM   943  N N   . GLY A 1 125 ? 8.993   5.118   -7.768  1.00 41.47  ? 295 GLY A N   1 
ATOM   944  C CA  . GLY A 1 125 ? 8.156   5.658   -8.826  1.00 40.91  ? 295 GLY A CA  1 
ATOM   945  C C   . GLY A 1 125 ? 6.727   5.179   -8.693  1.00 40.30  ? 295 GLY A C   1 
ATOM   946  O O   . GLY A 1 125 ? 6.392   4.440   -7.760  1.00 37.70  ? 295 GLY A O   1 
ATOM   947  N N   . PRO A 1 126 ? 5.870   5.584   -9.631  1.00 37.71  ? 296 PRO A N   1 
ATOM   948  C CA  . PRO A 1 126 ? 4.519   5.007   -9.723  1.00 35.87  ? 296 PRO A CA  1 
ATOM   949  C C   . PRO A 1 126 ? 4.505   3.487   -9.671  1.00 33.83  ? 296 PRO A C   1 
ATOM   950  O O   . PRO A 1 126 ? 5.493   2.856   -10.002 1.00 35.13  ? 296 PRO A O   1 
ATOM   951  C CB  . PRO A 1 126 ? 4.034   5.472   -11.116 1.00 35.94  ? 296 PRO A CB  1 
ATOM   952  C CG  . PRO A 1 126 ? 5.260   5.955   -11.807 1.00 34.18  ? 296 PRO A CG  1 
ATOM   953  C CD  . PRO A 1 126 ? 6.141   6.505   -10.743 1.00 33.28  ? 296 PRO A CD  1 
ATOM   954  N N   . SER A 1 127 ? 3.395   2.908   -9.231  1.00 34.45  ? 297 SER A N   1 
ATOM   955  C CA  . SER A 1 127 ? 3.275   1.469   -9.139  1.00 32.76  ? 297 SER A CA  1 
ATOM   956  C C   . SER A 1 127 ? 3.234   0.890   -10.521 1.00 32.82  ? 297 SER A C   1 
ATOM   957  O O   . SER A 1 127 ? 2.628   1.452   -11.429 1.00 33.28  ? 297 SER A O   1 
ATOM   958  C CB  . SER A 1 127 ? 1.996   1.060   -8.406  1.00 33.49  ? 297 SER A CB  1 
ATOM   959  O OG  . SER A 1 127 ? 2.210   1.081   -7.026  1.00 37.56  ? 297 SER A OG  1 
ATOM   960  N N   . VAL A 1 128 ? 3.822   -0.270  -10.654 1.00 31.10  ? 298 VAL A N   1 
ATOM   961  C CA  . VAL A 1 128 ? 3.959   -0.912  -11.926 1.00 30.31  ? 298 VAL A CA  1 
ATOM   962  C C   . VAL A 1 128 ? 3.275   -2.242  -11.814 1.00 29.06  ? 298 VAL A C   1 
ATOM   963  O O   . VAL A 1 128 ? 3.477   -2.963  -10.851 1.00 28.09  ? 298 VAL A O   1 
ATOM   964  C CB  . VAL A 1 128 ? 5.470   -1.093  -12.263 1.00 30.83  ? 298 VAL A CB  1 
ATOM   965  C CG1 . VAL A 1 128 ? 5.664   -1.870  -13.570 1.00 30.53  ? 298 VAL A CG1 1 
ATOM   966  C CG2 . VAL A 1 128 ? 6.126   0.295   -12.331 1.00 30.04  ? 298 VAL A CG2 1 
ATOM   967  N N   . ARG A 1 129 ? 2.491   -2.579  -12.815 1.00 28.69  ? 299 ARG A N   1 
ATOM   968  C CA  . ARG A 1 129 ? 1.828   -3.837  -12.829 1.00 31.09  ? 299 ARG A CA  1 
ATOM   969  C C   . ARG A 1 129 ? 2.807   -4.873  -13.312 1.00 33.90  ? 299 ARG A C   1 
ATOM   970  O O   . ARG A 1 129 ? 3.748   -4.551  -14.040 1.00 35.02  ? 299 ARG A O   1 
ATOM   971  C CB  . ARG A 1 129 ? 0.653   -3.747  -13.759 1.00 34.17  ? 299 ARG A CB  1 
ATOM   972  C CG  . ARG A 1 129 ? -0.297  -4.917  -13.657 1.00 34.66  ? 299 ARG A CG  1 
ATOM   973  C CD  . ARG A 1 129 ? -1.362  -4.724  -14.681 1.00 37.38  ? 299 ARG A CD  1 
ATOM   974  N NE  . ARG A 1 129 ? -0.898  -5.029  -16.027 1.00 39.87  ? 299 ARG A NE  1 
ATOM   975  C CZ  . ARG A 1 129 ? -1.614  -4.810  -17.126 1.00 39.59  ? 299 ARG A CZ  1 
ATOM   976  N NH1 . ARG A 1 129 ? -2.805  -4.252  -17.043 1.00 43.52  ? 299 ARG A NH1 1 
ATOM   977  N NH2 . ARG A 1 129 ? -1.143  -5.134  -18.316 1.00 39.67  ? 299 ARG A NH2 1 
ATOM   978  N N   . THR A 1 130 ? 2.599   -6.116  -12.900 1.00 34.94  ? 300 THR A N   1 
ATOM   979  C CA  . THR A 1 130 ? 3.573   -7.176  -13.189 1.00 36.28  ? 300 THR A CA  1 
ATOM   980  C C   . THR A 1 130 ? 3.447   -7.734  -14.590 1.00 35.95  ? 300 THR A C   1 
ATOM   981  O O   . THR A 1 130 ? 4.278   -8.520  -15.001 1.00 35.77  ? 300 THR A O   1 
ATOM   982  C CB  . THR A 1 130 ? 3.482   -8.344  -12.166 1.00 35.73  ? 300 THR A CB  1 
ATOM   983  O OG1 . THR A 1 130 ? 2.180   -8.949  -12.221 1.00 33.98  ? 300 THR A OG1 1 
ATOM   984  C CG2 . THR A 1 130 ? 3.796   -7.842  -10.748 1.00 32.66  ? 300 THR A CG2 1 
ATOM   985  N N   . THR A 1 131 ? 2.375   -7.374  -15.286 1.00 36.88  ? 301 THR A N   1 
ATOM   986  C CA  . THR A 1 131 ? 2.143   -7.811  -16.646 1.00 37.26  ? 301 THR A CA  1 
ATOM   987  C C   . THR A 1 131 ? 2.315   -6.622  -17.565 1.00 39.62  ? 301 THR A C   1 
ATOM   988  O O   . THR A 1 131 ? 1.807   -5.511  -17.319 1.00 38.34  ? 301 THR A O   1 
ATOM   989  C CB  . THR A 1 131 ? 0.764   -8.477  -16.846 1.00 36.94  ? 301 THR A CB  1 
ATOM   990  O OG1 . THR A 1 131 ? -0.207  -7.895  -15.960 1.00 44.53  ? 301 THR A OG1 1 
ATOM   991  C CG2 . THR A 1 131 ? 0.855   -9.949  -16.549 1.00 35.54  ? 301 THR A CG2 1 
ATOM   992  N N   . THR A 1 132 ? 3.064   -6.861  -18.627 1.00 41.10  ? 302 THR A N   1 
ATOM   993  C CA  . THR A 1 132 ? 3.358   -5.815  -19.587 1.00 45.63  ? 302 THR A CA  1 
ATOM   994  C C   . THR A 1 132 ? 2.072   -5.425  -20.310 1.00 45.28  ? 302 THR A C   1 
ATOM   995  O O   . THR A 1 132 ? 1.044   -6.135  -20.236 1.00 37.91  ? 302 THR A O   1 
ATOM   996  C CB  . THR A 1 132 ? 4.444   -6.234  -20.617 1.00 43.03  ? 302 THR A CB  1 
ATOM   997  O OG1 . THR A 1 132 ? 4.013   -7.351  -21.410 1.00 45.39  ? 302 THR A OG1 1 
ATOM   998  C CG2 . THR A 1 132 ? 5.711   -6.610  -19.910 1.00 43.76  ? 302 THR A CG2 1 
ATOM   999  N N   . ASP A 1 133 ? 2.154   -4.320  -21.034 1.00 46.21  ? 303 ASP A N   1 
ATOM   1000 C CA  . ASP A 1 133 ? 1.033   -3.850  -21.816 1.00 50.00  ? 303 ASP A CA  1 
ATOM   1001 C C   . ASP A 1 133 ? 0.441   -4.915  -22.746 1.00 48.59  ? 303 ASP A C   1 
ATOM   1002 O O   . ASP A 1 133 ? -0.742  -4.885  -22.991 1.00 56.68  ? 303 ASP A O   1 
ATOM   1003 C CB  . ASP A 1 133 ? 1.430   -2.623  -22.623 1.00 53.66  ? 303 ASP A CB  1 
ATOM   1004 C CG  . ASP A 1 133 ? 0.275   -2.057  -23.365 1.00 58.60  ? 303 ASP A CG  1 
ATOM   1005 O OD1 . ASP A 1 133 ? -0.760  -1.789  -22.715 1.00 60.84  ? 303 ASP A OD1 1 
ATOM   1006 O OD2 . ASP A 1 133 ? 0.378   -1.935  -24.597 1.00 65.36  ? 303 ASP A OD2 1 
ATOM   1007 N N   . SER A 1 134 ? 1.259   -5.846  -23.238 1.00 47.84  ? 304 SER A N   1 
ATOM   1008 C CA  . SER A 1 134 ? 0.796   -6.987  -24.049 1.00 45.40  ? 304 SER A CA  1 
ATOM   1009 C C   . SER A 1 134 ? 0.629   -8.290  -23.256 1.00 46.67  ? 304 SER A C   1 
ATOM   1010 O O   . SER A 1 134 ? 0.445   -9.353  -23.850 1.00 43.35  ? 304 SER A O   1 
ATOM   1011 C CB  . SER A 1 134 ? 1.818   -7.267  -25.149 1.00 44.76  ? 304 SER A CB  1 
ATOM   1012 O OG  . SER A 1 134 ? 2.860   -8.086  -24.672 1.00 41.46  ? 304 SER A OG  1 
ATOM   1013 N N   . GLY A 1 135 ? 0.771   -8.227  -21.934 1.00 43.39  ? 305 GLY A N   1 
ATOM   1014 C CA  . GLY A 1 135 ? 0.531   -9.364  -21.086 1.00 41.71  ? 305 GLY A CA  1 
ATOM   1015 C C   . GLY A 1 135 ? 1.690   -10.226 -20.662 1.00 42.20  ? 305 GLY A C   1 
ATOM   1016 O O   . GLY A 1 135 ? 1.452   -11.250 -20.055 1.00 41.37  ? 305 GLY A O   1 
ATOM   1017 N N   . LYS A 1 136 ? 2.930   -9.853  -20.946 1.00 44.14  ? 306 LYS A N   1 
ATOM   1018 C CA  . LYS A 1 136 ? 4.054   -10.691 -20.529 1.00 47.57  ? 306 LYS A CA  1 
ATOM   1019 C C   . LYS A 1 136 ? 4.348   -10.440 -19.037 1.00 43.52  ? 306 LYS A C   1 
ATOM   1020 O O   . LYS A 1 136 ? 4.193   -9.342  -18.538 1.00 43.67  ? 306 LYS A O   1 
ATOM   1021 C CB  . LYS A 1 136 ? 5.302   -10.409 -21.387 1.00 53.98  ? 306 LYS A CB  1 
ATOM   1022 C CG  . LYS A 1 136 ? 5.169   -10.774 -22.857 0.80 58.15  ? 306 LYS A CG  1 
ATOM   1023 C CD  . LYS A 1 136 ? 6.401   -10.312 -23.623 0.80 61.78  ? 306 LYS A CD  1 
ATOM   1024 C CE  . LYS A 1 136 ? 6.243   -10.505 -25.118 0.80 60.73  ? 306 LYS A CE  1 
ATOM   1025 N NZ  . LYS A 1 136 ? 6.640   -11.897 -25.457 0.80 63.17  ? 306 LYS A NZ  1 
ATOM   1026 N N   . LEU A 1 137 ? 4.776   -11.465 -18.336 1.00 39.65  ? 307 LEU A N   1 
ATOM   1027 C CA  . LEU A 1 137 ? 5.135   -11.341 -16.944 1.00 39.14  ? 307 LEU A CA  1 
ATOM   1028 C C   . LEU A 1 137 ? 6.532   -10.771 -16.782 1.00 41.88  ? 307 LEU A C   1 
ATOM   1029 O O   . LEU A 1 137 ? 7.464   -11.325 -17.308 1.00 47.44  ? 307 LEU A O   1 
ATOM   1030 C CB  . LEU A 1 137 ? 5.102   -12.728 -16.314 1.00 38.88  ? 307 LEU A CB  1 
ATOM   1031 C CG  . LEU A 1 137 ? 5.264   -12.801 -14.798 1.00 43.89  ? 307 LEU A CG  1 
ATOM   1032 C CD1 . LEU A 1 137 ? 4.372   -11.798 -14.038 1.00 46.11  ? 307 LEU A CD1 1 
ATOM   1033 C CD2 . LEU A 1 137 ? 5.026   -14.224 -14.333 1.00 40.86  ? 307 LEU A CD2 1 
ATOM   1034 N N   . ILE A 1 138 ? 6.680   -9.680  -16.035 1.00 42.81  ? 308 ILE A N   1 
ATOM   1035 C CA  . ILE A 1 138 ? 7.989   -9.177  -15.589 1.00 37.77  ? 308 ILE A CA  1 
ATOM   1036 C C   . ILE A 1 138 ? 8.368   -9.972  -14.346 1.00 40.67  ? 308 ILE A C   1 
ATOM   1037 O O   . ILE A 1 138 ? 7.759   -9.802  -13.284 1.00 43.60  ? 308 ILE A O   1 
ATOM   1038 C CB  . ILE A 1 138 ? 7.925   -7.668  -15.249 1.00 34.82  ? 308 ILE A CB  1 
ATOM   1039 C CG1 . ILE A 1 138 ? 7.626   -6.855  -16.491 1.00 35.76  ? 308 ILE A CG1 1 
ATOM   1040 C CG2 . ILE A 1 138 ? 9.225   -7.169  -14.632 1.00 34.14  ? 308 ILE A CG2 1 
ATOM   1041 C CD1 . ILE A 1 138 ? 6.913   -5.551  -16.199 1.00 37.26  ? 308 ILE A CD1 1 
ATOM   1042 N N   . THR A 1 139 ? 9.363   -10.839 -14.450 1.00 41.42  ? 309 THR A N   1 
ATOM   1043 C CA  . THR A 1 139 ? 9.658   -11.740 -13.334 1.00 40.56  ? 309 THR A CA  1 
ATOM   1044 C C   . THR A 1 139 ? 10.615  -11.211 -12.265 1.00 40.02  ? 309 THR A C   1 
ATOM   1045 O O   . THR A 1 139 ? 10.516  -11.675 -11.150 1.00 39.03  ? 309 THR A O   1 
ATOM   1046 C CB  . THR A 1 139 ? 10.175  -13.101 -13.824 1.00 40.58  ? 309 THR A CB  1 
ATOM   1047 O OG1 . THR A 1 139 ? 11.474  -12.953 -14.369 1.00 37.11  ? 309 THR A OG1 1 
ATOM   1048 C CG2 . THR A 1 139 ? 9.245   -13.667 -14.867 1.00 39.57  ? 309 THR A CG2 1 
ATOM   1049 N N   . ASP A 1 140 ? 11.519  -10.269 -12.567 1.00 41.59  ? 310 ASP A N   1 
ATOM   1050 C CA  . ASP A 1 140 ? 12.536  -9.824  -11.579 1.00 41.99  ? 310 ASP A CA  1 
ATOM   1051 C C   . ASP A 1 140 ? 12.279  -8.413  -11.124 1.00 36.38  ? 310 ASP A C   1 
ATOM   1052 O O   . ASP A 1 140 ? 11.926  -7.579  -11.916 1.00 35.04  ? 310 ASP A O   1 
ATOM   1053 C CB  . ASP A 1 140 ? 13.969  -9.891  -12.140 1.00 49.28  ? 310 ASP A CB  1 
ATOM   1054 C CG  . ASP A 1 140 ? 14.570  -11.291 -12.110 1.00 60.03  ? 310 ASP A CG  1 
ATOM   1055 O OD1 . ASP A 1 140 ? 13.877  -12.287 -12.432 1.00 62.29  ? 310 ASP A OD1 1 
ATOM   1056 O OD2 . ASP A 1 140 ? 15.779  -11.396 -11.793 1.00 81.20  ? 310 ASP A OD2 1 
ATOM   1057 N N   . TRP A 1 141 ? 12.478  -8.140  -9.837  1.00 35.54  ? 311 TRP A N   1 
ATOM   1058 C CA  . TRP A 1 141 ? 12.222  -6.810  -9.266  1.00 34.33  ? 311 TRP A CA  1 
ATOM   1059 C C   . TRP A 1 141 ? 13.289  -6.474  -8.245  1.00 34.19  ? 311 TRP A C   1 
ATOM   1060 O O   . TRP A 1 141 ? 13.974  -7.361  -7.735  1.00 37.57  ? 311 TRP A O   1 
ATOM   1061 C CB  . TRP A 1 141 ? 10.786  -6.706  -8.626  1.00 31.09  ? 311 TRP A CB  1 
ATOM   1062 C CG  . TRP A 1 141 ? 9.693   -6.956  -9.609  1.00 28.52  ? 311 TRP A CG  1 
ATOM   1063 C CD1 . TRP A 1 141 ? 9.373   -8.159  -10.188 1.00 29.19  ? 311 TRP A CD1 1 
ATOM   1064 C CD2 . TRP A 1 141 ? 8.793   -5.998  -10.168 1.00 27.94  ? 311 TRP A CD2 1 
ATOM   1065 N NE1 . TRP A 1 141 ? 8.332   -7.996  -11.080 1.00 28.47  ? 311 TRP A NE1 1 
ATOM   1066 C CE2 . TRP A 1 141 ? 7.955   -6.681  -11.070 1.00 27.57  ? 311 TRP A CE2 1 
ATOM   1067 C CE3 . TRP A 1 141 ? 8.600   -4.628  -9.986  1.00 29.24  ? 311 TRP A CE3 1 
ATOM   1068 C CZ2 . TRP A 1 141 ? 6.957   -6.043  -11.784 1.00 28.48  ? 311 TRP A CZ2 1 
ATOM   1069 C CZ3 . TRP A 1 141 ? 7.594   -3.992  -10.700 1.00 29.54  ? 311 TRP A CZ3 1 
ATOM   1070 C CH2 . TRP A 1 141 ? 6.786   -4.703  -11.592 1.00 28.52  ? 311 TRP A CH2 1 
ATOM   1071 N N   . CYS A 1 142 ? 13.408  -5.186  -7.949  1.00 33.00  ? 312 CYS A N   1 
ATOM   1072 C CA  . CYS A 1 142 ? 14.361  -4.710  -6.981  1.00 37.20  ? 312 CYS A CA  1 
ATOM   1073 C C   . CYS A 1 142 ? 13.829  -3.543  -6.181  1.00 34.15  ? 312 CYS A C   1 
ATOM   1074 O O   . CYS A 1 142 ? 12.917  -2.878  -6.603  1.00 31.70  ? 312 CYS A O   1 
ATOM   1075 C CB  . CYS A 1 142 ? 15.678  -4.274  -7.671  1.00 39.53  ? 312 CYS A CB  1 
ATOM   1076 S SG  . CYS A 1 142 ? 15.602  -2.764  -8.680  1.00 47.99  ? 312 CYS A SG  1 
ATOM   1077 N N   . CYS A 1 143 ? 14.477  -3.262  -5.063  1.00 36.58  ? 313 CYS A N   1 
ATOM   1078 C CA  . CYS A 1 143 ? 14.249  -2.034  -4.308  1.00 37.42  ? 313 CYS A CA  1 
ATOM   1079 C C   . CYS A 1 143 ? 15.525  -1.690  -3.562  1.00 37.30  ? 313 CYS A C   1 
ATOM   1080 O O   . CYS A 1 143 ? 16.278  -2.598  -3.153  1.00 34.33  ? 313 CYS A O   1 
ATOM   1081 C CB  . CYS A 1 143 ? 13.117  -2.208  -3.287  1.00 37.28  ? 313 CYS A CB  1 
ATOM   1082 S SG  . CYS A 1 143 ? 13.355  -3.562  -2.073  1.00 40.20  ? 313 CYS A SG  1 
ATOM   1083 N N   . ARG A 1 144 ? 15.735  -0.385  -3.356  1.00 38.36  ? 314 ARG A N   1 
ATOM   1084 C CA  . ARG A 1 144 ? 16.847  0.130   -2.556  1.00 41.04  ? 314 ARG A CA  1 
ATOM   1085 C C   . ARG A 1 144 ? 16.903  -0.363  -1.099  1.00 47.08  ? 314 ARG A C   1 
ATOM   1086 O O   . ARG A 1 144 ? 17.917  -0.941  -0.704  1.00 55.13  ? 314 ARG A O   1 
ATOM   1087 C CB  . ARG A 1 144 ? 16.903  1.656   -2.640  1.00 41.83  ? 314 ARG A CB  1 
ATOM   1088 C CG  . ARG A 1 144 ? 17.414  2.130   -3.995  1.00 44.40  ? 314 ARG A CG  1 
ATOM   1089 C CD  . ARG A 1 144 ? 17.562  3.623   -4.066  1.00 49.06  ? 314 ARG A CD  1 
ATOM   1090 N NE  . ARG A 1 144 ? 18.080  4.048   -5.375  1.00 55.79  ? 314 ARG A NE  1 
ATOM   1091 C CZ  . ARG A 1 144 ? 18.415  5.305   -5.708  1.00 62.73  ? 314 ARG A CZ  1 
ATOM   1092 N NH1 . ARG A 1 144 ? 18.295  6.318   -4.848  1.00 64.28  ? 314 ARG A NH1 1 
ATOM   1093 N NH2 . ARG A 1 144 ? 18.877  5.560   -6.926  1.00 67.80  ? 314 ARG A NH2 1 
ATOM   1094 N N   . SER A 1 145 ? 15.825  -0.184  -0.326  1.00 50.18  ? 315 SER A N   1 
ATOM   1095 C CA  . SER A 1 145 ? 15.839  -0.465  1.120   1.00 50.27  ? 315 SER A CA  1 
ATOM   1096 C C   . SER A 1 145 ? 14.453  -0.783  1.723   1.00 50.85  ? 315 SER A C   1 
ATOM   1097 O O   . SER A 1 145 ? 14.115  -0.370  2.839   1.00 54.26  ? 315 SER A O   1 
ATOM   1098 C CB  . SER A 1 145 ? 16.402  0.766   1.797   1.00 52.11  ? 315 SER A CB  1 
ATOM   1099 O OG  . SER A 1 145 ? 15.604  1.874   1.433   1.00 47.78  ? 315 SER A OG  1 
ATOM   1100 N N   . CYS A 1 146 ? 13.662  -1.519  0.967   1.00 46.84  ? 316 CYS A N   1 
ATOM   1101 C CA  . CYS A 1 146 ? 12.311  -1.876  1.329   1.00 43.80  ? 316 CYS A CA  1 
ATOM   1102 C C   . CYS A 1 146 ? 12.441  -3.206  2.077   1.00 41.06  ? 316 CYS A C   1 
ATOM   1103 O O   . CYS A 1 146 ? 13.412  -3.897  1.865   1.00 47.14  ? 316 CYS A O   1 
ATOM   1104 C CB  . CYS A 1 146 ? 11.455  -1.948  0.043   1.00 40.26  ? 316 CYS A CB  1 
ATOM   1105 S SG  . CYS A 1 146 ? 11.551  -3.504  -0.903  1.00 50.39  ? 316 CYS A SG  1 
ATOM   1106 N N   . SER A 1 147 ? 11.517  -3.548  2.977   1.00 40.08  ? 317 SER A N   1 
ATOM   1107 C CA  . SER A 1 147 ? 11.553  -4.847  3.687   1.00 36.93  ? 317 SER A CA  1 
ATOM   1108 C C   . SER A 1 147 ? 10.834  -5.919  2.878   1.00 37.01  ? 317 SER A C   1 
ATOM   1109 O O   . SER A 1 147 ? 10.030  -5.604  1.995   1.00 34.83  ? 317 SER A O   1 
ATOM   1110 C CB  . SER A 1 147 ? 10.946  -4.729  5.076   1.00 36.84  ? 317 SER A CB  1 
ATOM   1111 O OG  . SER A 1 147 ? 9.559   -4.431  5.043   1.00 38.18  ? 317 SER A OG  1 
ATOM   1112 N N   . LEU A 1 148 ? 11.147  -7.184  3.136   1.00 39.09  ? 318 LEU A N   1 
ATOM   1113 C CA  . LEU A 1 148 ? 10.424  -8.287  2.476   1.00 40.01  ? 318 LEU A CA  1 
ATOM   1114 C C   . LEU A 1 148 ? 9.610   -8.990  3.551   1.00 37.71  ? 318 LEU A C   1 
ATOM   1115 O O   . LEU A 1 148 ? 9.959   -8.842  4.707   1.00 38.36  ? 318 LEU A O   1 
ATOM   1116 C CB  . LEU A 1 148 ? 11.375  -9.254  1.747   1.00 40.86  ? 318 LEU A CB  1 
ATOM   1117 C CG  . LEU A 1 148 ? 12.212  -8.627  0.609   1.00 40.76  ? 318 LEU A CG  1 
ATOM   1118 C CD1 . LEU A 1 148 ? 13.254  -9.609  0.064   1.00 39.29  ? 318 LEU A CD1 1 
ATOM   1119 C CD2 . LEU A 1 148 ? 11.346  -8.101  -0.521  1.00 41.49  ? 318 LEU A CD2 1 
ATOM   1120 N N   . PRO A 1 149 ? 8.508   -9.690  3.220   1.00 36.03  ? 319 PRO A N   1 
ATOM   1121 C CA  . PRO A 1 149 ? 7.882   -9.765  1.859   1.00 34.25  ? 319 PRO A CA  1 
ATOM   1122 C C   . PRO A 1 149 ? 7.373   -8.421  1.331   1.00 30.92  ? 319 PRO A C   1 
ATOM   1123 O O   . PRO A 1 149 ? 7.054   -7.566  2.125   1.00 29.19  ? 319 PRO A O   1 
ATOM   1124 C CB  . PRO A 1 149 ? 6.678   -10.708 2.066   1.00 31.70  ? 319 PRO A CB  1 
ATOM   1125 C CG  . PRO A 1 149 ? 6.516   -10.905 3.518   1.00 29.25  ? 319 PRO A CG  1 
ATOM   1126 C CD  . PRO A 1 149 ? 7.632   -10.245 4.263   1.00 31.94  ? 319 PRO A CD  1 
ATOM   1127 N N   . PRO A 1 150 ? 7.287   -8.252  -0.006  1.00 30.24  ? 320 PRO A N   1 
ATOM   1128 C CA  . PRO A 1 150 ? 7.072   -6.937  -0.610  1.00 28.89  ? 320 PRO A CA  1 
ATOM   1129 C C   . PRO A 1 150 ? 5.622   -6.446  -0.542  1.00 29.12  ? 320 PRO A C   1 
ATOM   1130 O O   . PRO A 1 150 ? 4.659   -7.264  -0.494  1.00 25.41  ? 320 PRO A O   1 
ATOM   1131 C CB  . PRO A 1 150 ? 7.463   -7.167  -2.057  1.00 29.45  ? 320 PRO A CB  1 
ATOM   1132 C CG  . PRO A 1 150 ? 7.058   -8.589  -2.315  1.00 28.53  ? 320 PRO A CG  1 
ATOM   1133 C CD  . PRO A 1 150 ? 7.323   -9.312  -1.029  1.00 30.18  ? 320 PRO A CD  1 
ATOM   1134 N N   . LEU A 1 151 ? 5.500   -5.113  -0.553  1.00 27.50  ? 321 LEU A N   1 
ATOM   1135 C CA  . LEU A 1 151 ? 4.225   -4.439  -0.631  1.00 26.70  ? 321 LEU A CA  1 
ATOM   1136 C C   . LEU A 1 151 ? 3.515   -4.755  -1.948  1.00 27.38  ? 321 LEU A C   1 
ATOM   1137 O O   . LEU A 1 151 ? 3.983   -4.388  -3.004  1.00 29.26  ? 321 LEU A O   1 
ATOM   1138 C CB  . LEU A 1 151 ? 4.400   -2.936  -0.469  1.00 25.43  ? 321 LEU A CB  1 
ATOM   1139 C CG  . LEU A 1 151 ? 3.142   -2.166  -0.031  1.00 25.73  ? 321 LEU A CG  1 
ATOM   1140 C CD1 . LEU A 1 151 ? 3.487   -0.786  0.482   1.00 24.76  ? 321 LEU A CD1 1 
ATOM   1141 C CD2 . LEU A 1 151 ? 2.125   -2.030  -1.148  1.00 26.94  ? 321 LEU A CD2 1 
ATOM   1142 N N   . ARG A 1 152 ? 2.348   -5.390  -1.854  1.00 29.56  ? 322 ARG A N   1 
ATOM   1143 C CA  . ARG A 1 152 ? 1.553   -5.811  -3.008  1.00 29.50  ? 322 ARG A CA  1 
ATOM   1144 C C   . ARG A 1 152 ? 0.142   -5.190  -3.075  1.00 28.60  ? 322 ARG A C   1 
ATOM   1145 O O   . ARG A 1 152 ? -0.608  -5.290  -2.117  1.00 29.13  ? 322 ARG A O   1 
ATOM   1146 C CB  . ARG A 1 152 ? 1.409   -7.313  -2.920  1.00 30.91  ? 322 ARG A CB  1 
ATOM   1147 C CG  . ARG A 1 152 ? 0.714   -7.941  -4.082  1.00 31.65  ? 322 ARG A CG  1 
ATOM   1148 C CD  . ARG A 1 152 ? 0.789   -9.426  -3.944  1.00 32.99  ? 322 ARG A CD  1 
ATOM   1149 N NE  . ARG A 1 152 ? -0.152  -9.968  -2.982  1.00 33.40  ? 322 ARG A NE  1 
ATOM   1150 C CZ  . ARG A 1 152 ? -0.492  -11.259 -2.903  1.00 34.12  ? 322 ARG A CZ  1 
ATOM   1151 N NH1 . ARG A 1 152 ? 0.069   -12.181 -3.672  1.00 36.66  ? 322 ARG A NH1 1 
ATOM   1152 N NH2 . ARG A 1 152 ? -1.378  -11.646 -2.012  1.00 36.54  ? 322 ARG A NH2 1 
ATOM   1153 N N   . PHE A 1 153 ? -0.206  -4.584  -4.223  1.00 28.20  ? 323 PHE A N   1 
ATOM   1154 C CA  . PHE A 1 153 ? -1.594  -4.327  -4.609  1.00 27.30  ? 323 PHE A CA  1 
ATOM   1155 C C   . PHE A 1 153 ? -2.165  -5.337  -5.595  1.00 26.65  ? 323 PHE A C   1 
ATOM   1156 O O   . PHE A 1 153 ? -1.559  -5.615  -6.603  1.00 24.02  ? 323 PHE A O   1 
ATOM   1157 C CB  . PHE A 1 153 ? -1.718  -2.997  -5.276  1.00 28.37  ? 323 PHE A CB  1 
ATOM   1158 C CG  . PHE A 1 153 ? -1.322  -1.830  -4.411  1.00 30.61  ? 323 PHE A CG  1 
ATOM   1159 C CD1 . PHE A 1 153 ? -2.283  -1.108  -3.717  1.00 28.60  ? 323 PHE A CD1 1 
ATOM   1160 C CD2 . PHE A 1 153 ? 0.011   -1.394  -4.368  1.00 29.93  ? 323 PHE A CD2 1 
ATOM   1161 C CE1 . PHE A 1 153 ? -1.920  -0.010  -2.976  1.00 26.78  ? 323 PHE A CE1 1 
ATOM   1162 C CE2 . PHE A 1 153 ? 0.367   -0.311  -3.623  1.00 26.81  ? 323 PHE A CE2 1 
ATOM   1163 C CZ  . PHE A 1 153 ? -0.604  0.374   -2.924  1.00 27.26  ? 323 PHE A CZ  1 
ATOM   1164 N N   . ARG A 1 154 ? -3.370  -5.831  -5.330  1.00 30.86  ? 324 ARG A N   1 
ATOM   1165 C CA  . ARG A 1 154 ? -4.150  -6.580  -6.343  1.00 33.03  ? 324 ARG A CA  1 
ATOM   1166 C C   . ARG A 1 154 ? -5.387  -5.835  -6.706  1.00 32.99  ? 324 ARG A C   1 
ATOM   1167 O O   . ARG A 1 154 ? -6.125  -5.404  -5.814  1.00 32.09  ? 324 ARG A O   1 
ATOM   1168 C CB  . ARG A 1 154 ? -4.518  -7.954  -5.877  1.00 34.16  ? 324 ARG A CB  1 
ATOM   1169 C CG  . ARG A 1 154 ? -3.279  -8.795  -5.672  1.00 37.34  ? 324 ARG A CG  1 
ATOM   1170 C CD  . ARG A 1 154 ? -3.645  -10.144 -5.106  1.00 43.02  ? 324 ARG A CD  1 
ATOM   1171 N NE  . ARG A 1 154 ? -4.035  -10.052 -3.696  1.00 47.36  ? 324 ARG A NE  1 
ATOM   1172 C CZ  . ARG A 1 154 ? -4.626  -11.034 -3.013  1.00 51.93  ? 324 ARG A CZ  1 
ATOM   1173 N NH1 . ARG A 1 154 ? -4.931  -12.196 -3.603  1.00 52.47  ? 324 ARG A NH1 1 
ATOM   1174 N NH2 . ARG A 1 154 ? -4.924  -10.853 -1.729  1.00 53.19  ? 324 ARG A NH2 1 
ATOM   1175 N N   . THR A 1 155 ? -5.564  -5.653  -8.028  1.00 32.73  ? 325 THR A N   1 
ATOM   1176 C CA  . THR A 1 155 ? -6.757  -5.081  -8.615  1.00 31.28  ? 325 THR A CA  1 
ATOM   1177 C C   . THR A 1 155 ? -7.451  -6.104  -9.489  1.00 31.65  ? 325 THR A C   1 
ATOM   1178 O O   . THR A 1 155 ? -6.967  -7.210  -9.640  1.00 29.93  ? 325 THR A O   1 
ATOM   1179 C CB  . THR A 1 155 ? -6.386  -3.896  -9.458  1.00 33.03  ? 325 THR A CB  1 
ATOM   1180 O OG1 . THR A 1 155 ? -5.568  -4.309  -10.567 1.00 33.55  ? 325 THR A OG1 1 
ATOM   1181 C CG2 . THR A 1 155 ? -5.684  -2.876  -8.614  1.00 33.94  ? 325 THR A CG2 1 
ATOM   1182 N N   . GLU A 1 156 ? -8.608  -5.771  -10.054 1.00 36.74  ? 326 GLU A N   1 
ATOM   1183 C CA  . GLU A 1 156 ? -9.335  -6.767  -10.877 1.00 40.74  ? 326 GLU A CA  1 
ATOM   1184 C C   . GLU A 1 156 ? -8.429  -7.339  -11.965 1.00 39.57  ? 326 GLU A C   1 
ATOM   1185 O O   . GLU A 1 156 ? -8.453  -8.521  -12.264 1.00 34.35  ? 326 GLU A O   1 
ATOM   1186 C CB  . GLU A 1 156 ? -10.599 -6.176  -11.525 1.00 45.01  ? 326 GLU A CB  1 
ATOM   1187 C CG  . GLU A 1 156 ? -11.697 -7.222  -11.618 1.00 55.07  ? 326 GLU A CG  1 
ATOM   1188 C CD  . GLU A 1 156 ? -12.800 -6.914  -12.618 1.00 64.26  ? 326 GLU A CD  1 
ATOM   1189 O OE1 . GLU A 1 156 ? -12.908 -5.751  -13.068 1.00 61.10  ? 326 GLU A OE1 1 
ATOM   1190 O OE2 . GLU A 1 156 ? -13.568 -7.858  -12.928 1.00 68.34  ? 326 GLU A OE2 1 
ATOM   1191 N N   . ASN A 1 157 ? -7.620  -6.460  -12.520 1.00 40.82  ? 327 ASN A N   1 
ATOM   1192 C CA  . ASN A 1 157 ? -7.017  -6.671  -13.789 1.00 50.25  ? 327 ASN A CA  1 
ATOM   1193 C C   . ASN A 1 157 ? -5.570  -7.127  -13.625 1.00 48.42  ? 327 ASN A C   1 
ATOM   1194 O O   . ASN A 1 157 ? -5.092  -7.855  -14.471 1.00 54.09  ? 327 ASN A O   1 
ATOM   1195 C CB  . ASN A 1 157 ? -7.198  -5.409  -14.706 1.00 62.13  ? 327 ASN A CB  1 
ATOM   1196 C CG  . ASN A 1 157 ? -6.665  -4.082  -14.078 1.00 64.41  ? 327 ASN A CG  1 
ATOM   1197 O OD1 . ASN A 1 157 ? -7.336  -3.444  -13.232 1.00 58.10  ? 327 ASN A OD1 1 
ATOM   1198 N ND2 . ASN A 1 157 ? -5.477  -3.651  -14.533 0.80 57.39  ? 327 ASN A ND2 1 
ATOM   1199 N N   . GLY A 1 158 ? -4.878  -6.738  -12.552 1.00 43.06  ? 328 GLY A N   1 
ATOM   1200 C CA  . GLY A 1 158 ? -3.541  -7.282  -12.269 1.00 39.89  ? 328 GLY A CA  1 
ATOM   1201 C C   . GLY A 1 158 ? -2.951  -7.181  -10.865 1.00 36.55  ? 328 GLY A C   1 
ATOM   1202 O O   . GLY A 1 158 ? -3.606  -6.747  -9.912  1.00 31.74  ? 328 GLY A O   1 
ATOM   1203 N N   . CYS A 1 159 ? -1.693  -7.616  -10.757 1.00 35.28  ? 329 CYS A N   1 
ATOM   1204 C CA  . CYS A 1 159 ? -0.907  -7.567  -9.506  1.00 34.80  ? 329 CYS A CA  1 
ATOM   1205 C C   . CYS A 1 159 ? 0.118   -6.443  -9.670  1.00 31.75  ? 329 CYS A C   1 
ATOM   1206 O O   . CYS A 1 159 ? 0.794   -6.342  -10.700 1.00 31.69  ? 329 CYS A O   1 
ATOM   1207 C CB  . CYS A 1 159 ? -0.225  -8.921  -9.262  1.00 35.76  ? 329 CYS A CB  1 
ATOM   1208 S SG  . CYS A 1 159 ? 0.417   -9.201  -7.598  1.00 48.82  ? 329 CYS A SG  1 
ATOM   1209 N N   . TRP A 1 160 ? 0.219   -5.576  -8.676  1.00 30.09  ? 330 TRP A N   1 
ATOM   1210 C CA  . TRP A 1 160 ? 1.066   -4.390  -8.767  1.00 28.69  ? 330 TRP A CA  1 
ATOM   1211 C C   . TRP A 1 160 ? 1.993   -4.342  -7.587  1.00 26.90  ? 330 TRP A C   1 
ATOM   1212 O O   . TRP A 1 160 ? 1.638   -4.790  -6.526  1.00 28.27  ? 330 TRP A O   1 
ATOM   1213 C CB  . TRP A 1 160 ? 0.212   -3.120  -8.728  1.00 30.96  ? 330 TRP A CB  1 
ATOM   1214 C CG  . TRP A 1 160 ? -0.854  -3.071  -9.678  1.00 31.51  ? 330 TRP A CG  1 
ATOM   1215 C CD1 . TRP A 1 160 ? -1.966  -3.882  -9.726  1.00 35.76  ? 330 TRP A CD1 1 
ATOM   1216 C CD2 . TRP A 1 160 ? -0.986  -2.147  -10.742 1.00 32.77  ? 330 TRP A CD2 1 
ATOM   1217 N NE1 . TRP A 1 160 ? -2.772  -3.521  -10.793 1.00 36.74  ? 330 TRP A NE1 1 
ATOM   1218 C CE2 . TRP A 1 160 ? -2.195  -2.452  -11.427 1.00 35.02  ? 330 TRP A CE2 1 
ATOM   1219 C CE3 . TRP A 1 160 ? -0.209  -1.085  -11.199 1.00 33.05  ? 330 TRP A CE3 1 
ATOM   1220 C CZ2 . TRP A 1 160 ? -2.625  -1.730  -12.544 1.00 34.09  ? 330 TRP A CZ2 1 
ATOM   1221 C CZ3 . TRP A 1 160 ? -0.653  -0.368  -12.343 1.00 33.80  ? 330 TRP A CZ3 1 
ATOM   1222 C CH2 . TRP A 1 160 ? -1.836  -0.700  -12.987 1.00 31.67  ? 330 TRP A CH2 1 
ATOM   1223 N N   . TYR A 1 161 ? 3.153   -3.719  -7.728  1.00 27.72  ? 331 TYR A N   1 
ATOM   1224 C CA  . TYR A 1 161 ? 4.067   -3.573  -6.582  1.00 28.14  ? 331 TYR A CA  1 
ATOM   1225 C C   . TYR A 1 161 ? 4.073   -2.168  -5.954  1.00 27.81  ? 331 TYR A C   1 
ATOM   1226 O O   . TYR A 1 161 ? 3.644   -1.205  -6.554  1.00 27.92  ? 331 TYR A O   1 
ATOM   1227 C CB  . TYR A 1 161 ? 5.476   -4.038  -6.961  1.00 27.97  ? 331 TYR A CB  1 
ATOM   1228 C CG  . TYR A 1 161 ? 5.730   -5.516  -6.747  1.00 27.33  ? 331 TYR A CG  1 
ATOM   1229 C CD1 . TYR A 1 161 ? 5.381   -6.156  -5.556  1.00 25.94  ? 331 TYR A CD1 1 
ATOM   1230 C CD2 . TYR A 1 161 ? 6.367   -6.272  -7.729  1.00 29.43  ? 331 TYR A CD2 1 
ATOM   1231 C CE1 . TYR A 1 161 ? 5.642   -7.494  -5.349  1.00 26.01  ? 331 TYR A CE1 1 
ATOM   1232 C CE2 . TYR A 1 161 ? 6.612   -7.631  -7.550  1.00 28.40  ? 331 TYR A CE2 1 
ATOM   1233 C CZ  . TYR A 1 161 ? 6.260   -8.235  -6.356  1.00 27.54  ? 331 TYR A CZ  1 
ATOM   1234 O OH  . TYR A 1 161 ? 6.517   -9.575  -6.191  1.00 26.30  ? 331 TYR A OH  1 
ATOM   1235 N N   . GLY A 1 162 ? 4.519   -2.057  -4.714  1.00 27.70  ? 332 GLY A N   1 
ATOM   1236 C CA  . GLY A 1 162 ? 4.650   -0.729  -4.098  1.00 29.04  ? 332 GLY A CA  1 
ATOM   1237 C C   . GLY A 1 162 ? 5.653   0.154   -4.853  1.00 29.92  ? 332 GLY A C   1 
ATOM   1238 O O   . GLY A 1 162 ? 6.460   -0.341  -5.625  1.00 28.98  ? 332 GLY A O   1 
ATOM   1239 N N   . MET A 1 163 ? 5.637   1.451   -4.566  1.00 30.51  ? 333 MET A N   1 
ATOM   1240 C CA  . MET A 1 163 ? 6.404   2.447   -5.320  1.00 30.59  ? 333 MET A CA  1 
ATOM   1241 C C   . MET A 1 163 ? 7.913   2.161   -5.283  1.00 30.49  ? 333 MET A C   1 
ATOM   1242 O O   . MET A 1 163 ? 8.634   2.395   -6.259  1.00 30.38  ? 333 MET A O   1 
ATOM   1243 C CB  . MET A 1 163 ? 6.109   3.848   -4.785  1.00 30.97  ? 333 MET A CB  1 
ATOM   1244 C CG  . MET A 1 163 ? 4.656   4.293   -4.938  1.00 29.87  ? 333 MET A CG  1 
ATOM   1245 S SD  . MET A 1 163 ? 4.361   5.957   -4.289  1.00 33.88  ? 333 MET A SD  1 
ATOM   1246 C CE  . MET A 1 163 ? 5.446   6.916   -5.350  1.00 33.29  ? 333 MET A CE  1 
ATOM   1247 N N   . GLU A 1 164 ? 8.354   1.596   -4.167  1.00 30.31  ? 334 GLU A N   1 
ATOM   1248 C CA  . GLU A 1 164 ? 9.754   1.327   -3.882  1.00 29.17  ? 334 GLU A CA  1 
ATOM   1249 C C   . GLU A 1 164 ? 10.328  0.264   -4.832  1.00 31.01  ? 334 GLU A C   1 
ATOM   1250 O O   . GLU A 1 164 ? 11.555  0.249   -5.087  1.00 31.07  ? 334 GLU A O   1 
ATOM   1251 C CB  . GLU A 1 164 ? 9.922   0.819   -2.430  1.00 30.58  ? 334 GLU A CB  1 
ATOM   1252 C CG  . GLU A 1 164 ? 9.866   1.833   -1.282  1.00 31.61  ? 334 GLU A CG  1 
ATOM   1253 C CD  . GLU A 1 164 ? 8.498   2.459   -1.027  1.00 33.59  ? 334 GLU A CD  1 
ATOM   1254 O OE1 . GLU A 1 164 ? 7.514   2.061   -1.683  1.00 33.75  ? 334 GLU A OE1 1 
ATOM   1255 O OE2 . GLU A 1 164 ? 8.412   3.406   -0.188  1.00 33.66  ? 334 GLU A OE2 1 
ATOM   1256 N N   . ILE A 1 165 ? 9.465   -0.625  -5.334  1.00 28.42  ? 335 ILE A N   1 
ATOM   1257 C CA  . ILE A 1 165 ? 9.912   -1.832  -5.954  1.00 27.74  ? 335 ILE A CA  1 
ATOM   1258 C C   . ILE A 1 165 ? 9.820   -1.672  -7.462  1.00 31.70  ? 335 ILE A C   1 
ATOM   1259 O O   . ILE A 1 165 ? 8.744   -1.421  -8.010  1.00 32.27  ? 335 ILE A O   1 
ATOM   1260 C CB  . ILE A 1 165 ? 9.088   -3.009  -5.477  1.00 28.28  ? 335 ILE A CB  1 
ATOM   1261 C CG1 . ILE A 1 165 ? 9.310   -3.231  -3.980  1.00 30.03  ? 335 ILE A CG1 1 
ATOM   1262 C CG2 . ILE A 1 165 ? 9.408   -4.276  -6.250  1.00 27.50  ? 335 ILE A CG2 1 
ATOM   1263 C CD1 . ILE A 1 165 ? 8.185   -4.029  -3.337  1.00 30.66  ? 335 ILE A CD1 1 
ATOM   1264 N N   . ARG A 1 166 ? 10.966  -1.808  -8.145  1.00 34.19  ? 336 ARG A N   1 
ATOM   1265 C CA  . ARG A 1 166 ? 11.052  -1.430  -9.560  1.00 34.26  ? 336 ARG A CA  1 
ATOM   1266 C C   . ARG A 1 166 ? 11.280  -2.657  -10.450 1.00 32.34  ? 336 ARG A C   1 
ATOM   1267 O O   . ARG A 1 166 ? 11.907  -3.629  -10.043 1.00 32.06  ? 336 ARG A O   1 
ATOM   1268 C CB  . ARG A 1 166 ? 12.142  -0.394  -9.728  1.00 35.65  ? 336 ARG A CB  1 
ATOM   1269 C CG  . ARG A 1 166 ? 12.141  0.729   -8.680  1.00 35.97  ? 336 ARG A CG  1 
ATOM   1270 C CD  . ARG A 1 166 ? 10.796  1.391   -8.467  1.00 34.04  ? 336 ARG A CD  1 
ATOM   1271 N NE  . ARG A 1 166 ? 10.241  1.934   -9.698  1.00 35.86  ? 336 ARG A NE  1 
ATOM   1272 C CZ  . ARG A 1 166 ? 8.967   2.292   -9.861  1.00 36.23  ? 336 ARG A CZ  1 
ATOM   1273 N NH1 . ARG A 1 166 ? 8.054   2.121   -8.899  1.00 38.58  ? 336 ARG A NH1 1 
ATOM   1274 N NH2 . ARG A 1 166 ? 8.585   2.799   -11.010 1.00 33.73  ? 336 ARG A NH2 1 
ATOM   1275 N N   . PRO A 1 167 ? 10.739  -2.644  -11.653 1.00 30.61  ? 337 PRO A N   1 
ATOM   1276 C CA  . PRO A 1 167 ? 10.958  -3.830  -12.479 1.00 35.51  ? 337 PRO A CA  1 
ATOM   1277 C C   . PRO A 1 167 ? 12.419  -3.932  -13.019 1.00 35.61  ? 337 PRO A C   1 
ATOM   1278 O O   . PRO A 1 167 ? 13.113  -2.924  -13.188 1.00 32.33  ? 337 PRO A O   1 
ATOM   1279 C CB  . PRO A 1 167 ? 9.947   -3.649  -13.623 1.00 33.94  ? 337 PRO A CB  1 
ATOM   1280 C CG  . PRO A 1 167 ? 9.824   -2.168  -13.746 1.00 32.98  ? 337 PRO A CG  1 
ATOM   1281 C CD  . PRO A 1 167 ? 10.209  -1.523  -12.432 1.00 31.64  ? 337 PRO A CD  1 
ATOM   1282 N N   . VAL A 1 168 ? 12.849  -5.158  -13.247 1.00 39.26  ? 338 VAL A N   1 
ATOM   1283 C CA  . VAL A 1 168 ? 14.134  -5.447  -13.851 1.00 44.18  ? 338 VAL A CA  1 
ATOM   1284 C C   . VAL A 1 168 ? 13.858  -6.038  -15.219 1.00 46.24  ? 338 VAL A C   1 
ATOM   1285 O O   . VAL A 1 168 ? 13.225  -7.105  -15.348 1.00 41.05  ? 338 VAL A O   1 
ATOM   1286 C CB  . VAL A 1 168 ? 14.948  -6.441  -13.010 1.00 47.27  ? 338 VAL A CB  1 
ATOM   1287 C CG1 . VAL A 1 168 ? 16.128  -6.969  -13.811 1.00 51.71  ? 338 VAL A CG1 1 
ATOM   1288 C CG2 . VAL A 1 168 ? 15.439  -5.781  -11.726 1.00 47.16  ? 338 VAL A CG2 1 
ATOM   1289 N N   . MET A 1 169 ? 14.339  -5.323  -16.231 1.00 47.22  ? 339 MET A N   1 
ATOM   1290 C CA  . MET A 1 169 ? 14.161  -5.704  -17.616 1.00 48.15  ? 339 MET A CA  1 
ATOM   1291 C C   . MET A 1 169 ? 15.488  -5.770  -18.384 1.00 42.65  ? 339 MET A C   1 
ATOM   1292 O O   . MET A 1 169 ? 16.380  -4.988  -18.137 1.00 40.38  ? 339 MET A O   1 
ATOM   1293 C CB  . MET A 1 169 ? 13.264  -4.667  -18.241 1.00 54.45  ? 339 MET A CB  1 
ATOM   1294 C CG  . MET A 1 169 ? 11.899  -4.546  -17.563 1.00 56.70  ? 339 MET A CG  1 
ATOM   1295 S SD  . MET A 1 169 ? 11.041  -3.081  -18.167 1.00 59.69  ? 339 MET A SD  1 
ATOM   1296 C CE  . MET A 1 169 ? 11.892  -1.791  -17.273 1.00 54.57  ? 339 MET A CE  1 
ATOM   1297 N N   . HIS A 1 170 ? 15.609  -6.712  -19.306 1.00 47.00  ? 340 HIS A N   1 
ATOM   1298 C CA  . HIS A 1 170 ? 16.788  -6.790  -20.199 1.00 53.01  ? 340 HIS A CA  1 
ATOM   1299 C C   . HIS A 1 170 ? 16.499  -6.624  -21.721 1.00 55.95  ? 340 HIS A C   1 
ATOM   1300 O O   . HIS A 1 170 ? 17.448  -6.569  -22.506 1.00 54.26  ? 340 HIS A O   1 
ATOM   1301 C CB  . HIS A 1 170 ? 17.554  -8.100  -19.971 1.00 49.43  ? 340 HIS A CB  1 
ATOM   1302 C CG  . HIS A 1 170 ? 17.649  -8.510  -18.536 1.00 47.20  ? 340 HIS A CG  1 
ATOM   1303 N ND1 . HIS A 1 170 ? 18.588  -7.988  -17.670 1.00 46.37  ? 340 HIS A ND1 1 
ATOM   1304 C CD2 . HIS A 1 170 ? 16.929  -9.405  -17.821 1.00 46.18  ? 340 HIS A CD2 1 
ATOM   1305 C CE1 . HIS A 1 170 ? 18.448  -8.556  -16.487 1.00 46.68  ? 340 HIS A CE1 1 
ATOM   1306 N NE2 . HIS A 1 170 ? 17.450  -9.419  -16.551 1.00 46.77  ? 340 HIS A NE2 1 
ATOM   1307 N N   . ASP A 1 171 ? 15.226  -6.572  -22.125 1.00 62.50  ? 341 ASP A N   1 
ATOM   1308 C CA  . ASP A 1 171 ? 14.826  -6.258  -23.504 1.00 67.41  ? 341 ASP A CA  1 
ATOM   1309 C C   . ASP A 1 171 ? 13.787  -5.114  -23.480 1.00 61.94  ? 341 ASP A C   1 
ATOM   1310 O O   . ASP A 1 171 ? 13.320  -4.736  -22.419 1.00 60.86  ? 341 ASP A O   1 
ATOM   1311 C CB  . ASP A 1 171 ? 14.300  -7.522  -24.223 1.00 74.64  ? 341 ASP A CB  1 
ATOM   1312 C CG  . ASP A 1 171 ? 14.522  -7.475  -25.769 1.00 93.60  ? 341 ASP A CG  1 
ATOM   1313 O OD1 . ASP A 1 171 ? 14.939  -6.406  -26.323 1.00 94.57  ? 341 ASP A OD1 1 
ATOM   1314 O OD2 . ASP A 1 171 ? 14.269  -8.511  -26.441 1.00 95.90  ? 341 ASP A OD2 1 
ATOM   1315 N N   . GLU A 1 172 ? 13.459  -4.541  -24.637 1.00 60.07  ? 342 GLU A N   1 
ATOM   1316 C CA  . GLU A 1 172 ? 12.528  -3.412  -24.701 1.00 58.40  ? 342 GLU A CA  1 
ATOM   1317 C C   . GLU A 1 172 ? 11.116  -3.849  -24.268 1.00 55.45  ? 342 GLU A C   1 
ATOM   1318 O O   . GLU A 1 172 ? 10.577  -4.812  -24.793 1.00 59.99  ? 342 GLU A O   1 
ATOM   1319 C CB  . GLU A 1 172 ? 12.479  -2.817  -26.115 1.00 63.45  ? 342 GLU A CB  1 
ATOM   1320 C CG  . GLU A 1 172 ? 13.790  -2.228  -26.626 1.00 68.52  ? 342 GLU A CG  1 
ATOM   1321 C CD  . GLU A 1 172 ? 13.741  -1.892  -28.111 1.00 71.77  ? 342 GLU A CD  1 
ATOM   1322 O OE1 . GLU A 1 172 ? 12.758  -1.275  -28.560 1.00 74.64  ? 342 GLU A OE1 1 
ATOM   1323 O OE2 . GLU A 1 172 ? 14.688  -2.241  -28.833 1.00 73.26  ? 342 GLU A OE2 1 
ATOM   1324 N N   . THR A 1 173 ? 10.529  -3.134  -23.316 1.00 49.15  ? 343 THR A N   1 
ATOM   1325 C CA  . THR A 1 173 ? 9.279   -3.531  -22.715 1.00 48.67  ? 343 THR A CA  1 
ATOM   1326 C C   . THR A 1 173 ? 8.381   -2.324  -22.536 1.00 47.99  ? 343 THR A C   1 
ATOM   1327 O O   . THR A 1 173 ? 8.857   -1.263  -22.149 1.00 45.47  ? 343 THR A O   1 
ATOM   1328 C CB  . THR A 1 173 ? 9.488   -4.131  -21.306 1.00 55.28  ? 343 THR A CB  1 
ATOM   1329 O OG1 . THR A 1 173 ? 10.643  -4.984  -21.261 1.00 54.34  ? 343 THR A OG1 1 
ATOM   1330 C CG2 . THR A 1 173 ? 8.284   -4.948  -20.906 1.00 59.56  ? 343 THR A CG2 1 
ATOM   1331 N N   . THR A 1 174 ? 7.081   -2.485  -22.788 1.00 49.78  ? 344 THR A N   1 
ATOM   1332 C CA  . THR A 1 174 ? 6.094   -1.453  -22.399 1.00 52.43  ? 344 THR A CA  1 
ATOM   1333 C C   . THR A 1 174 ? 5.531   -1.757  -21.001 1.00 46.92  ? 344 THR A C   1 
ATOM   1334 O O   . THR A 1 174 ? 5.076   -2.869  -20.733 1.00 45.72  ? 344 THR A O   1 
ATOM   1335 C CB  . THR A 1 174 ? 4.952   -1.307  -23.433 1.00 52.87  ? 344 THR A CB  1 
ATOM   1336 O OG1 . THR A 1 174 ? 5.526   -1.183  -24.722 1.00 50.77  ? 344 THR A OG1 1 
ATOM   1337 C CG2 . THR A 1 174 ? 4.138   -0.035  -23.186 1.00 53.28  ? 344 THR A CG2 1 
ATOM   1338 N N   . LEU A 1 175 ? 5.565   -0.752  -20.133 1.00 43.72  ? 345 LEU A N   1 
ATOM   1339 C CA  . LEU A 1 175 ? 5.184   -0.907  -18.734 1.00 40.95  ? 345 LEU A CA  1 
ATOM   1340 C C   . LEU A 1 175 ? 3.818   -0.306  -18.526 1.00 41.28  ? 345 LEU A C   1 
ATOM   1341 O O   . LEU A 1 175 ? 3.554   0.789   -19.047 1.00 45.64  ? 345 LEU A O   1 
ATOM   1342 C CB  . LEU A 1 175 ? 6.154   -0.160  -17.837 1.00 37.31  ? 345 LEU A CB  1 
ATOM   1343 C CG  . LEU A 1 175 ? 7.580   -0.736  -17.740 1.00 38.28  ? 345 LEU A CG  1 
ATOM   1344 C CD1 . LEU A 1 175 ? 8.472   0.121   -16.835 1.00 32.86  ? 345 LEU A CD1 1 
ATOM   1345 C CD2 . LEU A 1 175 ? 7.563   -2.208  -17.280 1.00 36.76  ? 345 LEU A CD2 1 
ATOM   1346 N N   . VAL A 1 176 ? 2.964   -1.009  -17.768 1.00 36.75  ? 346 VAL A N   1 
ATOM   1347 C CA  . VAL A 1 176 ? 1.720   -0.440  -17.247 1.00 36.48  ? 346 VAL A CA  1 
ATOM   1348 C C   . VAL A 1 176 ? 1.945   0.112   -15.836 1.00 37.10  ? 346 VAL A C   1 
ATOM   1349 O O   . VAL A 1 176 ? 2.307   -0.640  -14.941 1.00 37.16  ? 346 VAL A O   1 
ATOM   1350 C CB  . VAL A 1 176 ? 0.581   -1.476  -17.224 1.00 40.99  ? 346 VAL A CB  1 
ATOM   1351 C CG1 . VAL A 1 176 ? -0.709  -0.837  -16.696 1.00 38.65  ? 346 VAL A CG1 1 
ATOM   1352 C CG2 . VAL A 1 176 ? 0.371   -2.086  -18.630 1.00 40.54  ? 346 VAL A CG2 1 
ATOM   1353 N N   . ARG A 1 177 ? 1.727   1.417   -15.659 1.00 37.18  ? 347 ARG A N   1 
ATOM   1354 C CA  . ARG A 1 177 ? 2.061   2.122   -14.432 1.00 39.84  ? 347 ARG A CA  1 
ATOM   1355 C C   . ARG A 1 177 ? 0.884   2.953   -13.922 1.00 40.53  ? 347 ARG A C   1 
ATOM   1356 O O   . ARG A 1 177 ? 0.089   3.459   -14.700 1.00 44.68  ? 347 ARG A O   1 
ATOM   1357 C CB  . ARG A 1 177 ? 3.297   3.009   -14.643 1.00 45.17  ? 347 ARG A CB  1 
ATOM   1358 C CG  . ARG A 1 177 ? 4.465   2.259   -15.317 1.00 52.35  ? 347 ARG A CG  1 
ATOM   1359 C CD  . ARG A 1 177 ? 5.799   3.001   -15.331 1.00 56.15  ? 347 ARG A CD  1 
ATOM   1360 N NE  . ARG A 1 177 ? 5.663   4.380   -15.791 1.00 64.42  ? 347 ARG A NE  1 
ATOM   1361 C CZ  . ARG A 1 177 ? 6.462   5.401   -15.445 1.00 75.13  ? 347 ARG A CZ  1 
ATOM   1362 N NH1 . ARG A 1 177 ? 7.523   5.226   -14.638 1.00 76.23  ? 347 ARG A NH1 1 
ATOM   1363 N NH2 . ARG A 1 177 ? 6.194   6.625   -15.910 1.00 73.21  ? 347 ARG A NH2 1 
ATOM   1364 N N   . SER A 1 178 ? 0.755   3.081   -12.605 1.00 38.40  ? 348 SER A N   1 
ATOM   1365 C CA  . SER A 1 178 ? -0.372  3.798   -12.049 1.00 35.99  ? 348 SER A CA  1 
ATOM   1366 C C   . SER A 1 178 ? -0.359  5.203   -12.586 1.00 36.43  ? 348 SER A C   1 
ATOM   1367 O O   . SER A 1 178 ? 0.676   5.855   -12.548 1.00 32.21  ? 348 SER A O   1 
ATOM   1368 C CB  . SER A 1 178 ? -0.334  3.858   -10.528 1.00 34.88  ? 348 SER A CB  1 
ATOM   1369 O OG  . SER A 1 178 ? -1.091  4.959   -10.063 1.00 31.12  ? 348 SER A OG  1 
ATOM   1370 N N   . GLN A 1 179 ? -1.516  5.649   -13.076 1.00 39.46  ? 349 GLN A N   1 
ATOM   1371 C CA  . GLN A 1 179 ? -1.664  6.995   -13.595 1.00 42.45  ? 349 GLN A CA  1 
ATOM   1372 C C   . GLN A 1 179 ? -2.212  7.934   -12.531 1.00 42.81  ? 349 GLN A C   1 
ATOM   1373 O O   . GLN A 1 179 ? -2.695  8.975   -12.882 1.00 40.32  ? 349 GLN A O   1 
ATOM   1374 C CB  . GLN A 1 179 ? -2.624  7.002   -14.789 1.00 46.35  ? 349 GLN A CB  1 
ATOM   1375 C CG  . GLN A 1 179 ? -2.178  6.196   -16.000 1.00 55.18  ? 349 GLN A CG  1 
ATOM   1376 C CD  . GLN A 1 179 ? -0.953  6.803   -16.661 1.00 63.21  ? 349 GLN A CD  1 
ATOM   1377 O OE1 . GLN A 1 179 ? -1.019  7.921   -17.190 1.00 70.62  ? 349 GLN A OE1 1 
ATOM   1378 N NE2 . GLN A 1 179 ? 0.180   6.084   -16.618 1.00 59.91  ? 349 GLN A NE2 1 
ATOM   1379 N N   . VAL A 1 180 ? -2.180  7.608   -11.240 1.00 41.65  ? 350 VAL A N   1 
ATOM   1380 C CA  . VAL A 1 180 ? -2.832  8.509   -10.299 1.00 43.23  ? 350 VAL A CA  1 
ATOM   1381 C C   . VAL A 1 180 ? -1.930  8.858   -9.170  1.00 41.02  ? 350 VAL A C   1 
ATOM   1382 O O   . VAL A 1 180 ? -1.010  8.119   -8.893  1.00 36.14  ? 350 VAL A O   1 
ATOM   1383 C CB  . VAL A 1 180 ? -4.145  7.952   -9.728  1.00 49.09  ? 350 VAL A CB  1 
ATOM   1384 C CG1 . VAL A 1 180 ? -5.151  7.736   -10.846 1.00 48.12  ? 350 VAL A CG1 1 
ATOM   1385 C CG2 . VAL A 1 180 ? -3.905  6.676   -8.908  1.00 49.91  ? 350 VAL A CG2 1 
ATOM   1386 N N   . ASP A 1 181 ? -2.228  9.992   -8.539  1.00 38.67  ? 351 ASP A N   1 
ATOM   1387 C CA  . ASP A 1 181 ? -1.457  10.488  -7.445  1.00 40.17  ? 351 ASP A CA  1 
ATOM   1388 C C   . ASP A 1 181 ? -2.451  10.983  -6.416  1.00 41.33  ? 351 ASP A C   1 
ATOM   1389 O O   . ASP A 1 181 ? -3.325  11.795  -6.716  1.00 40.90  ? 351 ASP A O   1 
ATOM   1390 C CB  . ASP A 1 181 ? -0.548  11.602  -7.917  1.00 42.38  ? 351 ASP A CB  1 
ATOM   1391 C CG  . ASP A 1 181 ? 0.561   11.928  -6.924  1.00 46.68  ? 351 ASP A CG  1 
ATOM   1392 O OD1 . ASP A 1 181 ? 0.328   11.885  -5.705  1.00 48.22  ? 351 ASP A OD1 1 
ATOM   1393 O OD2 . ASP A 1 181 ? 1.678   12.267  -7.373  1.00 50.85  ? 351 ASP A OD2 1 
ATOM   1394 N N   . ALA A 1 182 ? -2.325  10.439  -5.212  1.00 42.47  ? 352 ALA A N   1 
ATOM   1395 C CA  . ALA A 1 182 ? -3.238  10.699  -4.124  1.00 41.39  ? 352 ALA A CA  1 
ATOM   1396 C C   . ALA A 1 182 ? -2.975  12.071  -3.539  1.00 42.51  ? 352 ALA A C   1 
ATOM   1397 O O   . ALA A 1 182 ? -3.841  12.640  -2.899  1.00 42.84  ? 352 ALA A O   1 
ATOM   1398 C CB  . ALA A 1 182 ? -3.101  9.622   -3.065  1.00 41.05  ? 352 ALA A CB  1 
ATOM   1399 N N   . PHE A 1 183 ? -1.793  12.621  -3.775  1.00 46.95  ? 353 PHE A N   1 
ATOM   1400 C CA  . PHE A 1 183 ? -1.533  14.037  -3.476  1.00 52.38  ? 353 PHE A CA  1 
ATOM   1401 C C   . PHE A 1 183 ? -1.823  14.995  -4.681  1.00 59.16  ? 353 PHE A C   1 
ATOM   1402 O O   . PHE A 1 183 ? -1.394  16.138  -4.641  1.00 64.82  ? 353 PHE A O   1 
ATOM   1403 C CB  . PHE A 1 183 ? -0.092  14.208  -2.905  1.00 46.56  ? 353 PHE A CB  1 
ATOM   1404 C CG  . PHE A 1 183 ? 0.171   13.404  -1.639  1.00 48.05  ? 353 PHE A CG  1 
ATOM   1405 C CD1 . PHE A 1 183 ? -0.761  13.377  -0.564  1.00 55.51  ? 353 PHE A CD1 1 
ATOM   1406 C CD2 . PHE A 1 183 ? 1.342   12.670  -1.488  1.00 46.30  ? 353 PHE A CD2 1 
ATOM   1407 C CE1 . PHE A 1 183 ? -0.521  12.627  0.617   1.00 49.35  ? 353 PHE A CE1 1 
ATOM   1408 C CE2 . PHE A 1 183 ? 1.576   11.919  -0.322  1.00 46.28  ? 353 PHE A CE2 1 
ATOM   1409 C CZ  . PHE A 1 183 ? 0.644   11.890  0.724   1.00 45.22  ? 353 PHE A CZ  1 
ATOM   1410 N N   . LYS A 1 184 ? -2.594  14.556  -5.701  1.00 68.37  ? 354 LYS A N   1 
ATOM   1411 C CA  . LYS A 1 184 ? -2.816  15.280  -7.006  1.00 62.88  ? 354 LYS A CA  1 
ATOM   1412 C C   . LYS A 1 184 ? -1.625  16.127  -7.491  1.00 64.49  ? 354 LYS A C   1 
ATOM   1413 O O   . LYS A 1 184 ? -0.560  15.623  -7.874  1.00 53.97  ? 354 LYS A O   1 
ATOM   1414 C CB  . LYS A 1 184 ? -4.067  16.173  -6.967  1.00 68.89  ? 354 LYS A CB  1 
ATOM   1415 C CG  . LYS A 1 184 ? -5.421  15.469  -7.057  1.00 73.19  ? 354 LYS A CG  1 
ATOM   1416 C CD  . LYS A 1 184 ? -6.527  16.533  -7.054  1.00 77.31  ? 354 LYS A CD  1 
ATOM   1417 C CE  . LYS A 1 184 ? -7.697  16.208  -6.136  1.00 81.10  ? 354 LYS A CE  1 
ATOM   1418 N NZ  . LYS A 1 184 ? -8.641  15.246  -6.773  1.00 83.73  ? 354 LYS A NZ  1 
HETATM 1419 S S   . SO4 B 2 .   ? 3.388   5.984   -18.106 1.00 101.44 ? 501 SO4 A S   1 
HETATM 1420 O O1  . SO4 B 2 .   ? 2.928   4.953   -17.160 1.00 101.75 ? 501 SO4 A O1  1 
HETATM 1421 O O2  . SO4 B 2 .   ? 3.808   7.175   -17.326 1.00 93.66  ? 501 SO4 A O2  1 
HETATM 1422 O O3  . SO4 B 2 .   ? 2.256   6.315   -19.001 1.00 93.04  ? 501 SO4 A O3  1 
HETATM 1423 O O4  . SO4 B 2 .   ? 4.526   5.456   -18.902 1.00 95.74  ? 501 SO4 A O4  1 
HETATM 1424 S S   . SO4 C 2 .   ? 13.662  6.905   -2.679  1.00 92.61  ? 502 SO4 A S   1 
HETATM 1425 O O1  . SO4 C 2 .   ? 12.971  6.954   -1.360  1.00 92.14  ? 502 SO4 A O1  1 
HETATM 1426 O O2  . SO4 C 2 .   ? 13.392  8.201   -3.377  1.00 84.45  ? 502 SO4 A O2  1 
HETATM 1427 O O3  . SO4 C 2 .   ? 13.185  5.774   -3.495  1.00 74.01  ? 502 SO4 A O3  1 
HETATM 1428 O O4  . SO4 C 2 .   ? 15.113  6.659   -2.462  1.00 94.58  ? 502 SO4 A O4  1 
HETATM 1429 S S   . SO4 D 2 .   ? 5.484   -5.833  -24.267 1.00 61.31  ? 503 SO4 A S   1 
HETATM 1430 O O1  . SO4 D 2 .   ? 4.385   -4.844  -24.108 1.00 52.19  ? 503 SO4 A O1  1 
HETATM 1431 O O2  . SO4 D 2 .   ? 6.736   -5.262  -23.698 1.00 48.29  ? 503 SO4 A O2  1 
HETATM 1432 O O3  . SO4 D 2 .   ? 5.618   -6.138  -25.693 1.00 63.58  ? 503 SO4 A O3  1 
HETATM 1433 O O4  . SO4 D 2 .   ? 5.222   -7.175  -23.661 1.00 56.21  ? 503 SO4 A O4  1 
HETATM 1434 S S   . SO4 E 2 .   ? 8.970   10.113  -2.972  1.00 99.65  ? 504 SO4 A S   1 
HETATM 1435 O O1  . SO4 E 2 .   ? 9.439   11.493  -3.197  1.00 106.50 ? 504 SO4 A O1  1 
HETATM 1436 O O2  . SO4 E 2 .   ? 8.269   10.151  -1.649  1.00 99.65  ? 504 SO4 A O2  1 
HETATM 1437 O O3  . SO4 E 2 .   ? 8.115   9.728   -4.130  1.00 80.62  ? 504 SO4 A O3  1 
HETATM 1438 O O4  . SO4 E 2 .   ? 10.142  9.200   -2.886  1.00 99.48  ? 504 SO4 A O4  1 
HETATM 1439 S S   . SO4 F 2 .   ? -4.355  16.633  7.699   1.00 88.26  ? 505 SO4 A S   1 
HETATM 1440 O O1  . SO4 F 2 .   ? -5.156  15.389  7.504   1.00 90.11  ? 505 SO4 A O1  1 
HETATM 1441 O O2  . SO4 F 2 .   ? -5.092  17.568  8.577   1.00 79.94  ? 505 SO4 A O2  1 
HETATM 1442 O O3  . SO4 F 2 .   ? -4.149  17.260  6.370   1.00 90.65  ? 505 SO4 A O3  1 
HETATM 1443 O O4  . SO4 F 2 .   ? -3.019  16.343  8.274   1.00 70.65  ? 505 SO4 A O4  1 
HETATM 1444 S S   . SO4 G 2 .   ? 8.334   4.624   16.379  1.00 89.53  ? 506 SO4 A S   1 
HETATM 1445 O O1  . SO4 G 2 .   ? 7.301   3.659   16.870  1.00 76.21  ? 506 SO4 A O1  1 
HETATM 1446 O O2  . SO4 G 2 .   ? 7.750   5.974   16.072  1.00 77.04  ? 506 SO4 A O2  1 
HETATM 1447 O O3  . SO4 G 2 .   ? 9.045   4.073   15.178  1.00 70.35  ? 506 SO4 A O3  1 
HETATM 1448 O O4  . SO4 G 2 .   ? 9.297   4.786   17.493  1.00 89.53  ? 506 SO4 A O4  1 
HETATM 1449 S S   . SO4 H 2 .   ? 4.861   5.956   20.950  1.00 58.30  ? 507 SO4 A S   1 
HETATM 1450 O O1  . SO4 H 2 .   ? 4.193   6.754   19.900  1.00 52.72  ? 507 SO4 A O1  1 
HETATM 1451 O O2  . SO4 H 2 .   ? 4.386   6.370   22.313  1.00 53.80  ? 507 SO4 A O2  1 
HETATM 1452 O O3  . SO4 H 2 .   ? 4.638   4.499   20.731  1.00 64.43  ? 507 SO4 A O3  1 
HETATM 1453 O O4  . SO4 H 2 .   ? 6.312   6.151   20.780  1.00 62.54  ? 507 SO4 A O4  1 
HETATM 1454 S S   . SO4 I 2 .   ? -4.796  -13.272 9.750   1.00 79.03  ? 508 SO4 A S   1 
HETATM 1455 O O1  . SO4 I 2 .   ? -4.756  -14.481 10.607  1.00 90.15  ? 508 SO4 A O1  1 
HETATM 1456 O O2  . SO4 I 2 .   ? -5.357  -12.130 10.516  1.00 69.67  ? 508 SO4 A O2  1 
HETATM 1457 O O3  . SO4 I 2 .   ? -5.695  -13.530 8.590   1.00 85.65  ? 508 SO4 A O3  1 
HETATM 1458 O O4  . SO4 I 2 .   ? -3.390  -13.092 9.307   1.00 70.81  ? 508 SO4 A O4  1 
HETATM 1459 S S   . SO4 J 2 .   ? -10.270 -7.367  16.459  1.00 98.73  ? 509 SO4 A S   1 
HETATM 1460 O O1  . SO4 J 2 .   ? -8.982  -6.623  16.578  1.00 86.33  ? 509 SO4 A O1  1 
HETATM 1461 O O2  . SO4 J 2 .   ? -11.298 -6.690  17.302  1.00 81.47  ? 509 SO4 A O2  1 
HETATM 1462 O O3  . SO4 J 2 .   ? -10.054 -8.754  16.954  1.00 91.51  ? 509 SO4 A O3  1 
HETATM 1463 O O4  . SO4 J 2 .   ? -10.727 -7.430  15.038  1.00 75.65  ? 509 SO4 A O4  1 
HETATM 1464 S S   . SO4 K 2 .   ? 0.538   16.129  17.193  1.00 128.97 ? 510 SO4 A S   1 
HETATM 1465 O O1  . SO4 K 2 .   ? 0.834   15.218  18.323  1.00 67.13  ? 510 SO4 A O1  1 
HETATM 1466 O O2  . SO4 K 2 .   ? 0.130   17.456  17.723  1.00 111.63 ? 510 SO4 A O2  1 
HETATM 1467 O O3  . SO4 K 2 .   ? -0.551  15.583  16.350  1.00 105.12 ? 510 SO4 A O3  1 
HETATM 1468 O O4  . SO4 K 2 .   ? 1.787   16.251  16.398  1.00 119.48 ? 510 SO4 A O4  1 
HETATM 1469 S S   . SO4 L 2 .   ? 2.362   -3.167  22.899  1.00 78.88  ? 511 SO4 A S   1 
HETATM 1470 O O1  . SO4 L 2 .   ? 1.556   -1.938  22.808  1.00 69.58  ? 511 SO4 A O1  1 
HETATM 1471 O O2  . SO4 L 2 .   ? 2.709   -3.333  24.338  1.00 85.51  ? 511 SO4 A O2  1 
HETATM 1472 O O3  . SO4 L 2 .   ? 1.647   -4.410  22.404  1.00 69.74  ? 511 SO4 A O3  1 
HETATM 1473 O O4  . SO4 L 2 .   ? 3.596   -2.880  22.121  1.00 83.35  ? 511 SO4 A O4  1 
HETATM 1474 S S   . SO4 M 2 .   ? -3.586  -14.081 -6.935  1.00 122.65 ? 512 SO4 A S   1 
HETATM 1475 O O1  . SO4 M 2 .   ? -4.972  -14.283 -6.459  1.00 109.40 ? 512 SO4 A O1  1 
HETATM 1476 O O2  . SO4 M 2 .   ? -3.448  -12.666 -7.359  1.00 112.56 ? 512 SO4 A O2  1 
HETATM 1477 O O3  . SO4 M 2 .   ? -3.339  -14.973 -8.103  1.00 112.28 ? 512 SO4 A O3  1 
HETATM 1478 O O4  . SO4 M 2 .   ? -2.632  -14.356 -5.827  1.00 98.62  ? 512 SO4 A O4  1 
HETATM 1479 O O   . POL N 3 .   ? 4.703   14.763  6.916   1.00 61.60  ? 513 POL A O   1 
HETATM 1480 C C1  . POL N 3 .   ? 5.368   15.032  8.141   1.00 60.59  ? 513 POL A C1  1 
HETATM 1481 C C2  . POL N 3 .   ? 6.488   14.014  8.167   1.00 63.97  ? 513 POL A C2  1 
HETATM 1482 C C3  . POL N 3 .   ? 7.293   13.968  6.887   1.00 61.46  ? 513 POL A C3  1 
HETATM 1483 O O   . HOH O 4 .   ? -8.914  14.679  12.736  1.00 52.24  ? 601 HOH A O   1 
HETATM 1484 O O   . HOH O 4 .   ? -6.864  10.297  6.505   1.00 28.96  ? 602 HOH A O   1 
HETATM 1485 O O   . HOH O 4 .   ? 5.677   2.967   6.817   1.00 25.46  ? 603 HOH A O   1 
HETATM 1486 O O   . HOH O 4 .   ? -16.927 -2.646  4.353   1.00 40.98  ? 604 HOH A O   1 
HETATM 1487 O O   . HOH O 4 .   ? -0.182  -8.410  -13.117 1.00 22.65  ? 605 HOH A O   1 
HETATM 1488 O O   . HOH O 4 .   ? -3.742  3.810   -13.248 1.00 44.19  ? 606 HOH A O   1 
HETATM 1489 O O   . HOH O 4 .   ? 3.973   0.281   13.567  1.00 34.92  ? 607 HOH A O   1 
HETATM 1490 O O   . HOH O 4 .   ? 4.886   3.598   23.198  1.00 67.06  ? 608 HOH A O   1 
HETATM 1491 O O   . HOH O 4 .   ? 0.302   13.391  15.140  1.00 44.31  ? 609 HOH A O   1 
HETATM 1492 O O   . HOH O 4 .   ? 13.834  1.568   -4.691  1.00 26.44  ? 610 HOH A O   1 
HETATM 1493 O O   . HOH O 4 .   ? 0.849   7.908   -10.829 1.00 39.31  ? 611 HOH A O   1 
HETATM 1494 O O   . HOH O 4 .   ? -2.377  11.342  14.225  1.00 25.97  ? 612 HOH A O   1 
HETATM 1495 O O   . HOH O 4 .   ? 19.063  9.325   -7.000  1.00 51.20  ? 613 HOH A O   1 
HETATM 1496 O O   . HOH O 4 .   ? 3.704   -3.405  -16.755 1.00 37.46  ? 614 HOH A O   1 
HETATM 1497 O O   . HOH O 4 .   ? 13.239  3.119   -2.951  1.00 33.84  ? 615 HOH A O   1 
HETATM 1498 O O   . HOH O 4 .   ? 7.582   -6.388  4.515   1.00 22.90  ? 616 HOH A O   1 
HETATM 1499 O O   . HOH O 4 .   ? 7.370   9.410   -8.020  1.00 41.95  ? 617 HOH A O   1 
HETATM 1500 O O   . HOH O 4 .   ? 5.726   -2.077  17.453  1.00 37.79  ? 618 HOH A O   1 
HETATM 1501 O O   . HOH O 4 .   ? 12.600  1.805   1.117   1.00 37.81  ? 619 HOH A O   1 
HETATM 1502 O O   . HOH O 4 .   ? 0.149   -9.407  4.448   1.00 32.61  ? 620 HOH A O   1 
HETATM 1503 O O   . HOH O 4 .   ? 0.586   13.966  11.980  1.00 51.95  ? 621 HOH A O   1 
HETATM 1504 O O   . HOH O 4 .   ? -9.896  -3.150  -9.835  1.00 38.09  ? 622 HOH A O   1 
HETATM 1505 O O   . HOH O 4 .   ? -2.638  -7.619  -2.615  1.00 25.01  ? 623 HOH A O   1 
HETATM 1506 O O   . HOH O 4 .   ? -6.557  9.599   11.503  1.00 20.54  ? 624 HOH A O   1 
HETATM 1507 O O   . HOH O 4 .   ? -12.345 -1.631  -10.580 1.00 42.57  ? 625 HOH A O   1 
HETATM 1508 O O   . HOH O 4 .   ? -20.070 3.041   -5.581  1.00 61.97  ? 626 HOH A O   1 
HETATM 1509 O O   . HOH O 4 .   ? 2.353   -11.461 -10.972 1.00 37.96  ? 627 HOH A O   1 
HETATM 1510 O O   . HOH O 4 .   ? -4.000  15.434  12.811  1.00 46.09  ? 628 HOH A O   1 
HETATM 1511 O O   . HOH O 4 .   ? 5.952   -1.213  -8.275  1.00 26.14  ? 629 HOH A O   1 
HETATM 1512 O O   . HOH O 4 .   ? 18.897  -8.843  -23.370 1.00 52.70  ? 630 HOH A O   1 
HETATM 1513 O O   . HOH O 4 .   ? 0.086   10.012  3.950   1.00 39.91  ? 631 HOH A O   1 
HETATM 1514 O O   . HOH O 4 .   ? 12.267  -9.778  -15.434 1.00 41.95  ? 632 HOH A O   1 
HETATM 1515 O O   . HOH O 4 .   ? 17.216  -9.393  -1.441  1.00 37.98  ? 633 HOH A O   1 
HETATM 1516 O O   . HOH O 4 .   ? 10.973  3.953   0.941   1.00 36.51  ? 634 HOH A O   1 
HETATM 1517 O O   . HOH O 4 .   ? -10.710 13.503  -5.862  1.00 67.64  ? 635 HOH A O   1 
HETATM 1518 O O   . HOH O 4 .   ? 14.402  -2.511  5.693   1.00 63.16  ? 636 HOH A O   1 
HETATM 1519 O O   . HOH O 4 .   ? -13.413 14.331  14.988  1.00 70.53  ? 637 HOH A O   1 
HETATM 1520 O O   . HOH O 4 .   ? -10.121 0.698   -14.240 1.00 53.08  ? 638 HOH A O   1 
HETATM 1521 O O   . HOH O 4 .   ? 15.876  -11.284 -1.996  1.00 42.24  ? 639 HOH A O   1 
HETATM 1522 O O   . HOH O 4 .   ? 2.387   7.476   -14.804 1.00 50.83  ? 640 HOH A O   1 
HETATM 1523 O O   . HOH O 4 .   ? 1.138   2.949   -18.286 1.00 39.99  ? 641 HOH A O   1 
HETATM 1524 O O   . HOH O 4 .   ? -5.089  9.303   17.522  1.00 35.93  ? 642 HOH A O   1 
HETATM 1525 O O   . HOH O 4 .   ? 4.023   -3.255  26.949  1.00 58.62  ? 643 HOH A O   1 
HETATM 1526 O O   . HOH O 4 .   ? 12.165  3.782   -11.251 1.00 39.36  ? 644 HOH A O   1 
HETATM 1527 O O   . HOH O 4 .   ? -10.604 14.196  14.623  1.00 50.89  ? 645 HOH A O   1 
HETATM 1528 O O   . HOH O 4 .   ? 12.673  -6.555  -28.197 1.00 63.44  ? 646 HOH A O   1 
HETATM 1529 O O   . HOH O 4 .   ? 4.056   -10.366 7.704   1.00 41.23  ? 647 HOH A O   1 
HETATM 1530 O O   . HOH O 4 .   ? 18.591  4.084   0.446   1.00 56.42  ? 648 HOH A O   1 
HETATM 1531 O O   . HOH O 4 .   ? 3.637   13.510  -5.501  1.00 42.75  ? 649 HOH A O   1 
HETATM 1532 O O   . HOH O 4 .   ? 17.878  6.122   -1.477  1.00 54.98  ? 650 HOH A O   1 
HETATM 1533 O O   . HOH O 4 .   ? 7.266   -9.606  22.355  1.00 57.89  ? 651 HOH A O   1 
HETATM 1534 O O   . HOH O 4 .   ? 13.265  0.872   -1.486  1.00 39.20  ? 652 HOH A O   1 
HETATM 1535 O O   . HOH O 4 .   ? 6.423   -17.498 -7.852  1.00 68.16  ? 653 HOH A O   1 
HETATM 1536 O O   . HOH O 4 .   ? 20.972  7.770   -6.811  1.00 44.19  ? 654 HOH A O   1 
HETATM 1537 O O   . HOH O 4 .   ? 3.447   -8.243  12.099  1.00 39.93  ? 655 HOH A O   1 
HETATM 1538 O O   . HOH O 4 .   ? 13.611  -7.717  4.861   1.00 48.02  ? 656 HOH A O   1 
HETATM 1539 O O   . HOH O 4 .   ? -14.184 -4.290  12.191  1.00 37.68  ? 657 HOH A O   1 
HETATM 1540 O O   . HOH O 4 .   ? -5.031  -1.331  11.989  1.00 26.87  ? 658 HOH A O   1 
HETATM 1541 O O   . HOH O 4 .   ? -4.683  11.561  -9.508  1.00 46.62  ? 659 HOH A O   1 
HETATM 1542 O O   . HOH O 4 .   ? 6.802   -15.997 -6.142  1.00 47.23  ? 660 HOH A O   1 
HETATM 1543 O O   . HOH O 4 .   ? 8.858   -7.488  7.253   1.00 50.95  ? 661 HOH A O   1 
HETATM 1544 O O   . HOH O 4 .   ? 10.756  -11.316 -17.186 1.00 38.44  ? 662 HOH A O   1 
HETATM 1545 O O   . HOH O 4 .   ? 11.125  2.619   7.635   1.00 50.48  ? 663 HOH A O   1 
HETATM 1546 O O   . HOH O 4 .   ? 2.956   -15.689 -4.923  1.00 45.42  ? 664 HOH A O   1 
HETATM 1547 O O   . HOH O 4 .   ? -14.777 10.186  -2.400  1.00 44.84  ? 665 HOH A O   1 
HETATM 1548 O O   . HOH O 4 .   ? 7.142   8.496   14.214  1.00 50.62  ? 666 HOH A O   1 
HETATM 1549 O O   . HOH O 4 .   ? -3.914  -13.857 16.432  1.00 55.07  ? 667 HOH A O   1 
HETATM 1550 O O   . HOH O 4 .   ? 9.896   -12.766 2.331   1.00 52.60  ? 668 HOH A O   1 
HETATM 1551 O O   . HOH O 4 .   ? 15.935  6.781   -10.253 1.00 40.43  ? 669 HOH A O   1 
HETATM 1552 O O   . HOH O 4 .   ? 6.394   11.324  0.750   1.00 43.83  ? 670 HOH A O   1 
HETATM 1553 O O   . HOH O 4 .   ? 0.767   -7.534  21.903  1.00 39.97  ? 671 HOH A O   1 
HETATM 1554 O O   . HOH O 4 .   ? -21.390 2.538   9.824   1.00 38.94  ? 672 HOH A O   1 
HETATM 1555 O O   . HOH O 4 .   ? -17.551 9.175   4.910   1.00 33.70  ? 673 HOH A O   1 
HETATM 1556 O O   . HOH O 4 .   ? 4.102   -17.784 -7.098  1.00 50.96  ? 674 HOH A O   1 
HETATM 1557 O O   . HOH O 4 .   ? -11.467 -4.771  21.918  1.00 33.13  ? 675 HOH A O   1 
HETATM 1558 O O   . HOH O 4 .   ? -14.250 -3.044  14.263  1.00 35.87  ? 676 HOH A O   1 
HETATM 1559 O O   . HOH O 4 .   ? 11.015  5.821   -10.830 1.00 52.77  ? 677 HOH A O   1 
HETATM 1560 O O   . HOH O 4 .   ? -8.493  -11.518 12.290  1.00 49.25  ? 678 HOH A O   1 
HETATM 1561 O O   . HOH O 4 .   ? -6.808  11.058  -7.010  1.00 55.00  ? 679 HOH A O   1 
HETATM 1562 O O   . HOH O 4 .   ? 4.715   -10.155 10.292  1.00 52.17  ? 680 HOH A O   1 
HETATM 1563 O O   . HOH O 4 .   ? 7.661   3.345   9.014   1.00 41.57  ? 681 HOH A O   1 
HETATM 1564 O O   . HOH O 4 .   ? 10.904  -16.759 -9.686  1.00 44.62  ? 682 HOH A O   1 
HETATM 1565 O O   . HOH O 4 .   ? 9.015   -5.720  8.701   1.00 58.27  ? 683 HOH A O   1 
HETATM 1566 O O   . HOH O 4 .   ? 7.197   -1.079  16.650  1.00 50.12  ? 684 HOH A O   1 
HETATM 1567 O O   . HOH O 4 .   ? -8.455  -11.341 19.511  1.00 53.16  ? 685 HOH A O   1 
HETATM 1568 O O   . HOH O 4 .   ? 7.595   0.746   11.267  1.00 41.94  ? 686 HOH A O   1 
HETATM 1569 O O   . HOH O 4 .   ? 19.305  4.068   -11.296 1.00 53.06  ? 687 HOH A O   1 
HETATM 1570 O O   . HOH O 4 .   ? 0.917   -14.783 -13.430 1.00 55.36  ? 688 HOH A O   1 
HETATM 1571 O O   . HOH O 4 .   ? -7.857  8.427   -6.197  1.00 41.54  ? 689 HOH A O   1 
HETATM 1572 O O   . HOH O 4 .   ? -13.500 -5.503  22.790  1.00 50.48  ? 690 HOH A O   1 
HETATM 1573 O O   . HOH O 4 .   ? -11.774 9.518   -6.150  1.00 65.67  ? 691 HOH A O   1 
# 
